data_5C97
#
_entry.id   5C97
#
_cell.length_a   69.000
_cell.length_b   260.151
_cell.length_c   73.360
_cell.angle_alpha   90.00
_cell.angle_beta   111.61
_cell.angle_gamma   90.00
#
_symmetry.space_group_name_H-M   'P 1 21 1'
#
loop_
_entity.id
_entity.type
_entity.pdbx_description
1 polymer 'Leucyl-cystinyl aminopeptidase'
2 branched 2-acetamido-2-deoxy-beta-D-glucopyranose-(1-4)-2-acetamido-2-deoxy-beta-D-glucopyranose
3 non-polymer 'ZINC ION'
4 non-polymer 2-acetamido-2-deoxy-beta-D-glucopyranose
5 water water
#
_entity_poly.entity_id   1
_entity_poly.type   'polypeptide(L)'
_entity_poly.pdbx_seq_one_letter_code
;MGILPSPGNPALLSLVSLLSVLLMGCVAETGATNGKLFPWAQIRLPTAVVPLRYELSLHPNLTSMTFRGSVTISVQALQV
TWNIILHSTGHNISRVTFMSAVSSQEKQAEILEYAYHGQIAIVAPEALLAGHNYTLKIEYSANISSSYYGFYGFSYTDES
NEKKYFAATQFEPLAARSAFPCFDEPAFKATFIIKIIRDEQYTALSNMPKKSSVVLDDGLVQDEFSESVKMSTYLVAFIV
GEMKNLSQDVNGTLVSIYAVPEKIGQVHYALETTVKLLEFFQNYFEIQYPLKKLDLVAIPDFEAGAMENWGLLTFREETL
LYDSNTSSMADRKLVTKIIAHELAHQWFGNLVTMKWWNDLWLNEGFATFMEYFSLEKIFKELSSYEDFLDARFKTMKKDS
LNSSHPISSSVQSSEQIEEMFDSLSYFKGSSLLLMLKTYLSEDVFQHAVVLYLHNHSYASIQSDDLWDSFNEVTNQTLDV
KRMMKTWTLQKGFPLVTVQKKGKELFIQQERFFLNMKPEIQPSDTSYLWHIPLSYVTEGRNYSKYQSVSLLDKKSGVINL
TEEVLWVKVNINMNGYYIVHYADDDWEALIHQLKINPYVLSDKDRANLINNIFELAGLGKVPLKRAFDLINYLGNENHTA
PITEALFQTDLIYNLLEKLGYMDLASRLVTRVFKLLQNQIQQQTWTDEGTPSMRELRSALLEFACTHNLGNCSTTAMKLF
DDWMASNGTQSLPTDVMTTVFKVGAKTDKGWSFLLGKYISIGSEAEKNKILEALASSEDVRKLYWLMKSSLNGDNFRTQK
LSFIIRTVGRHFPGHLLAWDFVKENWNKLVQKFPLGSYTIQNIVAGSTYLFSTKTHLSEVQAFFENQSEATFRLRCVQEA
LEVIQLNIQWMEKNLKSLTWWLRTETSQVAPA
;
_entity_poly.pdbx_strand_id   A,B
#
# COMPACT_ATOMS: atom_id res chain seq x y z
N LEU A 37 -51.95 -19.76 -22.24
CA LEU A 37 -50.80 -19.76 -23.13
C LEU A 37 -49.77 -18.71 -22.71
N PHE A 38 -48.50 -18.93 -23.07
CA PHE A 38 -47.39 -18.14 -22.53
C PHE A 38 -46.95 -16.91 -23.39
N PRO A 39 -46.74 -15.73 -22.73
CA PRO A 39 -46.53 -14.35 -23.23
C PRO A 39 -45.21 -13.96 -23.92
N TRP A 40 -44.53 -14.89 -24.59
CA TRP A 40 -43.19 -14.65 -25.11
C TRP A 40 -42.76 -15.84 -25.94
N ALA A 41 -42.62 -15.66 -27.25
CA ALA A 41 -42.31 -16.83 -28.09
C ALA A 41 -40.90 -16.81 -28.69
N GLN A 42 -39.98 -16.17 -27.97
CA GLN A 42 -38.60 -16.16 -28.39
C GLN A 42 -37.75 -16.90 -27.38
N ILE A 43 -36.47 -17.02 -27.70
CA ILE A 43 -35.59 -17.86 -26.92
C ILE A 43 -34.72 -16.98 -26.03
N ARG A 44 -34.43 -15.79 -26.54
CA ARG A 44 -33.81 -14.78 -25.73
C ARG A 44 -34.86 -14.13 -24.86
N LEU A 45 -34.48 -13.75 -23.65
CA LEU A 45 -35.42 -13.06 -22.78
C LEU A 45 -35.75 -11.67 -23.36
N PRO A 46 -36.90 -11.12 -22.96
CA PRO A 46 -37.29 -9.74 -23.26
C PRO A 46 -36.36 -8.69 -22.63
N THR A 47 -36.15 -7.59 -23.33
CA THR A 47 -35.46 -6.42 -22.78
C THR A 47 -36.36 -5.66 -21.78
N ALA A 48 -37.54 -6.23 -21.50
CA ALA A 48 -38.52 -5.58 -20.61
C ALA A 48 -37.99 -5.38 -19.19
N VAL A 49 -37.72 -6.48 -18.49
CA VAL A 49 -37.27 -6.42 -17.10
C VAL A 49 -35.77 -6.73 -16.90
N VAL A 50 -35.14 -6.11 -15.92
CA VAL A 50 -33.71 -6.33 -15.64
C VAL A 50 -33.39 -6.51 -14.17
N PRO A 51 -32.75 -7.64 -13.82
CA PRO A 51 -32.32 -7.90 -12.44
C PRO A 51 -31.24 -6.92 -11.98
N LEU A 52 -31.25 -6.55 -10.70
CA LEU A 52 -30.23 -5.69 -10.07
C LEU A 52 -29.58 -6.39 -8.86
N ARG A 53 -30.38 -7.20 -8.14
CA ARG A 53 -29.77 -8.23 -7.30
C ARG A 53 -30.64 -9.40 -6.87
N TYR A 54 -29.89 -10.49 -6.60
CA TYR A 54 -30.41 -11.81 -6.29
C TYR A 54 -30.08 -12.13 -4.83
N GLU A 55 -31.06 -12.70 -4.15
CA GLU A 55 -30.80 -13.25 -2.84
C GLU A 55 -31.27 -14.69 -2.78
N LEU A 56 -30.38 -15.59 -2.33
CA LEU A 56 -30.62 -17.02 -2.51
C LEU A 56 -30.36 -17.81 -1.24
N SER A 57 -31.40 -18.49 -0.76
CA SER A 57 -31.28 -19.38 0.41
C SER A 57 -31.66 -20.88 0.15
N LEU A 58 -30.80 -21.86 0.51
CA LEU A 58 -30.91 -23.29 0.07
C LEU A 58 -30.67 -24.47 1.14
N HIS A 59 -31.47 -25.57 1.16
CA HIS A 59 -31.24 -26.72 2.09
C HIS A 59 -31.02 -27.98 1.25
N PRO A 60 -29.78 -28.21 0.82
CA PRO A 60 -29.60 -29.49 0.17
C PRO A 60 -29.21 -30.44 1.30
N ASN A 61 -29.81 -31.62 1.37
CA ASN A 61 -29.06 -32.61 2.07
C ASN A 61 -28.61 -33.63 1.08
N LEU A 62 -27.31 -33.81 1.21
CA LEU A 62 -26.47 -34.52 0.30
C LEU A 62 -26.79 -35.98 0.47
N THR A 63 -27.24 -36.35 1.66
CA THR A 63 -27.57 -37.73 1.93
C THR A 63 -28.85 -38.21 1.21
N SER A 64 -29.91 -37.41 1.17
CA SER A 64 -31.09 -37.80 0.38
C SER A 64 -31.22 -37.14 -0.99
N MET A 65 -30.22 -36.35 -1.40
CA MET A 65 -30.18 -35.71 -2.72
C MET A 65 -31.41 -34.86 -3.07
N THR A 66 -31.84 -33.99 -2.13
CA THR A 66 -32.98 -33.08 -2.34
C THR A 66 -32.64 -31.69 -1.76
N PHE A 67 -33.26 -30.59 -2.25
CA PHE A 67 -33.04 -29.26 -1.58
C PHE A 67 -34.17 -28.13 -1.49
N ARG A 68 -34.22 -27.38 -0.33
CA ARG A 68 -34.81 -26.01 -0.11
C ARG A 68 -34.51 -25.09 -1.24
N GLY A 69 -35.49 -24.37 -1.78
CA GLY A 69 -35.17 -23.24 -2.64
C GLY A 69 -35.76 -21.93 -2.17
N SER A 70 -35.02 -20.84 -2.27
CA SER A 70 -35.59 -19.51 -2.03
C SER A 70 -34.75 -18.40 -2.66
N VAL A 71 -35.37 -17.73 -3.63
CA VAL A 71 -34.72 -16.65 -4.35
C VAL A 71 -35.49 -15.35 -4.21
N THR A 72 -34.76 -14.27 -3.89
CA THR A 72 -35.33 -12.92 -3.94
C THR A 72 -34.62 -12.08 -4.99
N ILE A 73 -35.33 -11.74 -6.05
CA ILE A 73 -34.72 -11.00 -7.15
C ILE A 73 -35.19 -9.54 -7.14
N SER A 74 -34.25 -8.63 -6.87
CA SER A 74 -34.53 -7.22 -6.96
C SER A 74 -34.44 -6.79 -8.43
N VAL A 75 -35.55 -6.85 -9.16
CA VAL A 75 -35.53 -6.49 -10.58
C VAL A 75 -35.82 -5.01 -10.82
N GLN A 76 -36.06 -4.65 -12.08
CA GLN A 76 -36.29 -3.27 -12.49
C GLN A 76 -36.78 -3.24 -13.91
N ALA A 77 -37.89 -2.55 -14.14
CA ALA A 77 -38.46 -2.51 -15.50
C ALA A 77 -37.74 -1.43 -16.28
N LEU A 78 -37.67 -1.63 -17.60
CA LEU A 78 -37.16 -0.61 -18.52
C LEU A 78 -38.21 -0.32 -19.59
N GLN A 79 -39.18 -1.23 -19.73
CA GLN A 79 -40.36 -1.01 -20.56
C GLN A 79 -41.54 -1.85 -20.06
N VAL A 80 -42.74 -1.32 -20.30
CA VAL A 80 -43.97 -1.91 -19.81
C VAL A 80 -44.21 -3.36 -20.19
N THR A 81 -44.49 -4.18 -19.20
CA THR A 81 -44.84 -5.56 -19.49
C THR A 81 -45.80 -6.02 -18.41
N TRP A 82 -46.67 -6.98 -18.73
CA TRP A 82 -47.65 -7.46 -17.76
C TRP A 82 -47.06 -8.65 -17.01
N ASN A 83 -45.90 -9.10 -17.51
CA ASN A 83 -45.23 -10.30 -17.04
C ASN A 83 -43.73 -10.11 -16.83
N ILE A 84 -43.18 -10.86 -15.90
CA ILE A 84 -41.75 -11.02 -15.86
C ILE A 84 -41.43 -12.36 -16.53
N ILE A 85 -40.70 -12.29 -17.64
CA ILE A 85 -40.26 -13.50 -18.34
C ILE A 85 -38.84 -13.81 -17.92
N LEU A 86 -38.65 -15.04 -17.45
CA LEU A 86 -37.39 -15.47 -16.84
C LEU A 86 -37.18 -17.01 -16.89
N HIS A 87 -35.98 -17.52 -16.59
CA HIS A 87 -35.71 -18.98 -16.75
C HIS A 87 -35.78 -19.83 -15.49
N SER A 88 -36.45 -20.97 -15.59
CA SER A 88 -36.50 -21.92 -14.49
C SER A 88 -36.94 -23.30 -14.95
N THR A 89 -36.19 -24.30 -14.48
CA THR A 89 -36.31 -25.69 -14.88
C THR A 89 -36.13 -26.69 -13.76
N GLY A 90 -36.99 -27.70 -13.71
CA GLY A 90 -36.93 -28.69 -12.65
C GLY A 90 -37.36 -28.20 -11.28
N HIS A 91 -38.10 -27.11 -11.24
CA HIS A 91 -38.55 -26.58 -9.96
C HIS A 91 -40.05 -26.87 -9.75
N ASN A 92 -40.37 -27.49 -8.62
CA ASN A 92 -41.75 -27.74 -8.15
C ASN A 92 -42.14 -26.67 -7.13
N ILE A 93 -42.70 -25.60 -7.66
CA ILE A 93 -42.92 -24.37 -6.90
C ILE A 93 -44.23 -24.34 -6.07
N SER A 94 -44.06 -24.19 -4.77
CA SER A 94 -45.19 -24.09 -3.80
C SER A 94 -45.82 -22.71 -3.85
N ARG A 95 -45.15 -21.72 -3.24
CA ARG A 95 -45.61 -20.34 -3.24
C ARG A 95 -44.60 -19.39 -3.90
N VAL A 96 -45.12 -18.50 -4.74
CA VAL A 96 -44.39 -17.41 -5.43
C VAL A 96 -45.17 -16.12 -5.59
N THR A 97 -44.56 -14.97 -5.30
CA THR A 97 -45.29 -13.69 -5.51
C THR A 97 -44.66 -12.36 -5.05
N PHE A 98 -45.25 -11.28 -5.60
CA PHE A 98 -44.70 -10.05 -6.15
C PHE A 98 -44.94 -8.72 -5.42
N MET A 99 -43.86 -7.97 -5.23
CA MET A 99 -43.84 -6.63 -4.60
C MET A 99 -43.71 -5.50 -5.60
N SER A 100 -43.67 -4.30 -5.05
CA SER A 100 -43.43 -3.12 -5.83
C SER A 100 -42.41 -2.40 -4.99
N ALA A 101 -42.23 -1.10 -5.26
CA ALA A 101 -41.49 -0.26 -4.34
C ALA A 101 -42.41 -0.08 -3.14
N VAL A 102 -42.67 1.17 -2.78
CA VAL A 102 -43.94 1.55 -2.12
C VAL A 102 -44.27 0.84 -0.80
N SER A 103 -44.22 -0.48 -0.76
CA SER A 103 -44.73 -1.24 0.38
C SER A 103 -43.91 -2.46 0.75
N SER A 104 -43.81 -2.74 2.05
CA SER A 104 -43.30 -4.04 2.45
C SER A 104 -44.46 -5.03 2.42
N GLN A 105 -45.46 -4.75 1.60
CA GLN A 105 -46.55 -5.70 1.48
C GLN A 105 -46.76 -6.35 0.09
N GLU A 106 -46.91 -7.69 0.16
CA GLU A 106 -46.58 -8.65 -0.91
C GLU A 106 -47.83 -9.41 -1.41
N LYS A 107 -47.99 -9.65 -2.71
CA LYS A 107 -49.36 -10.01 -3.12
C LYS A 107 -49.68 -10.84 -4.40
N GLN A 108 -50.52 -11.86 -4.20
CA GLN A 108 -50.26 -13.16 -4.82
C GLN A 108 -50.53 -13.26 -6.29
N ALA A 109 -49.42 -13.52 -7.00
CA ALA A 109 -49.40 -13.72 -8.43
C ALA A 109 -49.23 -15.21 -8.65
N GLU A 110 -49.46 -15.68 -9.86
CA GLU A 110 -49.22 -17.08 -10.14
C GLU A 110 -48.30 -17.24 -11.35
N ILE A 111 -47.45 -18.26 -11.29
CA ILE A 111 -46.48 -18.54 -12.33
C ILE A 111 -47.13 -19.16 -13.58
N LEU A 112 -46.65 -18.77 -14.75
CA LEU A 112 -46.85 -19.59 -15.93
C LEU A 112 -45.48 -20.02 -16.40
N GLU A 113 -45.41 -21.16 -17.07
CA GLU A 113 -44.12 -21.72 -17.42
C GLU A 113 -44.11 -22.20 -18.85
N TYR A 114 -42.93 -22.55 -19.32
CA TYR A 114 -42.71 -22.91 -20.70
C TYR A 114 -41.35 -23.60 -20.77
N ALA A 115 -41.40 -24.92 -20.60
CA ALA A 115 -40.23 -25.74 -20.35
C ALA A 115 -39.33 -25.90 -21.56
N TYR A 116 -39.84 -25.51 -22.72
CA TYR A 116 -39.12 -25.73 -23.96
C TYR A 116 -37.93 -24.78 -24.04
N HIS A 117 -38.08 -23.55 -23.54
CA HIS A 117 -36.95 -22.63 -23.47
C HIS A 117 -36.50 -22.40 -22.03
N GLY A 118 -37.04 -23.18 -21.10
CA GLY A 118 -36.64 -23.15 -19.70
C GLY A 118 -37.27 -21.98 -18.97
N GLN A 119 -38.16 -21.30 -19.68
CA GLN A 119 -38.71 -20.04 -19.22
C GLN A 119 -39.94 -20.24 -18.34
N ILE A 120 -40.07 -19.33 -17.37
CA ILE A 120 -41.31 -19.15 -16.63
C ILE A 120 -41.70 -17.66 -16.71
N ALA A 121 -43.01 -17.40 -16.66
CA ALA A 121 -43.51 -16.03 -16.63
C ALA A 121 -44.45 -15.82 -15.44
N ILE A 122 -44.18 -14.80 -14.62
CA ILE A 122 -45.09 -14.45 -13.53
C ILE A 122 -46.11 -13.42 -13.97
N VAL A 123 -47.39 -13.78 -13.86
CA VAL A 123 -48.44 -12.85 -14.29
C VAL A 123 -48.62 -11.87 -13.14
N ALA A 124 -48.31 -10.60 -13.44
CA ALA A 124 -48.23 -9.60 -12.38
C ALA A 124 -49.61 -9.10 -11.98
N PRO A 125 -49.84 -8.95 -10.66
CA PRO A 125 -51.09 -8.39 -10.17
C PRO A 125 -51.24 -6.95 -10.67
N GLU A 126 -50.12 -6.28 -10.97
CA GLU A 126 -50.20 -4.97 -11.63
C GLU A 126 -49.01 -4.53 -12.49
N ALA A 127 -49.35 -3.63 -13.44
CA ALA A 127 -48.48 -3.20 -14.54
C ALA A 127 -47.08 -2.77 -14.12
N LEU A 128 -46.04 -3.41 -14.65
CA LEU A 128 -44.70 -2.97 -14.32
C LEU A 128 -44.36 -1.71 -15.09
N LEU A 129 -44.48 -0.55 -14.44
CA LEU A 129 -44.21 0.70 -15.12
C LEU A 129 -42.71 0.98 -15.15
N ALA A 130 -42.26 1.52 -16.28
CA ALA A 130 -40.84 1.75 -16.53
C ALA A 130 -40.16 2.60 -15.46
N GLY A 131 -38.96 2.18 -15.09
CA GLY A 131 -38.15 2.92 -14.13
C GLY A 131 -38.21 2.39 -12.71
N HIS A 132 -39.10 1.44 -12.43
CA HIS A 132 -39.29 1.02 -11.04
C HIS A 132 -38.71 -0.33 -10.65
N ASN A 133 -37.88 -0.32 -9.60
CA ASN A 133 -37.46 -1.48 -8.84
C ASN A 133 -38.71 -2.20 -8.33
N TYR A 134 -38.88 -3.48 -8.65
CA TYR A 134 -39.83 -4.32 -7.90
C TYR A 134 -39.02 -5.47 -7.39
N THR A 135 -39.49 -6.20 -6.37
CA THR A 135 -38.68 -7.34 -5.93
C THR A 135 -39.55 -8.59 -6.02
N LEU A 136 -38.94 -9.69 -6.46
CA LEU A 136 -39.66 -10.93 -6.73
C LEU A 136 -39.12 -12.10 -5.92
N LYS A 137 -40.03 -12.87 -5.33
CA LYS A 137 -39.62 -13.95 -4.45
C LYS A 137 -40.21 -15.28 -4.88
N ILE A 138 -39.34 -16.29 -4.93
CA ILE A 138 -39.73 -17.62 -5.30
C ILE A 138 -39.25 -18.65 -4.32
N GLU A 139 -40.18 -19.51 -3.96
CA GLU A 139 -39.96 -20.67 -3.17
C GLU A 139 -39.95 -21.83 -4.14
N TYR A 140 -39.14 -22.87 -3.88
CA TYR A 140 -39.27 -24.10 -4.70
C TYR A 140 -38.77 -25.44 -4.13
N SER A 141 -39.26 -26.51 -4.76
CA SER A 141 -38.82 -27.89 -4.55
C SER A 141 -37.74 -28.08 -5.59
N ALA A 142 -36.74 -28.93 -5.33
CA ALA A 142 -35.94 -29.49 -6.43
C ALA A 142 -35.11 -30.73 -6.08
N ASN A 143 -34.64 -31.42 -7.14
CA ASN A 143 -33.75 -32.58 -7.02
C ASN A 143 -32.33 -32.13 -7.28
N ILE A 144 -31.38 -32.64 -6.51
CA ILE A 144 -29.97 -32.39 -6.80
C ILE A 144 -29.51 -33.29 -7.96
N SER A 145 -28.90 -32.72 -8.99
CA SER A 145 -28.50 -33.48 -10.18
C SER A 145 -27.65 -34.68 -9.83
N SER A 146 -27.86 -35.77 -10.55
CA SER A 146 -27.01 -36.95 -10.44
C SER A 146 -26.17 -37.18 -11.70
N SER A 147 -26.35 -36.32 -12.71
CA SER A 147 -25.35 -36.22 -13.77
C SER A 147 -24.12 -35.58 -13.13
N TYR A 148 -23.68 -34.46 -13.69
CA TYR A 148 -22.56 -33.67 -13.18
C TYR A 148 -22.66 -32.34 -13.88
N TYR A 149 -23.88 -31.80 -13.85
CA TYR A 149 -24.21 -30.58 -14.57
C TYR A 149 -25.33 -29.89 -13.80
N GLY A 150 -25.15 -28.59 -13.56
CA GLY A 150 -26.06 -27.83 -12.73
C GLY A 150 -25.62 -27.89 -11.28
N PHE A 151 -26.58 -28.12 -10.39
CA PHE A 151 -26.28 -28.34 -8.97
C PHE A 151 -26.24 -29.84 -8.74
N TYR A 152 -25.05 -30.43 -8.79
CA TYR A 152 -24.90 -31.90 -8.79
C TYR A 152 -24.35 -32.44 -7.45
N GLY A 153 -24.53 -33.74 -7.23
CA GLY A 153 -23.98 -34.40 -6.06
C GLY A 153 -23.50 -35.83 -6.33
N PHE A 154 -22.52 -36.29 -5.54
CA PHE A 154 -21.97 -37.64 -5.65
C PHE A 154 -21.49 -38.24 -4.31
N SER A 155 -20.93 -39.44 -4.37
CA SER A 155 -20.36 -40.10 -3.21
C SER A 155 -18.96 -40.56 -3.47
N TYR A 156 -18.15 -40.60 -2.43
CA TYR A 156 -16.83 -41.19 -2.57
C TYR A 156 -16.43 -41.94 -1.31
N THR A 157 -15.34 -42.68 -1.39
CA THR A 157 -14.84 -43.47 -0.28
C THR A 157 -13.56 -42.87 0.32
N ASP A 158 -13.37 -43.10 1.62
CA ASP A 158 -12.29 -42.51 2.39
C ASP A 158 -10.96 -43.33 2.34
N GLU A 159 -9.96 -42.86 3.08
CA GLU A 159 -8.73 -43.59 3.27
C GLU A 159 -8.96 -44.50 4.45
N SER A 160 -9.94 -44.13 5.27
CA SER A 160 -10.18 -44.83 6.50
C SER A 160 -11.36 -45.77 6.56
N ASN A 161 -12.13 -45.87 5.48
CA ASN A 161 -13.46 -46.52 5.56
C ASN A 161 -14.45 -46.15 4.48
N GLU A 162 -14.63 -44.83 4.43
CA GLU A 162 -15.91 -44.21 4.70
C GLU A 162 -16.68 -43.60 3.53
N LYS A 163 -18.01 -43.62 3.65
CA LYS A 163 -18.88 -43.04 2.64
C LYS A 163 -19.05 -41.52 2.83
N LYS A 164 -18.48 -40.72 1.94
CA LYS A 164 -18.58 -39.28 2.09
C LYS A 164 -19.52 -38.73 1.03
N TYR A 165 -20.20 -37.64 1.33
CA TYR A 165 -21.06 -36.99 0.33
C TYR A 165 -20.48 -35.65 -0.02
N PHE A 166 -21.02 -35.08 -1.10
CA PHE A 166 -20.40 -33.91 -1.73
C PHE A 166 -21.31 -33.44 -2.83
N ALA A 167 -21.35 -32.13 -3.00
CA ALA A 167 -22.21 -31.51 -4.00
C ALA A 167 -21.57 -30.23 -4.51
N ALA A 168 -21.82 -29.87 -5.76
CA ALA A 168 -21.21 -28.66 -6.31
C ALA A 168 -22.02 -28.10 -7.44
N THR A 169 -21.49 -27.09 -8.11
CA THR A 169 -22.23 -26.49 -9.23
C THR A 169 -21.40 -26.34 -10.50
N GLN A 170 -22.12 -26.37 -11.62
CA GLN A 170 -21.54 -26.26 -12.96
C GLN A 170 -22.57 -25.69 -13.87
N PHE A 171 -22.52 -24.37 -14.00
CA PHE A 171 -23.60 -23.60 -14.57
C PHE A 171 -23.39 -23.15 -16.01
N GLU A 172 -22.23 -23.44 -16.60
CA GLU A 172 -22.05 -23.13 -18.01
C GLU A 172 -22.65 -24.25 -18.85
N PRO A 173 -23.37 -23.85 -19.89
CA PRO A 173 -23.64 -22.46 -20.24
C PRO A 173 -25.02 -22.03 -19.69
N LEU A 174 -25.96 -22.96 -19.68
CA LEU A 174 -27.34 -22.70 -19.33
C LEU A 174 -27.86 -23.58 -18.19
N ALA A 175 -27.06 -23.75 -17.14
CA ALA A 175 -27.44 -24.69 -16.09
C ALA A 175 -27.94 -24.03 -14.80
N ALA A 176 -27.57 -22.77 -14.61
CA ALA A 176 -27.99 -22.02 -13.44
C ALA A 176 -29.51 -22.07 -13.24
N ARG A 177 -30.26 -22.04 -14.34
CA ARG A 177 -31.71 -22.00 -14.29
C ARG A 177 -32.32 -23.30 -13.75
N SER A 178 -31.50 -24.34 -13.67
CA SER A 178 -31.94 -25.62 -13.13
C SER A 178 -31.89 -25.62 -11.60
N ALA A 179 -30.96 -24.82 -11.08
CA ALA A 179 -30.75 -24.72 -9.64
C ALA A 179 -31.73 -23.73 -9.05
N PHE A 180 -31.78 -22.52 -9.62
CA PHE A 180 -32.71 -21.51 -9.14
C PHE A 180 -33.28 -20.66 -10.27
N PRO A 181 -34.57 -20.35 -10.19
CA PRO A 181 -35.17 -19.53 -11.24
C PRO A 181 -34.43 -18.20 -11.33
N CYS A 182 -34.11 -17.78 -12.55
CA CYS A 182 -33.36 -16.55 -12.78
C CYS A 182 -33.33 -16.14 -14.25
N PHE A 183 -32.82 -14.94 -14.50
CA PHE A 183 -32.57 -14.47 -15.86
C PHE A 183 -31.25 -15.06 -16.33
N ASP A 184 -31.29 -16.27 -16.87
CA ASP A 184 -30.08 -17.04 -17.18
C ASP A 184 -29.53 -16.68 -18.56
N GLU A 185 -29.06 -15.43 -18.71
CA GLU A 185 -28.24 -15.06 -19.85
C GLU A 185 -27.05 -14.29 -19.31
N PRO A 186 -25.98 -14.16 -20.12
CA PRO A 186 -24.79 -13.54 -19.54
C PRO A 186 -24.84 -12.02 -19.53
N ALA A 187 -25.64 -11.42 -20.41
CA ALA A 187 -25.86 -9.98 -20.39
C ALA A 187 -26.51 -9.44 -19.07
N PHE A 188 -27.50 -10.18 -18.57
CA PHE A 188 -28.22 -9.82 -17.37
C PHE A 188 -27.38 -10.03 -16.12
N LYS A 189 -26.37 -9.18 -15.90
CA LYS A 189 -25.52 -9.28 -14.69
C LYS A 189 -26.26 -8.75 -13.45
N ALA A 190 -25.71 -9.06 -12.27
CA ALA A 190 -26.33 -8.71 -10.99
C ALA A 190 -25.33 -8.88 -9.84
N THR A 191 -25.82 -8.74 -8.60
CA THR A 191 -25.06 -9.05 -7.36
C THR A 191 -25.74 -10.16 -6.52
N PHE A 192 -24.95 -10.88 -5.73
CA PHE A 192 -25.47 -12.12 -5.14
C PHE A 192 -25.17 -12.31 -3.67
N ILE A 193 -26.22 -12.59 -2.92
CA ILE A 193 -25.99 -13.19 -1.62
C ILE A 193 -26.49 -14.62 -1.72
N ILE A 194 -25.58 -15.55 -1.44
CA ILE A 194 -25.99 -16.92 -1.40
C ILE A 194 -25.86 -17.31 0.06
N LYS A 195 -26.90 -17.95 0.59
CA LYS A 195 -26.78 -18.49 1.92
C LYS A 195 -27.24 -19.94 1.91
N ILE A 196 -26.37 -20.77 2.46
CA ILE A 196 -26.54 -22.20 2.45
C ILE A 196 -26.38 -22.75 3.88
N ILE A 197 -27.45 -23.39 4.36
CA ILE A 197 -27.51 -24.05 5.68
C ILE A 197 -27.07 -25.48 5.48
N ARG A 198 -25.97 -25.84 6.10
CA ARG A 198 -25.31 -27.10 5.90
C ARG A 198 -24.96 -27.82 7.20
N ASP A 199 -24.92 -29.15 7.22
CA ASP A 199 -24.62 -29.88 8.46
C ASP A 199 -23.25 -29.45 9.06
N GLU A 200 -23.01 -29.83 10.31
CA GLU A 200 -21.90 -29.25 11.07
C GLU A 200 -20.55 -29.49 10.45
N GLN A 201 -20.35 -30.71 9.97
CA GLN A 201 -19.03 -31.11 9.51
C GLN A 201 -18.64 -30.46 8.16
N TYR A 202 -19.59 -30.29 7.24
CA TYR A 202 -19.23 -29.87 5.89
C TYR A 202 -18.71 -28.47 5.83
N THR A 203 -17.79 -28.23 4.92
CA THR A 203 -17.31 -26.88 4.73
C THR A 203 -18.08 -26.33 3.55
N ALA A 204 -18.91 -25.33 3.77
CA ALA A 204 -19.64 -24.74 2.64
C ALA A 204 -18.81 -23.61 2.08
N LEU A 205 -18.71 -23.59 0.75
CA LEU A 205 -17.93 -22.57 0.07
C LEU A 205 -18.76 -22.00 -1.06
N SER A 206 -18.42 -20.77 -1.43
CA SER A 206 -19.10 -20.10 -2.53
C SER A 206 -18.28 -18.88 -2.96
N ASN A 207 -18.82 -18.12 -3.91
CA ASN A 207 -18.13 -17.02 -4.55
C ASN A 207 -17.46 -16.05 -3.63
N MET A 208 -18.31 -15.40 -2.82
CA MET A 208 -17.87 -14.33 -1.94
C MET A 208 -17.44 -14.87 -0.57
N PRO A 209 -16.60 -14.11 0.15
CA PRO A 209 -16.16 -14.74 1.40
C PRO A 209 -17.34 -14.95 2.37
N LYS A 210 -17.22 -15.88 3.31
CA LYS A 210 -18.34 -16.19 4.18
C LYS A 210 -18.39 -15.10 5.25
N LYS A 211 -19.49 -14.35 5.28
CA LYS A 211 -19.64 -13.21 6.19
C LYS A 211 -19.98 -13.72 7.58
N SER A 212 -20.98 -14.59 7.65
CA SER A 212 -21.55 -15.00 8.92
C SER A 212 -22.06 -16.41 8.88
N SER A 213 -21.98 -17.08 10.01
CA SER A 213 -22.73 -18.31 10.14
C SER A 213 -23.25 -18.53 11.56
N VAL A 214 -24.45 -19.08 11.64
CA VAL A 214 -25.23 -19.00 12.86
C VAL A 214 -25.93 -20.34 13.11
N VAL A 215 -25.58 -20.96 14.22
CA VAL A 215 -26.13 -22.26 14.61
C VAL A 215 -27.67 -22.32 14.62
N LEU A 216 -28.22 -23.33 13.96
CA LEU A 216 -29.67 -23.55 14.06
C LEU A 216 -29.97 -24.68 15.03
N ASP A 217 -31.25 -24.82 15.36
CA ASP A 217 -31.70 -25.60 16.51
C ASP A 217 -31.55 -27.11 16.41
N ASP A 218 -31.55 -27.64 15.19
CA ASP A 218 -31.50 -29.07 15.03
C ASP A 218 -30.09 -29.66 15.04
N GLY A 219 -29.09 -28.80 14.88
CA GLY A 219 -27.73 -29.27 14.71
C GLY A 219 -27.17 -28.79 13.38
N LEU A 220 -28.01 -28.07 12.63
CA LEU A 220 -27.64 -27.54 11.34
C LEU A 220 -27.07 -26.12 11.50
N VAL A 221 -26.13 -25.75 10.65
CA VAL A 221 -25.49 -24.43 10.62
C VAL A 221 -26.05 -23.58 9.50
N GLN A 222 -26.09 -22.25 9.61
CA GLN A 222 -26.52 -21.48 8.44
C GLN A 222 -25.42 -20.56 7.95
N ASP A 223 -24.85 -20.87 6.79
CA ASP A 223 -23.76 -20.08 6.23
C ASP A 223 -24.33 -18.98 5.34
N GLU A 224 -23.82 -17.76 5.51
CA GLU A 224 -24.16 -16.69 4.59
C GLU A 224 -22.88 -16.06 4.08
N PHE A 225 -22.94 -15.65 2.83
CA PHE A 225 -21.79 -15.15 2.10
C PHE A 225 -22.04 -13.68 1.74
N SER A 226 -20.98 -12.93 1.49
CA SER A 226 -21.12 -11.51 1.19
C SER A 226 -21.92 -11.32 -0.10
N GLU A 227 -22.34 -10.08 -0.36
CA GLU A 227 -23.04 -9.87 -1.60
C GLU A 227 -21.97 -9.76 -2.66
N SER A 228 -22.23 -10.38 -3.80
CA SER A 228 -21.26 -10.52 -4.87
C SER A 228 -21.03 -9.22 -5.61
N VAL A 229 -19.87 -9.08 -6.26
CA VAL A 229 -19.69 -7.95 -7.15
C VAL A 229 -20.56 -8.20 -8.37
N LYS A 230 -20.67 -7.26 -9.31
CA LYS A 230 -21.51 -7.50 -10.49
C LYS A 230 -20.98 -8.70 -11.29
N MET A 231 -21.83 -9.71 -11.48
CA MET A 231 -21.37 -10.91 -12.18
C MET A 231 -22.54 -11.70 -12.77
N SER A 232 -22.18 -12.54 -13.74
CA SER A 232 -23.16 -13.16 -14.62
C SER A 232 -23.80 -14.41 -14.02
N THR A 233 -25.04 -14.69 -14.42
CA THR A 233 -25.79 -15.72 -13.76
C THR A 233 -25.06 -17.05 -13.73
N TYR A 234 -24.26 -17.32 -14.77
CA TYR A 234 -23.61 -18.64 -14.93
C TYR A 234 -22.36 -18.77 -14.03
N LEU A 235 -21.83 -17.67 -13.53
CA LEU A 235 -20.61 -17.72 -12.73
C LEU A 235 -20.83 -17.96 -11.22
N VAL A 236 -22.09 -17.93 -10.79
CA VAL A 236 -22.42 -18.22 -9.40
C VAL A 236 -22.02 -19.64 -9.02
N ALA A 237 -21.47 -19.81 -7.82
CA ALA A 237 -20.97 -21.13 -7.41
C ALA A 237 -21.07 -21.38 -5.92
N PHE A 238 -21.30 -22.65 -5.55
CA PHE A 238 -21.34 -23.02 -4.15
C PHE A 238 -21.22 -24.51 -3.90
N ILE A 239 -20.41 -24.84 -2.90
CA ILE A 239 -19.93 -26.18 -2.62
C ILE A 239 -20.27 -26.63 -1.22
N VAL A 240 -20.67 -27.90 -1.07
CA VAL A 240 -20.86 -28.48 0.25
C VAL A 240 -20.14 -29.83 0.42
N GLY A 241 -19.04 -29.88 1.16
CA GLY A 241 -18.40 -31.17 1.43
C GLY A 241 -17.17 -31.15 2.33
N GLU A 242 -16.81 -32.30 2.90
CA GLU A 242 -15.81 -32.27 3.96
C GLU A 242 -14.40 -32.11 3.44
N MET A 243 -13.89 -30.90 3.59
CA MET A 243 -12.56 -30.60 3.13
C MET A 243 -11.63 -30.16 4.23
N LYS A 244 -10.40 -29.88 3.84
CA LYS A 244 -9.50 -29.09 4.66
C LYS A 244 -9.03 -27.99 3.66
N ASN A 245 -8.01 -27.21 4.03
CA ASN A 245 -7.61 -26.05 3.25
C ASN A 245 -6.14 -25.76 3.38
N LEU A 246 -5.62 -24.88 2.55
CA LEU A 246 -4.21 -24.49 2.66
C LEU A 246 -4.06 -23.14 2.02
N SER A 247 -3.64 -22.16 2.81
CA SER A 247 -3.78 -20.76 2.43
C SER A 247 -2.49 -19.93 2.46
N GLN A 248 -2.55 -18.77 1.83
CA GLN A 248 -1.46 -17.79 1.82
C GLN A 248 -1.99 -16.42 1.34
N ASP A 249 -1.51 -15.34 1.93
CA ASP A 249 -2.04 -14.02 1.59
C ASP A 249 -1.15 -13.21 0.64
N VAL A 250 -1.39 -13.35 -0.66
CA VAL A 250 -0.75 -12.46 -1.62
C VAL A 250 -1.30 -11.09 -1.34
N ASN A 251 -0.43 -10.19 -0.95
CA ASN A 251 -0.84 -8.81 -0.75
C ASN A 251 -2.07 -8.76 0.15
N GLY A 252 -3.22 -8.53 -0.46
CA GLY A 252 -4.46 -8.43 0.28
C GLY A 252 -5.38 -9.62 0.11
N THR A 253 -5.44 -10.17 -1.09
CA THR A 253 -6.40 -11.24 -1.39
C THR A 253 -5.84 -12.55 -0.91
N LEU A 254 -6.64 -13.41 -0.26
CA LEU A 254 -5.99 -14.66 0.18
C LEU A 254 -6.57 -15.86 -0.55
N VAL A 255 -5.56 -16.54 -1.09
CA VAL A 255 -5.49 -17.72 -1.93
C VAL A 255 -5.53 -19.00 -1.12
N SER A 256 -6.46 -19.89 -1.42
CA SER A 256 -6.43 -21.16 -0.71
C SER A 256 -6.86 -22.35 -1.60
N ILE A 257 -6.20 -23.48 -1.47
CA ILE A 257 -6.61 -24.66 -2.20
C ILE A 257 -7.40 -25.63 -1.35
N TYR A 258 -8.66 -25.84 -1.62
CA TYR A 258 -9.41 -26.80 -0.82
C TYR A 258 -9.42 -28.19 -1.43
N ALA A 259 -9.06 -29.19 -0.63
CA ALA A 259 -9.11 -30.59 -1.05
C ALA A 259 -9.71 -31.44 0.03
N VAL A 260 -10.17 -32.63 -0.34
CA VAL A 260 -10.61 -33.62 0.63
C VAL A 260 -9.41 -33.90 1.52
N PRO A 261 -9.63 -34.17 2.83
CA PRO A 261 -8.52 -34.21 3.79
C PRO A 261 -7.39 -35.13 3.41
N GLU A 262 -7.72 -36.35 3.00
CA GLU A 262 -6.74 -37.40 2.63
C GLU A 262 -5.34 -36.87 2.40
N LYS A 263 -5.14 -36.13 1.31
CA LYS A 263 -3.86 -35.45 1.13
C LYS A 263 -4.00 -34.10 0.44
N ILE A 264 -4.43 -33.22 1.33
CA ILE A 264 -4.35 -31.80 1.19
C ILE A 264 -2.86 -31.45 1.23
N GLY A 265 -2.06 -32.47 1.42
CA GLY A 265 -0.62 -32.38 1.48
C GLY A 265 0.01 -31.94 0.19
N GLN A 266 -0.63 -32.31 -0.91
CA GLN A 266 -0.03 -32.14 -2.23
C GLN A 266 -0.70 -31.09 -3.13
N VAL A 267 -1.46 -30.21 -2.49
CA VAL A 267 -1.95 -28.98 -3.10
C VAL A 267 -0.94 -27.89 -2.85
N HIS A 268 0.26 -28.27 -2.46
CA HIS A 268 1.30 -27.33 -2.10
C HIS A 268 1.83 -26.57 -3.32
N TYR A 269 1.96 -27.26 -4.45
CA TYR A 269 2.43 -26.60 -5.68
C TYR A 269 1.32 -25.79 -6.33
N ALA A 270 0.11 -26.35 -6.35
CA ALA A 270 -1.02 -25.61 -6.83
C ALA A 270 -1.04 -24.25 -6.12
N LEU A 271 -0.99 -24.29 -4.79
CA LEU A 271 -1.00 -23.09 -3.96
C LEU A 271 0.08 -22.07 -4.29
N GLU A 272 1.31 -22.54 -4.33
CA GLU A 272 2.43 -21.68 -4.66
C GLU A 272 2.32 -21.11 -6.08
N THR A 273 1.60 -21.82 -6.94
CA THR A 273 1.52 -21.35 -8.30
C THR A 273 0.39 -20.36 -8.52
N THR A 274 -0.74 -20.60 -7.87
CA THR A 274 -1.83 -19.64 -7.91
C THR A 274 -1.31 -18.29 -7.43
N VAL A 275 -0.36 -18.36 -6.52
CA VAL A 275 0.24 -17.21 -5.87
C VAL A 275 1.04 -16.30 -6.79
N LYS A 276 1.92 -16.88 -7.60
CA LYS A 276 2.78 -16.05 -8.43
C LYS A 276 2.10 -15.68 -9.70
N LEU A 277 1.14 -16.50 -10.09
CA LEU A 277 0.34 -16.21 -11.29
C LEU A 277 -0.66 -15.14 -10.95
N LEU A 278 -1.07 -15.11 -9.67
CA LEU A 278 -2.02 -14.09 -9.21
C LEU A 278 -1.44 -12.69 -9.24
N GLU A 279 -0.24 -12.49 -8.75
CA GLU A 279 0.33 -11.21 -9.05
C GLU A 279 1.16 -11.31 -10.31
N PHE A 280 0.96 -12.32 -11.13
CA PHE A 280 1.28 -12.09 -12.55
C PHE A 280 0.05 -11.62 -13.35
N PHE A 281 -1.18 -11.82 -12.95
CA PHE A 281 -2.17 -11.20 -13.82
C PHE A 281 -2.40 -9.73 -13.40
N GLN A 282 -2.40 -9.50 -12.09
CA GLN A 282 -1.59 -8.43 -11.50
C GLN A 282 -1.67 -6.96 -11.94
N ASN A 283 -0.65 -6.70 -12.73
CA ASN A 283 0.09 -5.55 -13.11
C ASN A 283 -0.13 -5.52 -14.61
N TYR A 284 -0.04 -6.70 -15.23
CA TYR A 284 -0.18 -6.81 -16.69
C TYR A 284 -1.54 -6.31 -17.08
N PHE A 285 -2.58 -6.76 -16.38
CA PHE A 285 -3.90 -6.24 -16.68
C PHE A 285 -4.06 -4.88 -16.04
N GLU A 286 -3.11 -4.53 -15.15
CA GLU A 286 -3.10 -3.27 -14.45
C GLU A 286 -4.44 -3.05 -13.78
N ILE A 287 -5.10 -4.15 -13.46
CA ILE A 287 -6.31 -4.16 -12.65
C ILE A 287 -6.19 -5.12 -11.50
N GLN A 288 -6.72 -4.74 -10.33
CA GLN A 288 -6.55 -5.60 -9.17
C GLN A 288 -7.75 -6.49 -8.90
N TYR A 289 -7.43 -7.76 -8.64
CA TYR A 289 -8.43 -8.78 -8.41
C TYR A 289 -9.41 -8.29 -7.35
N PRO A 290 -10.65 -8.03 -7.76
CA PRO A 290 -11.63 -7.29 -6.95
C PRO A 290 -12.02 -7.96 -5.63
N LEU A 291 -11.89 -9.28 -5.59
CA LEU A 291 -12.29 -10.03 -4.40
C LEU A 291 -11.28 -9.97 -3.24
N LYS A 292 -11.78 -10.32 -2.07
CA LYS A 292 -10.96 -10.40 -0.88
C LYS A 292 -10.35 -11.77 -0.82
N LYS A 293 -11.02 -12.73 -1.48
CA LYS A 293 -10.68 -14.16 -1.46
C LYS A 293 -10.51 -14.72 -2.85
N LEU A 294 -9.76 -15.81 -2.95
CA LEU A 294 -9.64 -16.59 -4.17
C LEU A 294 -9.37 -18.05 -3.82
N ASP A 295 -10.37 -18.91 -3.93
CA ASP A 295 -10.20 -20.30 -3.52
C ASP A 295 -10.40 -21.36 -4.62
N LEU A 296 -9.36 -22.18 -4.80
CA LEU A 296 -9.27 -23.26 -5.77
C LEU A 296 -9.67 -24.57 -5.12
N VAL A 297 -10.47 -25.41 -5.75
CA VAL A 297 -10.85 -26.64 -5.02
C VAL A 297 -10.68 -27.95 -5.84
N ALA A 298 -9.97 -28.94 -5.28
CA ALA A 298 -9.82 -30.24 -5.93
C ALA A 298 -10.97 -31.21 -5.63
N ILE A 299 -12.07 -31.06 -6.35
CA ILE A 299 -13.22 -31.95 -6.19
C ILE A 299 -12.86 -33.42 -6.44
N PRO A 300 -13.19 -34.30 -5.49
CA PRO A 300 -12.79 -35.70 -5.42
C PRO A 300 -13.64 -36.65 -6.29
N ASP A 301 -13.64 -36.41 -7.60
CA ASP A 301 -14.41 -37.19 -8.58
C ASP A 301 -13.79 -36.96 -9.96
N PHE A 302 -14.00 -37.89 -10.88
CA PHE A 302 -13.33 -37.81 -12.18
C PHE A 302 -14.25 -37.18 -13.20
N GLU A 303 -15.55 -37.22 -12.95
CA GLU A 303 -16.48 -36.44 -13.73
C GLU A 303 -16.84 -35.14 -13.02
N ALA A 304 -15.83 -34.42 -12.52
CA ALA A 304 -16.10 -33.19 -11.82
C ALA A 304 -16.14 -32.05 -12.83
N GLY A 305 -17.18 -31.22 -12.78
CA GLY A 305 -17.22 -30.02 -13.61
C GLY A 305 -16.21 -28.97 -13.18
N ALA A 306 -15.13 -28.84 -13.95
CA ALA A 306 -14.09 -27.86 -13.65
C ALA A 306 -14.21 -26.59 -14.46
N MET A 307 -14.26 -25.45 -13.80
CA MET A 307 -14.67 -24.25 -14.49
C MET A 307 -14.10 -22.99 -13.84
N GLU A 308 -14.53 -21.87 -14.42
CA GLU A 308 -14.03 -20.52 -14.25
C GLU A 308 -14.41 -19.66 -13.01
N ASN A 309 -15.35 -20.16 -12.21
CA ASN A 309 -16.11 -19.33 -11.27
C ASN A 309 -15.33 -18.20 -10.56
N TRP A 310 -15.91 -17.00 -10.39
CA TRP A 310 -15.14 -15.99 -9.65
C TRP A 310 -15.01 -16.37 -8.20
N GLY A 311 -13.76 -16.28 -7.73
CA GLY A 311 -13.39 -16.61 -6.37
C GLY A 311 -13.56 -18.06 -5.97
N LEU A 312 -14.08 -18.88 -6.89
CA LEU A 312 -14.26 -20.29 -6.57
C LEU A 312 -14.01 -21.16 -7.81
N LEU A 313 -12.72 -21.23 -8.18
CA LEU A 313 -12.24 -22.05 -9.27
C LEU A 313 -12.46 -23.53 -8.96
N THR A 314 -13.10 -24.29 -9.84
CA THR A 314 -13.19 -25.74 -9.67
C THR A 314 -12.19 -26.52 -10.52
N PHE A 315 -11.84 -27.72 -10.05
CA PHE A 315 -11.01 -28.66 -10.78
C PHE A 315 -11.48 -30.09 -10.50
N ARG A 316 -11.08 -31.01 -11.38
CA ARG A 316 -11.14 -32.44 -11.08
C ARG A 316 -9.99 -32.70 -10.15
N GLU A 317 -10.19 -33.60 -9.19
CA GLU A 317 -9.14 -33.91 -8.21
C GLU A 317 -7.79 -34.09 -8.89
N GLU A 318 -7.79 -34.92 -9.94
CA GLU A 318 -6.61 -35.29 -10.73
C GLU A 318 -5.70 -34.15 -11.14
N THR A 319 -6.29 -33.16 -11.78
CA THR A 319 -5.55 -32.08 -12.42
C THR A 319 -4.88 -31.07 -11.51
N LEU A 320 -5.06 -31.20 -10.18
CA LEU A 320 -4.45 -30.30 -9.19
C LEU A 320 -3.38 -30.89 -8.28
N LEU A 321 -3.50 -32.17 -7.97
CA LEU A 321 -2.63 -32.80 -6.99
C LEU A 321 -1.21 -33.04 -7.56
N TYR A 322 -0.21 -32.28 -7.16
CA TYR A 322 1.13 -32.54 -7.70
C TYR A 322 2.30 -32.76 -6.71
N ASP A 323 3.24 -33.65 -7.02
CA ASP A 323 4.30 -34.07 -6.06
C ASP A 323 5.71 -33.97 -6.67
N SER A 324 6.56 -33.10 -6.12
CA SER A 324 7.86 -32.82 -6.75
C SER A 324 8.69 -34.04 -7.15
N ASN A 325 8.52 -35.16 -6.44
CA ASN A 325 9.37 -36.33 -6.65
C ASN A 325 8.81 -37.39 -7.60
N THR A 326 7.54 -37.74 -7.45
CA THR A 326 7.04 -38.92 -8.14
C THR A 326 6.37 -38.57 -9.47
N SER A 327 6.08 -37.29 -9.64
CA SER A 327 5.33 -36.81 -10.78
C SER A 327 6.21 -36.19 -11.85
N SER A 328 5.85 -36.47 -13.11
CA SER A 328 6.62 -36.09 -14.29
C SER A 328 6.60 -34.60 -14.70
N MET A 329 7.20 -34.29 -15.84
CA MET A 329 7.11 -32.95 -16.44
C MET A 329 5.75 -32.69 -17.03
N ALA A 330 5.14 -33.76 -17.53
CA ALA A 330 3.88 -33.59 -18.19
C ALA A 330 2.81 -33.11 -17.24
N ASP A 331 2.74 -33.72 -16.07
CA ASP A 331 1.70 -33.32 -15.12
C ASP A 331 2.01 -32.02 -14.41
N ARG A 332 3.24 -31.52 -14.45
CA ARG A 332 3.47 -30.17 -13.92
C ARG A 332 3.06 -29.19 -14.97
N LYS A 333 3.55 -29.46 -16.18
CA LYS A 333 3.21 -28.62 -17.30
C LYS A 333 1.72 -28.54 -17.35
N LEU A 334 1.04 -29.62 -17.02
CA LEU A 334 -0.39 -29.62 -17.20
C LEU A 334 -1.09 -28.92 -16.07
N VAL A 335 -0.58 -29.09 -14.85
CA VAL A 335 -1.18 -28.43 -13.70
C VAL A 335 -0.86 -26.94 -13.67
N THR A 336 0.33 -26.57 -14.11
CA THR A 336 0.66 -25.16 -14.24
C THR A 336 -0.23 -24.44 -15.24
N LYS A 337 -0.45 -25.00 -16.44
CA LYS A 337 -1.30 -24.28 -17.39
C LYS A 337 -2.74 -24.38 -16.97
N ILE A 338 -3.13 -25.43 -16.26
CA ILE A 338 -4.54 -25.49 -15.92
C ILE A 338 -4.90 -24.39 -14.97
N ILE A 339 -3.97 -24.03 -14.09
CA ILE A 339 -4.13 -22.93 -13.14
C ILE A 339 -4.06 -21.62 -13.90
N ALA A 340 -3.02 -21.47 -14.72
CA ALA A 340 -2.82 -20.23 -15.46
C ALA A 340 -3.98 -19.89 -16.40
N HIS A 341 -4.73 -20.92 -16.83
CA HIS A 341 -5.88 -20.73 -17.71
C HIS A 341 -7.06 -20.16 -16.95
N GLU A 342 -7.46 -20.80 -15.85
CA GLU A 342 -8.66 -20.36 -15.15
C GLU A 342 -8.40 -19.08 -14.36
N LEU A 343 -7.14 -18.71 -14.24
CA LEU A 343 -6.78 -17.47 -13.57
C LEU A 343 -6.93 -16.24 -14.43
N ALA A 344 -6.50 -16.29 -15.70
CA ALA A 344 -6.72 -15.16 -16.61
C ALA A 344 -8.22 -15.06 -16.89
N HIS A 345 -8.90 -16.18 -16.73
CA HIS A 345 -10.31 -16.16 -17.01
C HIS A 345 -11.00 -15.24 -16.06
N GLN A 346 -10.39 -14.97 -14.92
CA GLN A 346 -10.90 -13.98 -13.97
C GLN A 346 -11.21 -12.65 -14.66
N TRP A 347 -10.15 -11.96 -15.11
CA TRP A 347 -10.26 -10.75 -15.94
C TRP A 347 -11.09 -11.03 -17.22
N PHE A 348 -10.65 -11.99 -18.02
CA PHE A 348 -11.40 -12.31 -19.22
C PHE A 348 -12.52 -13.29 -19.05
N GLY A 349 -13.74 -12.75 -18.96
CA GLY A 349 -14.88 -13.63 -19.00
C GLY A 349 -15.85 -13.32 -17.91
N ASN A 350 -15.28 -13.02 -16.76
CA ASN A 350 -16.06 -12.78 -15.56
C ASN A 350 -16.20 -11.28 -15.38
N LEU A 351 -15.05 -10.63 -15.30
CA LEU A 351 -14.98 -9.19 -15.20
C LEU A 351 -15.68 -8.61 -16.42
N VAL A 352 -15.09 -8.85 -17.58
CA VAL A 352 -15.69 -8.54 -18.86
C VAL A 352 -16.33 -9.75 -19.56
N THR A 353 -17.65 -9.88 -19.49
CA THR A 353 -18.37 -11.05 -19.99
C THR A 353 -18.91 -10.83 -21.43
N MET A 354 -19.33 -11.90 -22.13
CA MET A 354 -19.99 -11.83 -23.45
C MET A 354 -21.37 -11.24 -23.38
N LYS A 355 -21.82 -10.55 -24.44
CA LYS A 355 -23.22 -10.22 -24.60
C LYS A 355 -23.96 -11.56 -24.69
N TRP A 356 -23.50 -12.43 -25.59
CA TRP A 356 -24.11 -13.74 -25.80
C TRP A 356 -23.04 -14.71 -26.24
N TRP A 357 -23.42 -15.99 -26.32
CA TRP A 357 -22.51 -17.10 -26.55
C TRP A 357 -21.78 -17.07 -27.91
N ASN A 358 -22.24 -16.23 -28.82
CA ASN A 358 -21.66 -16.10 -30.16
C ASN A 358 -20.21 -15.59 -30.14
N ASP A 359 -19.63 -15.45 -28.96
CA ASP A 359 -18.38 -14.74 -28.79
C ASP A 359 -17.57 -15.45 -27.74
N LEU A 360 -18.04 -16.65 -27.38
CA LEU A 360 -17.39 -17.40 -26.32
C LEU A 360 -15.96 -17.60 -26.68
N TRP A 361 -15.72 -17.86 -27.96
CA TRP A 361 -14.40 -18.17 -28.48
C TRP A 361 -13.38 -17.10 -28.10
N LEU A 362 -13.87 -15.89 -27.78
CA LEU A 362 -13.00 -14.73 -27.52
C LEU A 362 -12.23 -14.86 -26.24
N ASN A 363 -12.97 -15.15 -25.17
CA ASN A 363 -12.40 -15.30 -23.84
C ASN A 363 -11.61 -16.59 -23.75
N GLU A 364 -12.26 -17.70 -24.08
CA GLU A 364 -11.58 -18.98 -24.02
C GLU A 364 -10.40 -18.93 -24.96
N GLY A 365 -10.50 -18.14 -26.02
CA GLY A 365 -9.36 -17.98 -26.89
C GLY A 365 -8.28 -17.18 -26.16
N PHE A 366 -8.71 -16.09 -25.51
CA PHE A 366 -7.75 -15.20 -24.87
C PHE A 366 -7.12 -15.85 -23.65
N ALA A 367 -7.95 -16.42 -22.79
CA ALA A 367 -7.44 -17.21 -21.68
C ALA A 367 -6.37 -18.19 -22.16
N THR A 368 -6.67 -18.96 -23.22
CA THR A 368 -5.74 -19.98 -23.77
C THR A 368 -4.44 -19.32 -24.21
N PHE A 369 -4.54 -18.07 -24.65
CA PHE A 369 -3.33 -17.35 -25.01
C PHE A 369 -2.55 -16.98 -23.78
N MET A 370 -3.24 -16.55 -22.72
CA MET A 370 -2.54 -16.05 -21.54
C MET A 370 -1.83 -17.20 -20.90
N GLU A 371 -2.50 -18.33 -20.96
CA GLU A 371 -2.00 -19.55 -20.39
C GLU A 371 -0.62 -19.86 -20.93
N TYR A 372 -0.39 -19.58 -22.19
CA TYR A 372 0.91 -19.82 -22.78
C TYR A 372 1.79 -18.59 -22.69
N PHE A 373 1.20 -17.45 -22.35
CA PHE A 373 1.92 -16.16 -22.34
C PHE A 373 2.42 -15.70 -20.99
N SER A 374 1.66 -16.00 -19.96
CA SER A 374 2.17 -15.86 -18.62
C SER A 374 3.37 -16.77 -18.43
N LEU A 375 3.15 -18.06 -18.63
CA LEU A 375 4.12 -19.09 -18.36
C LEU A 375 5.51 -18.73 -18.88
N GLU A 376 5.63 -18.24 -20.10
CA GLU A 376 6.99 -18.09 -20.64
C GLU A 376 7.66 -16.76 -20.21
N LYS A 377 7.12 -16.17 -19.15
CA LYS A 377 7.76 -15.00 -18.54
C LYS A 377 7.95 -15.11 -17.01
N ILE A 378 7.20 -16.02 -16.41
CA ILE A 378 7.45 -16.49 -15.07
C ILE A 378 8.18 -17.83 -15.10
N PHE A 379 7.58 -18.80 -15.78
CA PHE A 379 8.16 -20.14 -15.87
C PHE A 379 8.83 -20.45 -17.21
N LYS A 380 9.74 -19.57 -17.64
CA LYS A 380 10.42 -19.72 -18.92
C LYS A 380 11.19 -21.06 -19.00
N GLU A 381 11.32 -21.75 -17.89
CA GLU A 381 12.03 -23.02 -17.86
C GLU A 381 11.20 -24.20 -18.37
N LEU A 382 9.87 -24.08 -18.34
CA LEU A 382 9.01 -25.16 -18.85
C LEU A 382 9.04 -25.34 -20.37
N SER A 383 9.53 -24.32 -21.09
CA SER A 383 9.51 -24.29 -22.56
C SER A 383 8.08 -24.42 -23.06
N SER A 384 7.14 -23.86 -22.30
CA SER A 384 5.73 -23.93 -22.65
C SER A 384 5.37 -23.32 -24.03
N TYR A 385 6.33 -22.78 -24.75
CA TYR A 385 6.05 -22.42 -26.11
C TYR A 385 5.96 -23.65 -26.98
N GLU A 386 6.69 -24.70 -26.65
CA GLU A 386 6.68 -25.92 -27.45
C GLU A 386 5.34 -26.59 -27.46
N ASP A 387 4.75 -26.73 -26.29
CA ASP A 387 3.35 -27.15 -26.21
C ASP A 387 2.54 -26.30 -27.15
N PHE A 388 2.78 -25.00 -27.11
CA PHE A 388 1.97 -24.04 -27.82
C PHE A 388 2.08 -24.28 -29.29
N LEU A 389 3.33 -24.50 -29.71
CA LEU A 389 3.65 -24.61 -31.11
C LEU A 389 2.92 -25.78 -31.72
N ASP A 390 3.14 -26.92 -31.13
CA ASP A 390 2.44 -28.12 -31.50
C ASP A 390 0.96 -27.91 -31.37
N ALA A 391 0.51 -27.17 -30.38
CA ALA A 391 -0.94 -26.98 -30.30
C ALA A 391 -1.41 -26.24 -31.56
N ARG A 392 -0.61 -25.30 -32.06
CA ARG A 392 -1.01 -24.58 -33.27
C ARG A 392 -1.02 -25.47 -34.52
N PHE A 393 0.03 -26.27 -34.69
CA PHE A 393 0.07 -27.27 -35.75
C PHE A 393 -1.23 -28.07 -35.80
N LYS A 394 -1.62 -28.69 -34.70
CA LYS A 394 -2.75 -29.58 -34.78
C LYS A 394 -3.99 -28.76 -34.99
N THR A 395 -3.94 -27.48 -34.67
CA THR A 395 -5.06 -26.60 -34.93
C THR A 395 -5.23 -26.40 -36.42
N MET A 396 -4.17 -25.96 -37.09
CA MET A 396 -4.19 -25.78 -38.54
C MET A 396 -4.60 -27.03 -39.36
N LYS A 397 -4.09 -28.23 -39.08
CA LYS A 397 -4.49 -29.31 -39.97
C LYS A 397 -5.89 -29.79 -39.67
N LYS A 398 -6.56 -29.30 -38.63
CA LYS A 398 -7.99 -29.56 -38.63
C LYS A 398 -8.72 -28.24 -39.00
N ASP A 399 -7.99 -27.15 -39.06
CA ASP A 399 -8.61 -25.97 -39.56
C ASP A 399 -8.52 -25.98 -41.04
N SER A 400 -7.67 -26.85 -41.61
CA SER A 400 -7.59 -27.03 -43.07
C SER A 400 -8.68 -27.92 -43.65
N LEU A 401 -9.35 -28.74 -42.86
CA LEU A 401 -10.42 -29.55 -43.44
C LEU A 401 -11.56 -28.64 -43.84
N ASN A 402 -12.57 -29.22 -44.49
CA ASN A 402 -13.69 -28.46 -44.98
C ASN A 402 -14.79 -28.62 -43.94
N SER A 403 -14.63 -29.58 -43.04
CA SER A 403 -15.55 -29.69 -41.90
C SER A 403 -15.45 -28.48 -41.01
N SER A 404 -14.35 -27.74 -41.18
CA SER A 404 -14.08 -26.57 -40.38
C SER A 404 -15.16 -25.54 -40.57
N HIS A 405 -15.33 -24.70 -39.56
CA HIS A 405 -16.37 -23.70 -39.55
C HIS A 405 -15.70 -22.43 -39.05
N PRO A 406 -16.00 -21.30 -39.67
CA PRO A 406 -15.36 -20.08 -39.21
C PRO A 406 -15.80 -19.78 -37.78
N ILE A 407 -14.93 -19.21 -36.95
CA ILE A 407 -15.18 -19.17 -35.50
C ILE A 407 -16.30 -18.27 -35.07
N SER A 408 -16.50 -17.18 -35.80
CA SER A 408 -17.59 -16.26 -35.44
C SER A 408 -18.71 -16.29 -36.46
N SER A 409 -19.90 -16.67 -35.97
CA SER A 409 -21.16 -16.42 -36.65
C SER A 409 -22.34 -16.66 -35.72
N SER A 410 -23.49 -16.09 -36.08
CA SER A 410 -24.74 -16.14 -35.30
C SER A 410 -25.03 -17.50 -34.67
N VAL A 411 -25.41 -17.44 -33.39
CA VAL A 411 -25.88 -18.60 -32.65
C VAL A 411 -27.36 -18.27 -32.42
N GLN A 412 -28.24 -19.27 -32.36
CA GLN A 412 -29.64 -18.99 -32.03
C GLN A 412 -30.37 -20.07 -31.24
N SER A 413 -29.83 -21.28 -31.22
CA SER A 413 -30.31 -22.30 -30.29
C SER A 413 -29.16 -22.82 -29.46
N SER A 414 -29.44 -23.78 -28.58
CA SER A 414 -28.41 -24.34 -27.70
C SER A 414 -27.60 -25.55 -28.20
N GLU A 415 -28.05 -26.23 -29.26
CA GLU A 415 -27.18 -27.24 -29.85
C GLU A 415 -26.12 -26.38 -30.53
N GLN A 416 -26.50 -25.13 -30.79
CA GLN A 416 -25.62 -24.11 -31.33
C GLN A 416 -24.84 -23.33 -30.24
N ILE A 417 -25.30 -23.40 -28.99
CA ILE A 417 -24.51 -22.87 -27.87
C ILE A 417 -23.43 -23.84 -27.38
N GLU A 418 -23.72 -25.14 -27.39
CA GLU A 418 -22.68 -26.09 -26.99
C GLU A 418 -21.84 -26.55 -28.19
N GLU A 419 -22.29 -26.27 -29.42
CA GLU A 419 -21.44 -26.53 -30.58
C GLU A 419 -20.22 -25.59 -30.55
N MET A 420 -20.38 -24.44 -29.89
CA MET A 420 -19.29 -23.48 -29.75
C MET A 420 -18.21 -23.91 -28.75
N PHE A 421 -18.46 -24.99 -28.01
CA PHE A 421 -17.50 -25.44 -27.01
C PHE A 421 -16.48 -26.44 -27.53
N ASP A 422 -16.04 -26.31 -28.78
CA ASP A 422 -14.95 -27.13 -29.28
C ASP A 422 -13.63 -26.36 -29.28
N SER A 423 -12.59 -26.99 -28.72
CA SER A 423 -11.36 -26.27 -28.36
C SER A 423 -10.55 -25.88 -29.59
N LEU A 424 -11.15 -26.16 -30.75
CA LEU A 424 -10.58 -25.76 -32.02
C LEU A 424 -10.76 -24.28 -32.21
N SER A 425 -11.95 -23.80 -31.86
CA SER A 425 -12.17 -22.37 -31.92
C SER A 425 -11.28 -21.65 -30.91
N TYR A 426 -11.12 -22.25 -29.74
CA TYR A 426 -10.35 -21.63 -28.67
C TYR A 426 -8.95 -21.46 -29.15
N PHE A 427 -8.38 -22.54 -29.65
CA PHE A 427 -6.97 -22.53 -30.06
C PHE A 427 -6.70 -21.70 -31.30
N LYS A 428 -7.66 -21.68 -32.21
CA LYS A 428 -7.51 -20.81 -33.34
C LYS A 428 -7.54 -19.36 -32.83
N GLY A 429 -8.55 -19.00 -32.01
CA GLY A 429 -8.63 -17.67 -31.42
C GLY A 429 -7.29 -17.28 -30.81
N SER A 430 -6.83 -18.15 -29.91
CA SER A 430 -5.48 -18.08 -29.35
C SER A 430 -4.37 -17.78 -30.35
N SER A 431 -4.43 -18.42 -31.51
CA SER A 431 -3.44 -18.21 -32.56
C SER A 431 -3.49 -16.83 -33.13
N LEU A 432 -4.69 -16.25 -33.14
CA LEU A 432 -4.89 -14.96 -33.79
C LEU A 432 -4.30 -13.85 -32.95
N LEU A 433 -4.50 -13.96 -31.63
CA LEU A 433 -3.95 -13.00 -30.67
C LEU A 433 -2.43 -12.98 -30.62
N LEU A 434 -1.79 -14.15 -30.75
CA LEU A 434 -0.33 -14.19 -30.85
C LEU A 434 0.16 -13.53 -32.12
N MET A 435 -0.61 -13.68 -33.19
CA MET A 435 -0.30 -13.03 -34.45
C MET A 435 -0.61 -11.53 -34.40
N LEU A 436 -1.70 -11.19 -33.72
CA LEU A 436 -2.04 -9.79 -33.52
C LEU A 436 -1.02 -9.14 -32.60
N LYS A 437 -0.60 -9.86 -31.59
CA LYS A 437 0.24 -9.21 -30.63
C LYS A 437 1.70 -9.25 -31.05
N THR A 438 2.11 -10.03 -32.04
CA THR A 438 3.50 -9.79 -32.45
C THR A 438 3.60 -8.80 -33.61
N TYR A 439 2.48 -8.57 -34.30
CA TYR A 439 2.45 -7.56 -35.35
C TYR A 439 2.50 -6.18 -34.70
N LEU A 440 1.45 -5.80 -33.97
CA LEU A 440 1.53 -4.70 -33.00
C LEU A 440 2.56 -5.10 -31.94
N SER A 441 3.17 -4.15 -31.24
CA SER A 441 4.17 -4.53 -30.24
C SER A 441 3.54 -5.35 -29.09
N GLU A 442 4.34 -5.92 -28.19
CA GLU A 442 3.76 -6.49 -26.96
C GLU A 442 3.23 -5.41 -26.02
N ASP A 443 3.92 -4.27 -25.94
CA ASP A 443 3.48 -3.13 -25.17
C ASP A 443 2.16 -2.61 -25.73
N VAL A 444 2.16 -2.31 -27.02
CA VAL A 444 0.97 -1.79 -27.70
C VAL A 444 -0.17 -2.74 -27.46
N PHE A 445 0.18 -4.02 -27.45
CA PHE A 445 -0.80 -5.03 -27.21
C PHE A 445 -1.31 -4.90 -25.77
N GLN A 446 -0.39 -4.72 -24.84
CA GLN A 446 -0.77 -4.63 -23.44
C GLN A 446 -1.73 -3.51 -23.11
N HIS A 447 -1.41 -2.26 -23.52
CA HIS A 447 -2.24 -1.14 -23.13
CA HIS A 447 -2.26 -1.16 -23.10
C HIS A 447 -3.63 -1.28 -23.73
N ALA A 448 -3.68 -1.68 -24.99
CA ALA A 448 -4.94 -1.83 -25.70
C ALA A 448 -5.74 -2.94 -25.07
N VAL A 449 -5.01 -3.88 -24.48
CA VAL A 449 -5.62 -4.87 -23.61
C VAL A 449 -6.12 -4.20 -22.34
N VAL A 450 -5.23 -3.48 -21.68
CA VAL A 450 -5.54 -2.75 -20.46
C VAL A 450 -6.65 -1.72 -20.73
N LEU A 451 -6.50 -0.99 -21.82
CA LEU A 451 -7.52 -0.03 -22.22
C LEU A 451 -8.84 -0.72 -22.47
N TYR A 452 -8.79 -1.94 -23.01
CA TYR A 452 -10.01 -2.70 -23.22
C TYR A 452 -10.65 -3.02 -21.90
N LEU A 453 -9.79 -3.43 -20.96
CA LEU A 453 -10.24 -3.89 -19.66
C LEU A 453 -10.95 -2.84 -18.86
N HIS A 454 -10.40 -1.64 -18.84
CA HIS A 454 -10.95 -0.59 -18.01
C HIS A 454 -12.30 -0.10 -18.55
N ASN A 455 -12.38 0.16 -19.87
CA ASN A 455 -13.57 0.74 -20.48
C ASN A 455 -14.89 -0.01 -20.26
N HIS A 456 -14.91 -1.34 -20.20
CA HIS A 456 -16.20 -2.05 -19.88
C HIS A 456 -16.09 -3.15 -18.86
N SER A 457 -15.30 -2.93 -17.80
CA SER A 457 -15.36 -3.81 -16.65
C SER A 457 -16.79 -3.97 -16.17
N TYR A 458 -17.07 -5.07 -15.50
CA TYR A 458 -18.41 -5.39 -14.97
CA TYR A 458 -18.41 -5.34 -14.93
C TYR A 458 -19.50 -5.25 -16.00
N ALA A 459 -19.10 -5.29 -17.28
CA ALA A 459 -20.07 -5.12 -18.35
C ALA A 459 -20.04 -6.26 -19.37
N SER A 460 -21.14 -6.41 -20.12
CA SER A 460 -21.20 -7.36 -21.24
C SER A 460 -20.74 -6.72 -22.56
N ILE A 461 -20.10 -7.52 -23.41
CA ILE A 461 -19.55 -7.02 -24.66
C ILE A 461 -19.77 -7.93 -25.87
N GLN A 462 -19.61 -7.36 -27.05
CA GLN A 462 -19.52 -8.16 -28.25
C GLN A 462 -18.11 -8.10 -28.80
N SER A 463 -17.83 -9.04 -29.70
CA SER A 463 -16.53 -9.30 -30.28
C SER A 463 -15.75 -8.10 -30.76
N ASP A 464 -16.43 -7.26 -31.53
CA ASP A 464 -15.75 -6.18 -32.25
C ASP A 464 -15.22 -5.10 -31.29
N ASP A 465 -15.74 -5.13 -30.05
CA ASP A 465 -15.39 -4.15 -29.02
C ASP A 465 -13.95 -4.23 -28.61
N LEU A 466 -13.41 -5.44 -28.59
CA LEU A 466 -11.98 -5.64 -28.40
C LEU A 466 -11.17 -5.08 -29.57
N TRP A 467 -11.69 -5.24 -30.78
CA TRP A 467 -10.98 -4.73 -31.96
C TRP A 467 -10.98 -3.18 -31.89
N ASP A 468 -12.01 -2.58 -31.29
CA ASP A 468 -12.03 -1.13 -31.20
C ASP A 468 -11.04 -0.58 -30.17
N SER A 469 -10.87 -1.25 -29.04
CA SER A 469 -9.89 -0.84 -28.03
C SER A 469 -8.49 -0.90 -28.56
N PHE A 470 -8.36 -1.68 -29.62
CA PHE A 470 -7.10 -1.81 -30.31
C PHE A 470 -6.95 -0.68 -31.28
N ASN A 471 -8.03 -0.26 -31.92
CA ASN A 471 -7.93 0.85 -32.85
C ASN A 471 -7.65 2.18 -32.15
N GLU A 472 -7.46 2.11 -30.84
CA GLU A 472 -6.70 3.12 -30.14
C GLU A 472 -5.29 2.58 -30.14
N VAL A 473 -4.83 2.18 -31.33
CA VAL A 473 -3.44 1.82 -31.58
C VAL A 473 -2.82 3.03 -32.17
N THR A 474 -1.50 3.06 -32.16
CA THR A 474 -0.75 4.19 -32.68
C THR A 474 -1.02 5.41 -31.79
N ASN A 475 -0.58 6.59 -32.24
CA ASN A 475 -0.99 7.85 -31.62
C ASN A 475 -2.53 7.98 -31.49
N GLN A 476 -3.29 7.39 -32.44
CA GLN A 476 -4.69 6.96 -32.21
C GLN A 476 -5.35 6.03 -33.27
N THR A 477 -5.16 6.19 -34.58
CA THR A 477 -5.69 5.20 -35.54
C THR A 477 -4.88 5.10 -36.85
N LEU A 478 -3.76 4.38 -36.86
CA LEU A 478 -2.99 4.22 -38.12
C LEU A 478 -3.35 3.00 -38.99
N ASP A 479 -4.00 2.00 -38.43
CA ASP A 479 -4.69 0.99 -39.24
C ASP A 479 -5.85 0.35 -38.48
N VAL A 480 -6.77 -0.27 -39.23
CA VAL A 480 -8.03 -0.72 -38.64
C VAL A 480 -7.97 -2.20 -38.26
N LYS A 481 -8.83 -2.60 -37.33
CA LYS A 481 -9.01 -3.99 -36.99
C LYS A 481 -10.29 -4.39 -37.67
N ARG A 482 -10.31 -4.11 -38.97
CA ARG A 482 -11.14 -4.77 -39.97
C ARG A 482 -10.33 -6.01 -40.39
N MET A 483 -9.04 -5.91 -40.09
CA MET A 483 -8.08 -6.99 -40.27
C MET A 483 -8.55 -8.27 -39.62
N MET A 484 -8.80 -8.20 -38.33
CA MET A 484 -9.21 -9.39 -37.60
C MET A 484 -10.56 -9.98 -38.03
N LYS A 485 -11.44 -9.17 -38.63
CA LYS A 485 -12.69 -9.77 -39.09
C LYS A 485 -12.59 -10.58 -40.35
N THR A 486 -11.42 -10.59 -41.01
CA THR A 486 -11.18 -11.53 -42.12
C THR A 486 -10.86 -12.93 -41.59
N TRP A 487 -10.13 -13.00 -40.47
CA TRP A 487 -9.75 -14.25 -39.82
C TRP A 487 -10.90 -14.89 -39.06
N THR A 488 -11.76 -14.05 -38.50
CA THR A 488 -12.85 -14.54 -37.68
C THR A 488 -13.98 -15.06 -38.56
N LEU A 489 -14.23 -14.38 -39.66
CA LEU A 489 -15.41 -14.66 -40.48
C LEU A 489 -15.25 -15.77 -41.55
N GLN A 490 -14.01 -16.13 -41.90
CA GLN A 490 -13.76 -17.16 -42.91
C GLN A 490 -13.14 -18.40 -42.37
N LYS A 491 -13.64 -19.55 -42.79
CA LYS A 491 -13.04 -20.84 -42.45
C LYS A 491 -11.64 -20.99 -43.05
N GLY A 492 -10.75 -21.70 -42.38
CA GLY A 492 -9.47 -22.06 -42.94
C GLY A 492 -8.42 -21.02 -42.70
N PHE A 493 -7.41 -20.99 -43.54
CA PHE A 493 -6.31 -20.04 -43.34
C PHE A 493 -5.53 -19.94 -44.64
N PRO A 494 -4.85 -18.82 -44.87
CA PRO A 494 -4.21 -18.61 -46.17
C PRO A 494 -2.96 -19.46 -46.38
N LEU A 495 -2.73 -19.92 -47.61
CA LEU A 495 -1.44 -20.46 -48.03
C LEU A 495 -0.65 -19.37 -48.74
N VAL A 496 0.48 -18.97 -48.18
CA VAL A 496 1.25 -17.87 -48.75
C VAL A 496 2.39 -18.37 -49.59
N THR A 497 2.34 -18.12 -50.90
CA THR A 497 3.42 -18.55 -51.78
C THR A 497 4.46 -17.46 -51.98
N VAL A 498 5.72 -17.84 -51.81
CA VAL A 498 6.80 -16.90 -52.00
C VAL A 498 7.79 -17.34 -53.08
N GLN A 499 8.06 -16.45 -54.07
CA GLN A 499 9.09 -16.63 -55.15
C GLN A 499 10.17 -15.62 -55.13
N LYS A 500 11.44 -16.02 -55.27
CA LYS A 500 12.38 -14.90 -55.37
C LYS A 500 13.61 -14.79 -56.26
N LYS A 501 13.54 -13.64 -56.94
CA LYS A 501 14.22 -13.33 -58.19
C LYS A 501 15.08 -12.04 -58.23
N GLY A 502 16.14 -11.92 -57.38
CA GLY A 502 17.09 -10.79 -57.39
C GLY A 502 16.70 -9.33 -57.08
N LYS A 503 15.82 -9.06 -56.12
CA LYS A 503 15.45 -7.64 -55.72
C LYS A 503 14.23 -7.63 -54.71
N GLU A 504 12.97 -7.74 -55.17
CA GLU A 504 11.95 -8.70 -54.65
C GLU A 504 11.45 -9.09 -53.20
N LEU A 505 10.18 -9.43 -53.14
CA LEU A 505 9.70 -10.59 -52.40
C LEU A 505 8.30 -10.73 -52.91
N PHE A 506 8.04 -11.65 -53.84
CA PHE A 506 6.73 -11.75 -54.46
C PHE A 506 5.82 -12.60 -53.57
N ILE A 507 4.80 -12.00 -52.97
CA ILE A 507 4.01 -12.68 -51.94
C ILE A 507 2.60 -12.87 -52.43
N GLN A 508 2.14 -14.11 -52.55
CA GLN A 508 0.76 -14.28 -52.96
C GLN A 508 0.05 -15.26 -52.04
N GLN A 509 -1.26 -15.16 -52.05
CA GLN A 509 -2.15 -15.84 -51.15
C GLN A 509 -3.39 -16.60 -51.68
N GLU A 510 -3.67 -17.73 -51.05
CA GLU A 510 -4.89 -18.47 -51.32
C GLU A 510 -5.26 -19.34 -50.12
N ARG A 511 -6.50 -19.79 -50.08
CA ARG A 511 -6.94 -20.64 -49.01
C ARG A 511 -6.27 -21.99 -49.07
N PHE A 512 -5.77 -22.43 -47.94
CA PHE A 512 -5.19 -23.72 -47.86
C PHE A 512 -6.33 -24.74 -47.85
N PHE A 513 -6.57 -25.33 -49.00
CA PHE A 513 -7.62 -26.34 -49.13
C PHE A 513 -6.99 -27.72 -49.43
N LEU A 514 -7.56 -28.77 -48.88
CA LEU A 514 -7.11 -30.10 -49.24
C LEU A 514 -8.01 -30.68 -50.36
N ASN A 515 -7.55 -30.46 -51.59
CA ASN A 515 -8.20 -30.75 -52.89
C ASN A 515 -9.49 -31.55 -53.10
N MET A 516 -9.44 -32.35 -54.17
CA MET A 516 -10.55 -32.50 -55.13
C MET A 516 -11.97 -32.57 -54.55
N SER A 523 -15.64 -23.66 -55.87
CA SER A 523 -14.90 -22.66 -56.63
C SER A 523 -15.27 -21.21 -56.21
N ASP A 524 -14.76 -20.79 -55.05
CA ASP A 524 -15.01 -19.47 -54.45
C ASP A 524 -13.69 -18.76 -54.14
N THR A 525 -13.62 -17.45 -54.41
CA THR A 525 -12.40 -16.69 -54.09
C THR A 525 -12.56 -15.29 -53.50
N SER A 526 -13.51 -15.04 -52.59
CA SER A 526 -13.52 -13.71 -51.94
C SER A 526 -12.84 -13.95 -50.57
N TYR A 527 -12.13 -15.08 -50.54
CA TYR A 527 -11.20 -15.44 -49.49
C TYR A 527 -9.98 -14.59 -49.62
N LEU A 528 -9.90 -13.58 -48.78
CA LEU A 528 -8.73 -12.75 -48.71
C LEU A 528 -8.39 -12.45 -47.26
N TRP A 529 -7.11 -12.47 -46.96
CA TRP A 529 -6.67 -12.17 -45.61
C TRP A 529 -5.76 -10.97 -45.52
N HIS A 530 -5.95 -10.23 -44.43
CA HIS A 530 -4.99 -9.22 -44.02
C HIS A 530 -3.93 -9.89 -43.16
N ILE A 531 -2.72 -9.95 -43.69
CA ILE A 531 -1.69 -10.82 -43.16
C ILE A 531 -0.41 -10.13 -42.76
N PRO A 532 -0.06 -10.21 -41.47
CA PRO A 532 1.24 -9.77 -40.99
C PRO A 532 2.34 -10.66 -41.53
N LEU A 533 3.25 -10.17 -42.36
CA LEU A 533 4.28 -11.03 -42.95
C LEU A 533 5.64 -10.80 -42.31
N SER A 534 5.88 -11.47 -41.19
CA SER A 534 7.19 -11.45 -40.62
C SER A 534 8.10 -12.20 -41.59
N TYR A 535 9.34 -11.76 -41.71
CA TYR A 535 10.30 -12.51 -42.51
C TYR A 535 11.69 -12.19 -42.05
N VAL A 536 12.55 -13.18 -42.09
CA VAL A 536 13.91 -13.00 -41.63
C VAL A 536 14.85 -13.51 -42.68
N THR A 537 16.00 -12.86 -42.84
CA THR A 537 16.93 -13.27 -43.88
C THR A 537 18.35 -13.18 -43.38
N GLU A 538 19.29 -13.35 -44.29
CA GLU A 538 20.68 -13.26 -43.95
C GLU A 538 21.37 -13.07 -45.27
N GLY A 539 22.28 -12.10 -45.41
CA GLY A 539 22.91 -11.97 -46.72
C GLY A 539 24.39 -11.62 -46.72
N ARG A 540 24.66 -10.35 -46.93
CA ARG A 540 25.80 -9.70 -46.35
C ARG A 540 26.18 -10.31 -44.97
N ASN A 541 27.49 -10.44 -44.79
CA ASN A 541 28.26 -10.82 -43.57
C ASN A 541 27.75 -11.83 -42.53
N TYR A 542 26.71 -12.62 -42.77
CA TYR A 542 26.04 -13.36 -41.67
C TYR A 542 25.28 -12.35 -40.75
N SER A 543 24.64 -11.32 -41.31
CA SER A 543 23.88 -10.37 -40.48
C SER A 543 22.38 -10.50 -40.66
N LYS A 544 21.70 -11.02 -39.65
CA LYS A 544 20.30 -11.38 -39.79
C LYS A 544 19.38 -10.16 -39.89
N TYR A 545 18.72 -10.02 -41.02
CA TYR A 545 17.70 -8.99 -41.16
C TYR A 545 16.29 -9.59 -41.05
N GLN A 546 15.47 -9.03 -40.18
CA GLN A 546 14.09 -9.47 -40.05
C GLN A 546 13.14 -8.28 -40.24
N SER A 547 12.00 -8.48 -40.91
CA SER A 547 11.04 -7.37 -40.98
C SER A 547 9.57 -7.74 -41.17
N VAL A 548 8.71 -6.77 -40.86
CA VAL A 548 7.28 -7.01 -40.80
C VAL A 548 6.63 -6.22 -41.95
N SER A 549 5.49 -6.72 -42.42
CA SER A 549 4.77 -6.11 -43.55
C SER A 549 3.38 -6.72 -43.72
N LEU A 550 2.34 -5.91 -43.87
CA LEU A 550 1.02 -6.51 -43.95
C LEU A 550 0.47 -6.53 -45.38
N LEU A 551 0.42 -7.75 -45.90
CA LEU A 551 -0.16 -8.05 -47.19
C LEU A 551 -1.66 -8.04 -47.05
N ASP A 552 -2.33 -7.08 -47.68
CA ASP A 552 -3.80 -7.03 -47.62
C ASP A 552 -4.52 -7.15 -48.98
N LYS A 553 -3.82 -7.62 -50.01
CA LYS A 553 -4.49 -8.02 -51.25
C LYS A 553 -3.97 -9.35 -51.71
N LYS A 554 -4.50 -9.84 -52.83
CA LYS A 554 -4.19 -11.16 -53.37
C LYS A 554 -2.72 -11.40 -53.75
N SER A 555 -2.03 -10.33 -54.08
CA SER A 555 -0.63 -10.42 -54.33
C SER A 555 -0.03 -9.14 -53.84
N GLY A 556 1.28 -9.18 -53.59
CA GLY A 556 1.95 -8.01 -53.11
C GLY A 556 3.42 -8.31 -53.20
N VAL A 557 4.23 -7.33 -52.83
CA VAL A 557 5.66 -7.50 -52.95
C VAL A 557 6.38 -6.61 -51.95
N ILE A 558 7.43 -7.17 -51.34
CA ILE A 558 8.25 -6.41 -50.38
C ILE A 558 9.69 -6.42 -50.83
N ASN A 559 10.30 -5.25 -50.76
CA ASN A 559 11.66 -5.06 -51.22
C ASN A 559 12.69 -5.24 -50.12
N LEU A 560 13.57 -6.21 -50.29
CA LEU A 560 14.66 -6.42 -49.37
C LEU A 560 15.87 -5.50 -49.65
N THR A 561 16.61 -5.16 -48.60
CA THR A 561 17.79 -4.28 -48.69
C THR A 561 19.04 -4.84 -49.36
N GLU A 562 19.39 -6.05 -49.00
CA GLU A 562 20.61 -6.72 -49.45
C GLU A 562 20.29 -7.75 -50.62
N GLU A 563 21.19 -8.56 -51.18
CA GLU A 563 20.62 -9.74 -51.88
C GLU A 563 20.90 -11.11 -51.27
N VAL A 564 19.94 -11.62 -50.49
CA VAL A 564 20.15 -12.83 -49.68
C VAL A 564 20.22 -14.18 -50.41
N LEU A 565 20.70 -15.18 -49.68
CA LEU A 565 20.85 -16.52 -50.24
C LEU A 565 19.66 -17.32 -49.78
N TRP A 566 19.20 -17.00 -48.58
CA TRP A 566 17.97 -17.59 -48.10
C TRP A 566 17.12 -16.53 -47.41
N VAL A 567 15.81 -16.67 -47.56
CA VAL A 567 14.86 -15.90 -46.80
C VAL A 567 13.94 -16.92 -46.10
N LYS A 568 13.48 -16.57 -44.89
CA LYS A 568 12.46 -17.35 -44.19
C LYS A 568 11.26 -16.48 -43.84
N VAL A 569 10.05 -16.93 -44.19
CA VAL A 569 8.84 -16.15 -43.98
C VAL A 569 8.07 -16.67 -42.77
N ASN A 570 7.43 -15.75 -42.04
CA ASN A 570 6.71 -16.05 -40.82
C ASN A 570 7.66 -16.44 -39.67
N ILE A 571 8.26 -15.42 -39.05
CA ILE A 571 9.18 -15.63 -37.92
C ILE A 571 8.51 -16.39 -36.79
N ASN A 572 9.10 -17.52 -36.38
CA ASN A 572 8.62 -18.31 -35.24
C ASN A 572 7.15 -18.72 -35.35
N MET A 573 6.70 -18.92 -36.58
CA MET A 573 5.29 -19.16 -36.85
C MET A 573 4.31 -18.31 -36.09
N ASN A 574 4.65 -17.05 -35.92
CA ASN A 574 3.79 -16.10 -35.26
C ASN A 574 2.50 -15.88 -35.97
N GLY A 575 2.53 -16.01 -37.28
CA GLY A 575 1.33 -15.82 -38.08
C GLY A 575 0.66 -17.15 -38.32
N TYR A 576 -0.66 -17.18 -38.25
CA TYR A 576 -1.45 -18.40 -38.46
C TYR A 576 -1.58 -18.72 -39.92
N TYR A 577 -0.51 -19.16 -40.53
CA TYR A 577 -0.63 -19.56 -41.93
C TYR A 577 0.51 -20.48 -42.40
N ILE A 578 0.34 -21.05 -43.58
CA ILE A 578 1.37 -21.91 -44.14
C ILE A 578 2.08 -21.19 -45.27
N VAL A 579 3.39 -21.28 -45.34
CA VAL A 579 4.14 -20.69 -46.44
C VAL A 579 4.80 -21.71 -47.36
N HIS A 580 4.48 -21.61 -48.65
CA HIS A 580 5.06 -22.45 -49.68
C HIS A 580 6.01 -21.68 -50.57
N TYR A 581 7.15 -22.26 -50.87
CA TYR A 581 8.11 -21.57 -51.71
C TYR A 581 8.18 -22.07 -53.13
N ALA A 582 8.79 -21.27 -53.97
CA ALA A 582 9.12 -21.72 -55.31
C ALA A 582 10.35 -22.58 -55.17
N ASP A 583 10.57 -23.42 -56.16
CA ASP A 583 11.41 -24.56 -55.93
C ASP A 583 12.86 -24.35 -55.53
N ASP A 584 13.59 -23.35 -56.02
CA ASP A 584 14.93 -23.22 -55.41
C ASP A 584 14.98 -22.08 -54.42
N ASP A 585 13.81 -21.73 -53.88
CA ASP A 585 13.81 -21.00 -52.63
C ASP A 585 13.67 -22.04 -51.49
N TRP A 586 13.06 -23.18 -51.78
CA TRP A 586 12.94 -24.24 -50.78
C TRP A 586 14.29 -24.92 -50.65
N GLU A 587 14.98 -25.09 -51.78
CA GLU A 587 16.32 -25.67 -51.77
C GLU A 587 17.42 -24.69 -51.44
N ALA A 588 17.03 -23.46 -51.12
CA ALA A 588 17.93 -22.56 -50.43
C ALA A 588 17.99 -22.90 -48.93
N LEU A 589 16.83 -22.89 -48.29
CA LEU A 589 16.75 -23.13 -46.86
C LEU A 589 17.30 -24.47 -46.46
N ILE A 590 16.92 -25.53 -47.20
CA ILE A 590 17.41 -26.86 -46.85
C ILE A 590 18.93 -26.91 -46.93
N HIS A 591 19.51 -26.26 -47.93
CA HIS A 591 20.95 -26.33 -48.05
C HIS A 591 21.48 -25.64 -46.83
N GLN A 592 20.83 -24.53 -46.49
CA GLN A 592 21.22 -23.70 -45.36
C GLN A 592 21.11 -24.40 -44.02
N LEU A 593 20.19 -25.36 -43.93
CA LEU A 593 20.00 -26.14 -42.71
C LEU A 593 21.11 -27.19 -42.55
N LYS A 594 21.66 -27.69 -43.66
CA LYS A 594 22.71 -28.69 -43.53
C LYS A 594 24.02 -28.01 -43.20
N ILE A 595 24.18 -26.78 -43.68
CA ILE A 595 25.34 -25.99 -43.27
C ILE A 595 25.18 -25.71 -41.78
N ASN A 596 24.65 -24.52 -41.47
CA ASN A 596 24.37 -24.10 -40.10
C ASN A 596 22.87 -23.82 -39.84
N PRO A 597 22.18 -24.79 -39.26
CA PRO A 597 20.75 -24.61 -39.03
C PRO A 597 20.41 -23.66 -37.90
N TYR A 598 21.37 -23.35 -37.04
CA TYR A 598 21.09 -22.63 -35.82
C TYR A 598 21.04 -21.14 -36.09
N VAL A 599 21.20 -20.81 -37.36
CA VAL A 599 20.94 -19.45 -37.82
C VAL A 599 19.41 -19.13 -37.76
N LEU A 600 18.61 -20.14 -37.44
CA LEU A 600 17.16 -19.98 -37.29
C LEU A 600 16.74 -20.38 -35.88
N SER A 601 15.54 -20.03 -35.45
CA SER A 601 15.13 -20.54 -34.15
C SER A 601 14.70 -22.00 -34.27
N ASP A 602 14.38 -22.62 -33.14
CA ASP A 602 13.93 -23.99 -33.16
C ASP A 602 12.46 -23.96 -33.45
N LYS A 603 11.84 -22.78 -33.34
CA LYS A 603 10.42 -22.73 -33.63
C LYS A 603 10.32 -22.62 -35.17
N ASP A 604 11.21 -21.82 -35.78
CA ASP A 604 11.26 -21.74 -37.23
C ASP A 604 11.59 -23.08 -37.87
N ARG A 605 12.62 -23.73 -37.37
CA ARG A 605 13.00 -25.02 -37.93
C ARG A 605 11.82 -25.99 -37.84
N ALA A 606 11.08 -25.93 -36.76
CA ALA A 606 9.98 -26.85 -36.56
C ALA A 606 8.88 -26.47 -37.53
N ASN A 607 8.73 -25.19 -37.75
CA ASN A 607 7.82 -24.74 -38.75
C ASN A 607 8.14 -25.27 -40.15
N LEU A 608 9.35 -25.14 -40.65
CA LEU A 608 9.60 -25.74 -41.96
C LEU A 608 9.24 -27.24 -41.98
N ILE A 609 9.65 -27.99 -40.97
CA ILE A 609 9.35 -29.39 -40.99
C ILE A 609 7.83 -29.62 -41.02
N ASN A 610 7.07 -28.91 -40.18
CA ASN A 610 5.60 -28.99 -40.25
C ASN A 610 5.11 -28.77 -41.66
N ASN A 611 5.50 -27.62 -42.20
CA ASN A 611 4.98 -27.17 -43.49
C ASN A 611 5.27 -28.09 -44.71
N ILE A 612 6.56 -28.31 -44.93
CA ILE A 612 7.04 -29.13 -46.00
C ILE A 612 6.37 -30.51 -46.05
N PHE A 613 5.86 -30.99 -44.93
CA PHE A 613 5.28 -32.31 -44.91
C PHE A 613 3.83 -32.24 -45.19
N GLU A 614 3.19 -31.20 -44.68
CA GLU A 614 1.76 -31.11 -44.88
C GLU A 614 1.49 -30.68 -46.32
N LEU A 615 2.32 -29.77 -46.86
CA LEU A 615 2.28 -29.44 -48.29
C LEU A 615 2.43 -30.70 -49.13
N ALA A 616 3.48 -31.49 -48.95
CA ALA A 616 3.67 -32.71 -49.73
C ALA A 616 2.47 -33.67 -49.57
N GLY A 617 1.58 -33.39 -48.62
CA GLY A 617 0.35 -34.15 -48.50
C GLY A 617 -0.61 -33.59 -49.53
N LEU A 618 -0.77 -32.27 -49.52
CA LEU A 618 -1.62 -31.56 -50.44
C LEU A 618 -1.06 -31.67 -51.89
N GLY A 619 0.15 -32.23 -52.02
CA GLY A 619 0.75 -32.45 -53.32
C GLY A 619 1.75 -31.39 -53.80
N LYS A 620 1.52 -30.12 -53.47
CA LYS A 620 2.40 -28.99 -53.84
C LYS A 620 3.91 -29.11 -53.65
N VAL A 621 4.39 -30.28 -53.29
CA VAL A 621 5.80 -30.60 -53.15
C VAL A 621 5.92 -32.10 -53.24
N PRO A 622 6.97 -32.61 -53.88
CA PRO A 622 7.21 -34.06 -53.83
C PRO A 622 7.60 -34.52 -52.41
N LEU A 623 7.18 -35.71 -52.01
CA LEU A 623 7.47 -36.20 -50.66
C LEU A 623 8.94 -36.31 -50.41
N LYS A 624 9.74 -36.32 -51.45
CA LYS A 624 11.15 -36.67 -51.29
C LYS A 624 11.99 -35.45 -50.97
N ARG A 625 11.40 -34.27 -51.06
CA ARG A 625 12.14 -33.09 -50.65
C ARG A 625 11.69 -32.63 -49.26
N ALA A 626 10.61 -33.19 -48.73
CA ALA A 626 10.39 -33.12 -47.29
C ALA A 626 11.48 -33.90 -46.61
N PHE A 627 11.67 -35.14 -47.05
CA PHE A 627 12.64 -35.96 -46.37
C PHE A 627 14.07 -35.53 -46.61
N ASP A 628 14.31 -34.63 -47.55
CA ASP A 628 15.67 -34.18 -47.70
C ASP A 628 15.79 -32.92 -46.86
N LEU A 629 14.66 -32.35 -46.44
CA LEU A 629 14.73 -31.20 -45.54
C LEU A 629 15.21 -31.66 -44.17
N ILE A 630 14.68 -32.77 -43.71
CA ILE A 630 15.03 -33.26 -42.40
C ILE A 630 16.32 -34.10 -42.46
N ASN A 631 17.08 -34.01 -43.55
CA ASN A 631 18.33 -34.76 -43.59
C ASN A 631 19.36 -33.94 -42.85
N TYR A 632 18.97 -32.69 -42.64
CA TYR A 632 19.43 -31.75 -41.61
C TYR A 632 19.59 -32.35 -40.22
N LEU A 633 18.62 -33.15 -39.80
CA LEU A 633 18.45 -33.55 -38.41
C LEU A 633 19.63 -34.28 -37.75
N GLY A 634 20.69 -34.59 -38.51
CA GLY A 634 21.88 -35.12 -37.89
C GLY A 634 22.45 -34.17 -36.85
N ASN A 635 22.26 -32.86 -37.08
CA ASN A 635 22.80 -31.79 -36.23
C ASN A 635 21.76 -31.03 -35.45
N GLU A 636 20.65 -31.68 -35.12
CA GLU A 636 19.65 -31.03 -34.31
C GLU A 636 19.74 -31.46 -32.85
N ASN A 637 19.57 -30.50 -31.94
CA ASN A 637 19.61 -30.76 -30.49
C ASN A 637 18.40 -30.17 -29.76
N HIS A 638 17.62 -29.31 -30.39
CA HIS A 638 16.41 -28.80 -29.75
C HIS A 638 15.23 -29.73 -29.94
N THR A 639 14.46 -29.94 -28.86
CA THR A 639 13.33 -30.86 -28.89
C THR A 639 12.30 -30.49 -29.95
N ALA A 640 11.92 -29.22 -30.03
CA ALA A 640 10.76 -28.82 -30.83
C ALA A 640 10.78 -29.38 -32.27
N PRO A 641 11.90 -29.21 -33.00
CA PRO A 641 11.94 -29.75 -34.36
C PRO A 641 12.04 -31.27 -34.44
N ILE A 642 12.63 -31.89 -33.45
CA ILE A 642 12.81 -33.34 -33.50
C ILE A 642 11.48 -34.01 -33.24
N THR A 643 10.69 -33.47 -32.34
CA THR A 643 9.46 -34.14 -32.10
C THR A 643 8.54 -33.94 -33.28
N GLU A 644 8.58 -32.75 -33.89
CA GLU A 644 7.69 -32.47 -35.00
C GLU A 644 8.06 -33.30 -36.18
N ALA A 645 9.36 -33.51 -36.42
CA ALA A 645 9.73 -34.45 -37.49
C ALA A 645 9.29 -35.85 -37.12
N LEU A 646 9.50 -36.28 -35.88
CA LEU A 646 9.07 -37.61 -35.48
C LEU A 646 7.57 -37.81 -35.57
N PHE A 647 6.81 -36.74 -35.36
CA PHE A 647 5.36 -36.77 -35.51
C PHE A 647 5.05 -37.10 -36.93
N GLN A 648 5.62 -36.29 -37.81
CA GLN A 648 5.35 -36.46 -39.22
C GLN A 648 5.69 -37.86 -39.70
N THR A 649 6.97 -38.22 -39.62
CA THR A 649 7.42 -39.54 -40.08
C THR A 649 6.55 -40.68 -39.55
N ASP A 650 5.97 -40.53 -38.36
CA ASP A 650 5.27 -41.68 -37.86
C ASP A 650 3.80 -41.66 -38.33
N LEU A 651 3.29 -40.53 -38.79
CA LEU A 651 1.99 -40.62 -39.46
C LEU A 651 2.23 -41.42 -40.73
N ILE A 652 3.30 -41.09 -41.43
CA ILE A 652 3.62 -41.85 -42.62
C ILE A 652 3.86 -43.31 -42.28
N TYR A 653 4.61 -43.58 -41.21
CA TYR A 653 4.84 -44.97 -40.84
C TYR A 653 3.52 -45.69 -40.66
N ASN A 654 2.60 -45.11 -39.91
CA ASN A 654 1.39 -45.86 -39.62
C ASN A 654 0.48 -46.00 -40.79
N LEU A 655 0.45 -45.00 -41.66
CA LEU A 655 -0.48 -45.11 -42.77
C LEU A 655 -0.06 -46.29 -43.61
N LEU A 656 1.23 -46.33 -43.93
CA LEU A 656 1.83 -47.43 -44.68
C LEU A 656 1.58 -48.76 -44.02
N GLU A 657 1.90 -48.86 -42.73
CA GLU A 657 1.77 -50.08 -42.00
C GLU A 657 0.34 -50.69 -42.05
N LYS A 658 -0.70 -49.86 -42.19
CA LYS A 658 -2.08 -50.39 -42.19
C LYS A 658 -2.47 -50.88 -43.55
N LEU A 659 -1.87 -50.26 -44.58
CA LEU A 659 -1.85 -50.82 -45.94
C LEU A 659 -0.92 -51.96 -45.73
N GLY A 660 -0.79 -52.86 -46.67
CA GLY A 660 0.13 -53.94 -46.36
C GLY A 660 1.60 -53.57 -46.31
N TYR A 661 1.94 -52.35 -46.72
CA TYR A 661 3.30 -52.07 -47.15
C TYR A 661 4.26 -52.03 -45.99
N MET A 662 4.27 -53.09 -45.18
CA MET A 662 5.08 -53.14 -43.94
C MET A 662 6.56 -52.92 -44.17
N ASP A 663 7.06 -53.42 -45.28
CA ASP A 663 8.50 -53.31 -45.47
C ASP A 663 8.84 -51.86 -45.75
N LEU A 664 8.14 -51.23 -46.68
CA LEU A 664 8.28 -49.79 -46.87
C LEU A 664 8.28 -49.02 -45.54
N ALA A 665 7.33 -49.38 -44.67
CA ALA A 665 7.15 -48.67 -43.41
C ALA A 665 8.37 -48.77 -42.56
N SER A 666 8.90 -49.98 -42.49
CA SER A 666 9.99 -50.28 -41.59
C SER A 666 11.28 -49.62 -42.09
N ARG A 667 11.41 -49.50 -43.41
CA ARG A 667 12.62 -48.93 -43.98
C ARG A 667 12.58 -47.45 -43.80
N LEU A 668 11.36 -46.95 -43.64
CA LEU A 668 11.16 -45.54 -43.44
C LEU A 668 11.69 -45.09 -42.10
N VAL A 669 11.28 -45.78 -41.03
CA VAL A 669 11.69 -45.36 -39.68
C VAL A 669 13.17 -45.53 -39.48
N THR A 670 13.74 -46.64 -39.95
CA THR A 670 15.15 -46.90 -39.73
C THR A 670 16.02 -45.83 -40.40
N ARG A 671 15.44 -44.99 -41.25
CA ARG A 671 16.29 -43.97 -41.83
C ARG A 671 16.13 -42.66 -41.12
N VAL A 672 14.98 -42.52 -40.47
CA VAL A 672 14.84 -41.50 -39.48
C VAL A 672 15.75 -41.84 -38.32
N PHE A 673 15.73 -43.10 -37.95
CA PHE A 673 16.53 -43.53 -36.84
C PHE A 673 17.98 -43.17 -37.09
N LYS A 674 18.43 -43.33 -38.30
CA LYS A 674 19.83 -43.06 -38.55
C LYS A 674 20.23 -41.60 -38.54
N LEU A 675 19.28 -40.70 -38.78
CA LEU A 675 19.59 -39.29 -38.70
C LEU A 675 19.78 -38.89 -37.25
N LEU A 676 19.03 -39.57 -36.40
CA LEU A 676 18.90 -39.21 -35.01
C LEU A 676 19.62 -40.20 -34.12
N GLN A 677 20.60 -40.91 -34.69
CA GLN A 677 21.19 -42.05 -34.02
C GLN A 677 22.06 -41.64 -32.84
N ASN A 678 22.83 -40.58 -33.01
CA ASN A 678 23.67 -40.15 -31.89
C ASN A 678 22.80 -39.62 -30.77
N GLN A 679 21.90 -38.70 -31.07
CA GLN A 679 21.03 -38.15 -30.04
C GLN A 679 20.30 -39.25 -29.31
N ILE A 680 20.02 -40.35 -29.97
CA ILE A 680 19.27 -41.36 -29.29
C ILE A 680 20.13 -42.06 -28.29
N GLN A 681 21.25 -42.64 -28.73
CA GLN A 681 22.10 -43.33 -27.77
C GLN A 681 22.51 -42.38 -26.60
N GLN A 682 22.95 -41.15 -26.90
CA GLN A 682 23.37 -40.28 -25.79
C GLN A 682 22.28 -39.92 -24.80
N GLN A 683 21.08 -40.43 -24.98
CA GLN A 683 20.08 -40.17 -23.95
C GLN A 683 20.28 -41.10 -22.73
N THR A 684 20.24 -40.51 -21.54
CA THR A 684 20.37 -41.24 -20.27
C THR A 684 18.99 -41.50 -19.72
N TRP A 685 18.82 -42.68 -19.16
CA TRP A 685 17.50 -43.16 -18.72
C TRP A 685 17.15 -42.63 -17.36
N THR A 686 16.84 -41.35 -17.32
CA THR A 686 16.91 -40.57 -16.11
C THR A 686 15.72 -39.64 -16.01
N ASP A 687 15.78 -38.65 -15.13
CA ASP A 687 14.80 -37.56 -15.08
C ASP A 687 15.58 -36.26 -15.06
N GLU A 688 16.87 -36.38 -15.28
CA GLU A 688 17.74 -35.22 -15.24
C GLU A 688 17.67 -34.24 -16.39
N GLY A 689 17.39 -32.98 -16.09
CA GLY A 689 17.60 -31.98 -17.11
C GLY A 689 16.49 -30.98 -17.27
N THR A 690 16.70 -30.04 -18.19
CA THR A 690 15.68 -29.06 -18.42
C THR A 690 14.46 -29.80 -18.90
N PRO A 691 13.27 -29.25 -18.63
CA PRO A 691 12.01 -29.84 -19.10
C PRO A 691 12.12 -30.18 -20.57
N SER A 692 12.70 -29.24 -21.33
CA SER A 692 12.84 -29.38 -22.77
C SER A 692 13.63 -30.61 -23.10
N MET A 693 14.75 -30.80 -22.41
CA MET A 693 15.63 -31.90 -22.68
C MET A 693 15.13 -33.19 -22.04
N ARG A 694 14.16 -33.06 -21.15
CA ARG A 694 13.47 -34.24 -20.69
C ARG A 694 12.42 -34.72 -21.66
N GLU A 695 11.62 -33.79 -22.18
CA GLU A 695 10.60 -34.16 -23.16
C GLU A 695 11.29 -34.65 -24.44
N LEU A 696 12.40 -34.04 -24.84
CA LEU A 696 13.20 -34.65 -25.90
C LEU A 696 13.62 -36.09 -25.57
N ARG A 697 14.20 -36.28 -24.39
CA ARG A 697 14.61 -37.62 -23.94
C ARG A 697 13.50 -38.64 -24.02
N SER A 698 12.34 -38.26 -23.53
CA SER A 698 11.26 -39.22 -23.55
C SER A 698 10.78 -39.37 -25.00
N ALA A 699 10.95 -38.35 -25.85
CA ALA A 699 10.48 -38.51 -27.24
C ALA A 699 11.40 -39.45 -28.02
N LEU A 700 12.71 -39.26 -27.88
CA LEU A 700 13.65 -40.10 -28.60
C LEU A 700 13.63 -41.49 -28.06
N LEU A 701 13.45 -41.66 -26.76
CA LEU A 701 13.63 -42.99 -26.24
C LEU A 701 12.52 -43.96 -26.60
N GLU A 702 11.28 -43.51 -26.79
CA GLU A 702 10.31 -44.53 -27.16
C GLU A 702 9.93 -44.43 -28.59
N PHE A 703 10.59 -43.56 -29.31
CA PHE A 703 10.66 -43.77 -30.73
C PHE A 703 11.54 -44.98 -30.98
N ALA A 704 12.77 -44.95 -30.50
CA ALA A 704 13.71 -46.03 -30.76
C ALA A 704 13.18 -47.35 -30.20
N CYS A 705 12.27 -47.29 -29.24
CA CYS A 705 11.81 -48.53 -28.66
C CYS A 705 10.56 -49.07 -29.33
N THR A 706 9.73 -48.17 -29.85
CA THR A 706 8.47 -48.55 -30.48
C THR A 706 8.79 -49.42 -31.66
N HIS A 707 9.94 -49.12 -32.25
CA HIS A 707 10.40 -49.70 -33.49
C HIS A 707 11.60 -50.61 -33.35
N ASN A 708 11.95 -50.97 -32.11
CA ASN A 708 13.11 -51.80 -31.81
C ASN A 708 14.39 -51.33 -32.49
N LEU A 709 15.01 -50.29 -32.00
CA LEU A 709 16.19 -49.79 -32.68
C LEU A 709 17.31 -49.52 -31.70
N GLY A 710 18.27 -50.44 -31.69
CA GLY A 710 19.49 -50.37 -30.89
C GLY A 710 19.36 -50.95 -29.50
N ASN A 711 20.25 -50.56 -28.61
CA ASN A 711 20.28 -51.11 -27.27
C ASN A 711 18.91 -50.88 -26.57
N CYS A 712 18.22 -49.82 -27.00
CA CYS A 712 17.05 -49.25 -26.33
C CYS A 712 16.06 -50.27 -25.77
N SER A 713 15.56 -51.21 -26.55
CA SER A 713 14.57 -52.16 -26.01
C SER A 713 15.06 -52.96 -24.81
N THR A 714 16.31 -53.43 -24.85
CA THR A 714 16.91 -54.10 -23.68
C THR A 714 17.10 -53.19 -22.42
N THR A 715 17.83 -52.09 -22.59
CA THR A 715 17.98 -51.10 -21.52
C THR A 715 16.70 -50.98 -20.72
N ALA A 716 15.61 -50.92 -21.48
CA ALA A 716 14.25 -50.78 -20.97
C ALA A 716 13.75 -52.01 -20.25
N MET A 717 14.03 -53.16 -20.83
CA MET A 717 13.47 -54.40 -20.34
C MET A 717 14.29 -54.91 -19.14
N LYS A 718 15.49 -54.39 -18.91
CA LYS A 718 16.09 -54.67 -17.63
C LYS A 718 15.33 -53.82 -16.61
N LEU A 719 15.30 -52.51 -16.83
CA LEU A 719 14.56 -51.58 -15.98
C LEU A 719 13.15 -52.02 -15.63
N PHE A 720 12.54 -52.84 -16.47
CA PHE A 720 11.22 -53.38 -16.22
C PHE A 720 11.25 -54.55 -15.29
N ASP A 721 12.26 -55.40 -15.41
CA ASP A 721 12.31 -56.57 -14.53
C ASP A 721 12.64 -56.17 -13.10
N ASP A 722 13.56 -55.23 -12.95
CA ASP A 722 13.87 -54.68 -11.63
C ASP A 722 12.62 -54.10 -11.00
N TRP A 723 11.94 -53.28 -11.76
CA TRP A 723 10.71 -52.70 -11.28
C TRP A 723 9.69 -53.79 -10.97
N MET A 724 9.70 -54.91 -11.69
CA MET A 724 8.60 -55.85 -11.46
C MET A 724 8.92 -56.83 -10.35
N ALA A 725 10.21 -57.16 -10.27
CA ALA A 725 10.81 -57.84 -9.12
C ALA A 725 10.31 -57.29 -7.81
N SER A 726 10.40 -55.97 -7.70
CA SER A 726 10.12 -55.24 -6.49
C SER A 726 8.65 -55.00 -6.12
N ASN A 727 7.71 -55.90 -6.45
CA ASN A 727 6.27 -55.72 -6.13
C ASN A 727 5.78 -54.29 -6.47
N GLY A 728 6.54 -53.63 -7.34
CA GLY A 728 6.29 -52.29 -7.82
C GLY A 728 7.16 -51.31 -7.06
N THR A 729 7.82 -51.83 -6.04
CA THR A 729 8.43 -50.97 -5.02
C THR A 729 9.80 -50.51 -5.46
N GLN A 730 9.85 -49.67 -6.48
CA GLN A 730 11.12 -49.16 -6.97
C GLN A 730 10.81 -48.01 -7.89
N SER A 731 11.59 -46.95 -7.85
CA SER A 731 11.19 -45.81 -8.64
C SER A 731 11.73 -45.93 -10.04
N LEU A 732 10.84 -45.76 -11.01
CA LEU A 732 11.26 -45.65 -12.38
C LEU A 732 11.34 -44.19 -12.61
N PRO A 733 12.35 -43.76 -13.36
CA PRO A 733 12.34 -42.36 -13.81
C PRO A 733 11.04 -42.14 -14.55
N THR A 734 10.26 -41.13 -14.22
CA THR A 734 8.89 -41.01 -14.78
C THR A 734 8.98 -40.70 -16.28
N ASP A 735 10.15 -40.19 -16.66
CA ASP A 735 10.41 -39.85 -18.04
C ASP A 735 10.48 -41.06 -18.92
N VAL A 736 11.02 -42.14 -18.41
CA VAL A 736 11.04 -43.35 -19.20
C VAL A 736 10.00 -44.33 -18.69
N MET A 737 9.06 -43.83 -17.91
CA MET A 737 8.16 -44.78 -17.30
C MET A 737 7.18 -45.35 -18.31
N THR A 738 6.71 -44.53 -19.25
CA THR A 738 5.66 -45.06 -20.15
C THR A 738 6.28 -46.01 -21.10
N THR A 739 7.45 -45.65 -21.66
CA THR A 739 8.30 -46.57 -22.44
C THR A 739 8.59 -47.93 -21.75
N VAL A 740 9.09 -47.89 -20.52
CA VAL A 740 9.47 -49.11 -19.80
C VAL A 740 8.24 -49.98 -19.65
N PHE A 741 7.13 -49.38 -19.26
CA PHE A 741 5.90 -50.12 -19.23
C PHE A 741 5.52 -50.80 -20.56
N LYS A 742 5.66 -50.11 -21.71
CA LYS A 742 5.27 -50.72 -23.02
C LYS A 742 5.98 -52.01 -23.30
N VAL A 743 7.31 -51.96 -23.14
CA VAL A 743 8.18 -53.07 -23.48
C VAL A 743 7.84 -54.27 -22.63
N GLY A 744 7.49 -54.01 -21.39
CA GLY A 744 7.15 -55.10 -20.49
C GLY A 744 5.77 -55.64 -20.73
N ALA A 745 4.92 -54.83 -21.35
CA ALA A 745 3.53 -55.22 -21.56
C ALA A 745 3.44 -56.23 -22.69
N LYS A 746 4.59 -56.51 -23.30
CA LYS A 746 4.68 -57.44 -24.39
C LYS A 746 4.95 -58.88 -23.98
N THR A 747 4.78 -59.19 -22.70
CA THR A 747 5.04 -60.52 -22.14
C THR A 747 3.94 -60.97 -21.17
N ASP A 748 3.42 -62.21 -21.28
CA ASP A 748 2.25 -62.58 -20.48
C ASP A 748 2.52 -62.46 -18.99
N LYS A 749 3.78 -62.61 -18.62
CA LYS A 749 4.16 -62.38 -17.25
C LYS A 749 3.94 -60.91 -17.00
N GLY A 750 4.70 -60.10 -17.72
CA GLY A 750 4.63 -58.66 -17.65
C GLY A 750 3.23 -58.08 -17.77
N TRP A 751 2.46 -58.53 -18.76
CA TRP A 751 1.10 -58.06 -18.86
C TRP A 751 0.38 -58.28 -17.56
N SER A 752 0.37 -59.50 -17.04
CA SER A 752 -0.45 -59.76 -15.86
C SER A 752 -0.01 -59.03 -14.58
N PHE A 753 1.29 -58.81 -14.43
CA PHE A 753 1.75 -57.98 -13.33
C PHE A 753 1.05 -56.63 -13.44
N LEU A 754 1.34 -55.89 -14.51
CA LEU A 754 0.86 -54.52 -14.68
C LEU A 754 -0.67 -54.38 -14.54
N LEU A 755 -1.38 -55.49 -14.65
CA LEU A 755 -2.82 -55.44 -14.56
C LEU A 755 -3.17 -55.39 -13.08
N GLY A 756 -2.35 -56.08 -12.27
CA GLY A 756 -2.58 -56.05 -10.84
C GLY A 756 -2.27 -54.67 -10.30
N LYS A 757 -1.22 -54.06 -10.83
CA LYS A 757 -0.82 -52.74 -10.41
C LYS A 757 -1.83 -51.70 -10.86
N TYR A 758 -2.55 -51.96 -11.93
CA TYR A 758 -3.59 -51.02 -12.33
C TYR A 758 -4.76 -51.02 -11.34
N ILE A 759 -5.36 -52.19 -11.15
CA ILE A 759 -6.47 -52.31 -10.21
C ILE A 759 -6.07 -52.10 -8.73
N SER A 760 -4.82 -51.75 -8.44
CA SER A 760 -4.45 -51.59 -7.03
C SER A 760 -3.92 -50.21 -6.62
N ILE A 761 -2.89 -49.74 -7.32
CA ILE A 761 -2.18 -48.52 -6.91
C ILE A 761 -3.08 -47.28 -7.00
N GLY A 762 -2.75 -46.25 -6.23
CA GLY A 762 -3.53 -45.04 -6.14
C GLY A 762 -3.24 -43.96 -7.16
N SER A 763 -1.99 -43.83 -7.60
CA SER A 763 -1.58 -42.73 -8.49
C SER A 763 -2.22 -42.73 -9.89
N GLU A 764 -3.19 -41.85 -10.14
CA GLU A 764 -3.91 -41.90 -11.42
C GLU A 764 -3.06 -41.47 -12.61
N ALA A 765 -1.93 -40.83 -12.29
CA ALA A 765 -0.98 -40.41 -13.30
C ALA A 765 -0.39 -41.65 -13.92
N GLU A 766 0.30 -42.42 -13.09
CA GLU A 766 0.97 -43.62 -13.53
C GLU A 766 -0.01 -44.69 -14.00
N LYS A 767 -1.26 -44.65 -13.58
CA LYS A 767 -2.16 -45.67 -14.12
C LYS A 767 -2.56 -45.44 -15.56
N ASN A 768 -2.24 -44.29 -16.13
CA ASN A 768 -2.54 -44.07 -17.55
C ASN A 768 -1.33 -44.42 -18.38
N LYS A 769 -0.19 -44.49 -17.73
CA LYS A 769 0.96 -44.96 -18.43
C LYS A 769 0.95 -46.48 -18.38
N ILE A 770 0.22 -47.06 -17.44
CA ILE A 770 -0.02 -48.51 -17.37
C ILE A 770 -1.12 -48.96 -18.28
N LEU A 771 -2.16 -48.15 -18.40
CA LEU A 771 -3.25 -48.52 -19.28
C LEU A 771 -2.75 -48.49 -20.71
N GLU A 772 -2.08 -47.39 -21.06
CA GLU A 772 -1.43 -47.27 -22.35
C GLU A 772 -0.73 -48.55 -22.75
N ALA A 773 0.22 -48.96 -21.91
CA ALA A 773 0.97 -50.20 -22.14
C ALA A 773 0.05 -51.39 -22.29
N LEU A 774 -0.87 -51.59 -21.36
CA LEU A 774 -1.79 -52.71 -21.49
C LEU A 774 -2.43 -52.72 -22.88
N ALA A 775 -2.69 -51.55 -23.46
CA ALA A 775 -3.29 -51.51 -24.78
C ALA A 775 -2.24 -51.46 -25.88
N SER A 776 -0.96 -51.40 -25.52
CA SER A 776 0.07 -51.53 -26.53
C SER A 776 0.59 -52.97 -26.64
N SER A 777 -0.15 -53.91 -26.07
CA SER A 777 0.07 -55.32 -26.34
C SER A 777 -0.20 -55.68 -27.78
N GLU A 778 0.34 -56.80 -28.24
CA GLU A 778 -0.09 -57.31 -29.54
C GLU A 778 -0.84 -58.61 -29.39
N ASP A 779 -1.30 -58.93 -28.19
CA ASP A 779 -2.13 -60.11 -28.09
C ASP A 779 -3.55 -59.64 -28.33
N VAL A 780 -4.10 -60.03 -29.45
CA VAL A 780 -5.40 -59.53 -29.82
C VAL A 780 -6.43 -59.86 -28.73
N ARG A 781 -6.38 -61.06 -28.15
CA ARG A 781 -7.42 -61.47 -27.21
C ARG A 781 -7.46 -60.52 -26.02
N LYS A 782 -6.29 -60.07 -25.59
CA LYS A 782 -6.28 -59.11 -24.53
C LYS A 782 -6.79 -57.78 -25.02
N LEU A 783 -6.26 -57.30 -26.13
CA LEU A 783 -6.71 -56.06 -26.72
C LEU A 783 -8.24 -56.00 -26.82
N TYR A 784 -8.87 -57.13 -27.06
CA TYR A 784 -10.32 -57.12 -27.15
C TYR A 784 -10.89 -57.02 -25.77
N TRP A 785 -10.38 -57.86 -24.88
CA TRP A 785 -10.89 -57.95 -23.53
C TRP A 785 -10.80 -56.61 -22.78
N LEU A 786 -9.76 -55.82 -23.06
CA LEU A 786 -9.62 -54.49 -22.46
C LEU A 786 -10.78 -53.63 -22.87
N MET A 787 -11.03 -53.59 -24.16
CA MET A 787 -12.12 -52.76 -24.64
C MET A 787 -13.43 -53.28 -24.15
N LYS A 788 -13.62 -54.60 -24.23
CA LYS A 788 -14.89 -55.19 -23.83
C LYS A 788 -15.17 -54.86 -22.40
N SER A 789 -14.13 -54.84 -21.59
CA SER A 789 -14.32 -54.55 -20.16
C SER A 789 -14.49 -53.05 -19.84
N SER A 790 -13.64 -52.17 -20.38
CA SER A 790 -13.79 -50.73 -20.18
C SER A 790 -15.17 -50.29 -20.59
N LEU A 791 -15.71 -50.90 -21.64
CA LEU A 791 -17.06 -50.60 -22.03
C LEU A 791 -18.05 -50.95 -20.92
N ASN A 792 -17.85 -52.09 -20.25
CA ASN A 792 -18.78 -52.52 -19.21
C ASN A 792 -18.43 -51.98 -17.82
N GLY A 793 -17.43 -51.11 -17.74
CA GLY A 793 -17.04 -50.49 -16.49
C GLY A 793 -16.53 -51.47 -15.45
N ASP A 794 -15.79 -52.48 -15.90
CA ASP A 794 -15.29 -53.49 -14.97
C ASP A 794 -14.03 -53.18 -14.17
N ASN A 795 -12.90 -52.98 -14.86
CA ASN A 795 -11.69 -52.79 -14.10
C ASN A 795 -11.19 -51.41 -14.45
N PHE A 796 -11.81 -50.87 -15.49
CA PHE A 796 -11.51 -49.54 -16.02
C PHE A 796 -12.80 -48.80 -16.16
N ARG A 797 -12.91 -47.65 -15.51
CA ARG A 797 -14.11 -46.84 -15.64
C ARG A 797 -14.30 -46.43 -17.13
N THR A 798 -15.56 -46.34 -17.55
CA THR A 798 -15.89 -46.17 -18.98
C THR A 798 -15.35 -44.88 -19.57
N GLN A 799 -14.96 -43.94 -18.72
CA GLN A 799 -14.33 -42.74 -19.23
C GLN A 799 -13.07 -43.11 -20.05
N LYS A 800 -12.35 -44.17 -19.63
CA LYS A 800 -11.09 -44.49 -20.31
C LYS A 800 -11.13 -45.30 -21.60
N LEU A 801 -12.22 -46.03 -21.86
CA LEU A 801 -12.43 -46.71 -23.12
C LEU A 801 -12.08 -45.91 -24.40
N SER A 802 -12.46 -44.65 -24.49
CA SER A 802 -12.09 -43.86 -25.67
C SER A 802 -10.58 -43.77 -25.81
N PHE A 803 -9.87 -43.81 -24.69
CA PHE A 803 -8.42 -43.74 -24.71
C PHE A 803 -7.85 -45.11 -24.94
N ILE A 804 -8.67 -46.12 -24.64
CA ILE A 804 -8.25 -47.48 -24.88
C ILE A 804 -8.40 -47.76 -26.34
N ILE A 805 -9.61 -47.53 -26.85
CA ILE A 805 -9.91 -47.78 -28.25
C ILE A 805 -8.92 -47.09 -29.17
N ARG A 806 -8.54 -45.84 -28.86
CA ARG A 806 -7.64 -45.17 -29.79
C ARG A 806 -6.33 -45.90 -29.78
N THR A 807 -5.91 -46.36 -28.60
CA THR A 807 -4.59 -46.97 -28.49
C THR A 807 -4.58 -48.33 -29.16
N VAL A 808 -5.55 -49.19 -28.87
CA VAL A 808 -5.57 -50.49 -29.56
C VAL A 808 -5.53 -50.39 -31.07
N GLY A 809 -6.40 -49.60 -31.66
CA GLY A 809 -6.47 -49.49 -33.10
C GLY A 809 -5.28 -48.84 -33.78
N ARG A 810 -4.49 -48.10 -33.04
CA ARG A 810 -3.44 -47.36 -33.71
C ARG A 810 -2.36 -48.30 -34.20
N HIS A 811 -2.18 -49.44 -33.54
CA HIS A 811 -1.10 -50.36 -33.92
C HIS A 811 -1.60 -51.60 -34.63
N PHE A 812 -0.87 -52.01 -35.66
CA PHE A 812 -1.31 -53.05 -36.60
C PHE A 812 -2.19 -54.16 -36.01
N PRO A 813 -1.72 -54.86 -34.95
CA PRO A 813 -2.52 -55.97 -34.42
C PRO A 813 -3.91 -55.57 -33.97
N GLY A 814 -4.08 -54.38 -33.42
CA GLY A 814 -5.39 -54.01 -32.95
C GLY A 814 -6.22 -53.26 -34.00
N HIS A 815 -5.57 -52.76 -35.04
CA HIS A 815 -6.21 -51.86 -35.98
C HIS A 815 -7.60 -52.23 -36.49
N LEU A 816 -7.83 -53.44 -36.97
CA LEU A 816 -9.18 -53.76 -37.41
C LEU A 816 -10.01 -54.12 -36.20
N LEU A 817 -9.34 -54.58 -35.15
CA LEU A 817 -10.06 -55.03 -33.97
C LEU A 817 -10.80 -53.84 -33.30
N ALA A 818 -10.13 -52.69 -33.27
CA ALA A 818 -10.68 -51.46 -32.75
C ALA A 818 -11.94 -51.06 -33.49
N TRP A 819 -11.83 -50.88 -34.80
CA TRP A 819 -12.96 -50.44 -35.60
C TRP A 819 -14.10 -51.44 -35.47
N ASP A 820 -13.83 -52.73 -35.38
CA ASP A 820 -14.96 -53.65 -35.23
C ASP A 820 -15.64 -53.53 -33.89
N PHE A 821 -14.86 -53.28 -32.84
CA PHE A 821 -15.43 -53.05 -31.52
C PHE A 821 -16.34 -51.85 -31.58
N VAL A 822 -15.86 -50.76 -32.18
CA VAL A 822 -16.67 -49.57 -32.35
C VAL A 822 -18.00 -49.81 -33.07
N LYS A 823 -18.02 -50.65 -34.09
CA LYS A 823 -19.28 -50.87 -34.76
C LYS A 823 -20.09 -51.96 -34.06
N GLU A 824 -19.46 -52.93 -33.43
CA GLU A 824 -20.26 -53.99 -32.79
C GLU A 824 -21.02 -53.56 -31.53
N ASN A 825 -20.62 -52.46 -30.91
CA ASN A 825 -21.32 -51.95 -29.74
C ASN A 825 -21.65 -50.51 -29.90
N TRP A 826 -21.92 -50.11 -31.14
CA TRP A 826 -22.23 -48.72 -31.43
C TRP A 826 -23.41 -48.21 -30.62
N ASN A 827 -24.38 -49.07 -30.40
CA ASN A 827 -25.58 -48.71 -29.67
C ASN A 827 -25.29 -48.36 -28.22
N LYS A 828 -24.39 -49.11 -27.60
CA LYS A 828 -24.17 -48.90 -26.20
C LYS A 828 -23.16 -47.79 -26.08
N LEU A 829 -22.48 -47.49 -27.18
CA LEU A 829 -21.57 -46.36 -27.19
C LEU A 829 -22.31 -45.03 -27.23
N VAL A 830 -23.52 -45.03 -27.79
CA VAL A 830 -24.31 -43.81 -27.92
C VAL A 830 -25.10 -43.58 -26.63
N GLN A 831 -25.39 -44.66 -25.91
CA GLN A 831 -26.03 -44.55 -24.61
C GLN A 831 -25.21 -43.79 -23.56
N LYS A 832 -23.90 -44.05 -23.48
CA LYS A 832 -23.16 -43.40 -22.40
C LYS A 832 -22.32 -42.23 -22.85
N PHE A 833 -22.15 -42.09 -24.15
CA PHE A 833 -21.68 -40.84 -24.71
C PHE A 833 -22.69 -40.26 -25.70
N PRO A 834 -23.37 -39.18 -25.30
CA PRO A 834 -24.41 -38.59 -26.16
C PRO A 834 -23.86 -38.20 -27.52
N LEU A 835 -24.61 -38.55 -28.57
CA LEU A 835 -24.18 -38.37 -29.97
C LEU A 835 -23.69 -36.94 -30.23
N GLY A 836 -22.49 -36.79 -30.79
CA GLY A 836 -21.94 -35.46 -30.99
C GLY A 836 -21.03 -34.96 -29.86
N SER A 837 -21.09 -35.62 -28.71
CA SER A 837 -20.15 -35.37 -27.60
C SER A 837 -18.69 -35.66 -27.97
N TYR A 838 -17.77 -35.05 -27.25
CA TYR A 838 -16.35 -35.17 -27.56
C TYR A 838 -15.79 -36.54 -27.11
N THR A 839 -16.60 -37.58 -26.97
CA THR A 839 -15.91 -38.86 -26.86
C THR A 839 -16.36 -39.82 -27.98
N ILE A 840 -17.59 -39.67 -28.46
CA ILE A 840 -18.06 -40.49 -29.58
C ILE A 840 -17.34 -39.91 -30.79
N GLN A 841 -16.81 -38.72 -30.53
CA GLN A 841 -15.88 -37.91 -31.31
C GLN A 841 -14.70 -38.74 -31.76
N ASN A 842 -14.01 -39.25 -30.74
CA ASN A 842 -12.68 -39.83 -30.86
C ASN A 842 -12.72 -41.29 -31.19
N ILE A 843 -13.78 -41.91 -30.72
CA ILE A 843 -13.95 -43.32 -30.94
C ILE A 843 -14.08 -43.50 -32.44
N VAL A 844 -14.81 -42.63 -33.10
CA VAL A 844 -14.83 -42.71 -34.56
C VAL A 844 -13.54 -42.11 -35.18
N ALA A 845 -13.09 -40.93 -34.75
CA ALA A 845 -11.82 -40.37 -35.23
C ALA A 845 -10.69 -41.38 -35.05
N GLY A 846 -10.44 -41.77 -33.81
CA GLY A 846 -9.33 -42.63 -33.53
C GLY A 846 -9.51 -44.08 -33.90
N SER A 847 -10.71 -44.53 -34.24
CA SER A 847 -10.82 -45.89 -34.80
C SER A 847 -10.55 -45.90 -36.29
N THR A 848 -10.96 -44.84 -37.01
CA THR A 848 -10.96 -44.88 -38.48
C THR A 848 -9.93 -44.01 -39.26
N TYR A 849 -9.22 -43.10 -38.60
CA TYR A 849 -8.42 -42.08 -39.27
C TYR A 849 -7.19 -42.61 -39.98
N LEU A 850 -6.95 -43.90 -39.81
CA LEU A 850 -5.83 -44.57 -40.43
C LEU A 850 -6.18 -45.35 -41.68
N PHE A 851 -7.46 -45.44 -42.03
CA PHE A 851 -7.84 -46.14 -43.27
C PHE A 851 -7.40 -45.34 -44.47
N SER A 852 -7.10 -46.04 -45.57
CA SER A 852 -6.53 -45.42 -46.77
C SER A 852 -6.91 -46.18 -48.05
N THR A 853 -7.98 -46.95 -48.00
CA THR A 853 -8.41 -47.68 -49.18
C THR A 853 -9.83 -47.26 -49.46
N LYS A 854 -10.23 -47.33 -50.72
CA LYS A 854 -11.57 -46.96 -51.08
C LYS A 854 -12.49 -48.10 -50.70
N THR A 855 -11.95 -49.27 -50.47
CA THR A 855 -12.77 -50.30 -49.90
C THR A 855 -13.19 -49.96 -48.49
N HIS A 856 -12.22 -49.57 -47.65
CA HIS A 856 -12.55 -49.11 -46.30
C HIS A 856 -13.49 -47.94 -46.32
N LEU A 857 -13.13 -46.90 -47.08
CA LEU A 857 -13.98 -45.72 -47.21
C LEU A 857 -15.43 -46.07 -47.42
N SER A 858 -15.70 -47.00 -48.32
CA SER A 858 -17.05 -47.47 -48.55
C SER A 858 -17.65 -48.06 -47.29
N GLU A 859 -16.85 -48.81 -46.55
CA GLU A 859 -17.33 -49.53 -45.39
C GLU A 859 -17.76 -48.58 -44.30
N VAL A 860 -16.90 -47.59 -44.04
CA VAL A 860 -17.18 -46.61 -43.00
C VAL A 860 -18.47 -45.92 -43.36
N GLN A 861 -18.59 -45.48 -44.60
CA GLN A 861 -19.78 -44.77 -45.01
C GLN A 861 -21.01 -45.69 -45.10
N ALA A 862 -20.84 -46.92 -45.55
CA ALA A 862 -21.96 -47.87 -45.55
C ALA A 862 -22.48 -48.18 -44.16
N PHE A 863 -21.59 -48.18 -43.17
CA PHE A 863 -21.97 -48.53 -41.80
C PHE A 863 -22.74 -47.42 -41.13
N PHE A 864 -22.33 -46.18 -41.37
CA PHE A 864 -22.95 -45.05 -40.71
C PHE A 864 -24.27 -44.62 -41.29
N GLU A 865 -24.41 -44.72 -42.60
CA GLU A 865 -25.68 -44.37 -43.20
C GLU A 865 -26.67 -45.48 -42.89
N ASN A 866 -26.16 -46.69 -42.75
CA ASN A 866 -27.03 -47.82 -42.46
C ASN A 866 -27.75 -47.78 -41.12
N GLN A 867 -27.44 -46.85 -40.23
CA GLN A 867 -28.28 -46.83 -39.05
C GLN A 867 -29.16 -45.62 -39.35
N SER A 868 -28.54 -44.45 -39.21
CA SER A 868 -29.25 -43.17 -39.39
C SER A 868 -28.59 -42.21 -40.42
N GLU A 869 -29.39 -41.34 -41.03
CA GLU A 869 -28.85 -40.23 -41.84
C GLU A 869 -28.62 -38.99 -41.01
N ALA A 870 -29.32 -38.92 -39.88
CA ALA A 870 -29.17 -37.81 -38.96
C ALA A 870 -27.82 -37.95 -38.28
N THR A 871 -27.38 -39.20 -38.11
CA THR A 871 -26.04 -39.45 -37.57
C THR A 871 -25.02 -39.34 -38.69
N PHE A 872 -25.39 -39.87 -39.86
CA PHE A 872 -24.49 -39.98 -41.02
C PHE A 872 -23.95 -38.63 -41.49
N ARG A 873 -24.62 -37.55 -41.09
CA ARG A 873 -24.11 -36.23 -41.45
C ARG A 873 -23.83 -35.41 -40.19
N LEU A 874 -23.37 -36.12 -39.15
CA LEU A 874 -22.74 -35.48 -38.02
C LEU A 874 -21.43 -34.86 -38.45
N ARG A 875 -20.99 -33.83 -37.74
CA ARG A 875 -19.78 -33.14 -38.14
C ARG A 875 -18.68 -34.14 -37.93
N CYS A 876 -18.83 -34.92 -36.87
CA CYS A 876 -17.84 -35.92 -36.51
C CYS A 876 -17.77 -36.98 -37.59
N VAL A 877 -18.93 -37.42 -38.08
CA VAL A 877 -18.95 -38.54 -39.03
C VAL A 877 -18.48 -38.19 -40.45
N GLN A 878 -18.82 -37.04 -40.98
CA GLN A 878 -18.40 -36.88 -42.34
C GLN A 878 -17.04 -36.19 -42.32
N GLU A 879 -16.60 -35.78 -41.14
CA GLU A 879 -15.20 -35.36 -41.01
C GLU A 879 -14.38 -36.65 -40.91
N ALA A 880 -15.00 -37.68 -40.32
CA ALA A 880 -14.37 -38.99 -40.24
C ALA A 880 -14.17 -39.48 -41.65
N LEU A 881 -15.23 -39.42 -42.46
CA LEU A 881 -15.15 -39.83 -43.86
C LEU A 881 -14.17 -38.95 -44.62
N GLU A 882 -14.16 -37.66 -44.33
CA GLU A 882 -13.29 -36.71 -45.02
C GLU A 882 -11.81 -37.02 -44.79
N VAL A 883 -11.48 -37.60 -43.65
CA VAL A 883 -10.07 -37.85 -43.37
C VAL A 883 -9.57 -39.03 -44.20
N ILE A 884 -10.43 -40.04 -44.33
CA ILE A 884 -10.11 -41.24 -45.10
C ILE A 884 -9.79 -41.01 -46.61
N GLN A 885 -10.60 -40.29 -47.38
CA GLN A 885 -10.19 -40.01 -48.75
C GLN A 885 -8.91 -39.17 -48.81
N LEU A 886 -8.65 -38.35 -47.81
CA LEU A 886 -7.43 -37.54 -47.81
C LEU A 886 -6.21 -38.45 -47.68
N ASN A 887 -6.40 -39.57 -46.99
CA ASN A 887 -5.38 -40.61 -46.98
C ASN A 887 -5.25 -41.28 -48.33
N ILE A 888 -6.39 -41.58 -48.96
CA ILE A 888 -6.35 -42.20 -50.28
C ILE A 888 -5.61 -41.29 -51.22
N GLN A 889 -5.95 -40.02 -51.15
CA GLN A 889 -5.31 -38.99 -51.96
C GLN A 889 -3.82 -39.01 -51.61
N TRP A 890 -3.49 -39.07 -50.33
CA TRP A 890 -2.10 -39.04 -49.93
C TRP A 890 -1.32 -40.24 -50.49
N MET A 891 -1.92 -41.43 -50.45
CA MET A 891 -1.27 -42.59 -51.03
C MET A 891 -1.22 -42.44 -52.54
N GLU A 892 -2.28 -41.88 -53.11
CA GLU A 892 -2.40 -41.75 -54.56
C GLU A 892 -1.31 -40.82 -55.11
N LYS A 893 -0.66 -40.03 -54.25
CA LYS A 893 0.33 -39.06 -54.73
C LYS A 893 1.69 -39.38 -54.18
N ASN A 894 1.74 -40.17 -53.11
CA ASN A 894 2.99 -40.40 -52.44
C ASN A 894 3.35 -41.81 -52.16
N LEU A 895 2.45 -42.77 -52.36
CA LEU A 895 2.88 -44.17 -52.26
C LEU A 895 3.87 -44.35 -53.36
N LYS A 896 3.55 -43.77 -54.51
CA LYS A 896 4.58 -43.08 -55.27
C LYS A 896 5.56 -43.91 -55.98
N SER A 897 6.61 -44.13 -55.22
CA SER A 897 7.97 -43.90 -55.66
C SER A 897 8.69 -43.95 -54.33
N LEU A 898 7.91 -44.16 -53.28
CA LEU A 898 8.51 -44.54 -52.05
C LEU A 898 9.34 -45.74 -52.41
N THR A 899 8.87 -46.51 -53.38
CA THR A 899 9.69 -47.61 -53.87
C THR A 899 11.08 -47.26 -54.45
N TRP A 900 11.35 -46.08 -55.02
CA TRP A 900 12.65 -45.94 -55.73
C TRP A 900 13.68 -45.31 -54.79
N TRP A 901 13.22 -44.89 -53.62
CA TRP A 901 14.02 -44.16 -52.66
C TRP A 901 13.99 -45.10 -51.45
N LEU A 902 13.68 -44.55 -50.28
CA LEU A 902 13.27 -45.32 -49.10
C LEU A 902 13.94 -46.69 -48.91
N LEU B 37 19.85 -13.88 36.92
CA LEU B 37 20.37 -12.54 37.10
C LEU B 37 20.28 -11.75 35.81
N PHE B 38 20.06 -10.46 35.92
CA PHE B 38 19.92 -9.63 34.76
C PHE B 38 21.34 -9.09 34.58
N PRO B 39 21.88 -9.27 33.38
CA PRO B 39 23.32 -9.03 33.24
C PRO B 39 23.72 -7.56 33.31
N TRP B 40 23.07 -6.73 32.50
CA TRP B 40 23.51 -5.36 32.24
C TRP B 40 23.12 -4.34 33.30
N ALA B 41 24.07 -3.80 34.05
CA ALA B 41 23.67 -2.94 35.17
C ALA B 41 23.97 -1.46 34.97
N GLN B 42 23.93 -1.02 33.71
CA GLN B 42 24.09 0.39 33.36
C GLN B 42 22.85 0.93 32.59
N ILE B 43 22.71 2.24 32.36
CA ILE B 43 21.39 2.75 31.90
C ILE B 43 21.32 2.96 30.38
N ARG B 44 22.47 3.25 29.81
CA ARG B 44 22.64 3.20 28.38
C ARG B 44 22.71 1.74 27.93
N LEU B 45 22.08 1.44 26.80
CA LEU B 45 22.10 0.08 26.31
C LEU B 45 23.47 -0.38 25.85
N PRO B 46 23.68 -1.70 25.87
CA PRO B 46 24.85 -2.25 25.19
C PRO B 46 24.76 -1.95 23.71
N THR B 47 25.88 -1.57 23.10
CA THR B 47 26.01 -1.36 21.66
C THR B 47 26.11 -2.65 20.83
N ALA B 48 26.02 -3.80 21.49
CA ALA B 48 26.18 -5.09 20.81
C ALA B 48 25.12 -5.26 19.73
N VAL B 49 23.86 -5.33 20.11
CA VAL B 49 22.82 -5.60 19.14
C VAL B 49 22.23 -4.29 18.67
N VAL B 50 21.80 -4.26 17.42
CA VAL B 50 21.26 -3.06 16.81
C VAL B 50 19.98 -3.37 16.05
N PRO B 51 18.92 -2.61 16.34
CA PRO B 51 17.64 -2.76 15.64
C PRO B 51 17.76 -2.39 14.19
N LEU B 52 17.03 -3.07 13.31
CA LEU B 52 17.04 -2.73 11.90
C LEU B 52 15.65 -2.35 11.43
N ARG B 53 14.65 -3.09 11.89
CA ARG B 53 13.30 -2.55 11.82
C ARG B 53 12.24 -3.33 12.63
N TYR B 54 11.20 -2.57 13.01
CA TYR B 54 10.17 -3.02 13.93
C TYR B 54 8.87 -3.23 13.14
N GLU B 55 8.12 -4.27 13.46
CA GLU B 55 6.72 -4.21 13.09
C GLU B 55 5.93 -4.67 14.29
N LEU B 56 4.90 -3.86 14.56
CA LEU B 56 4.19 -3.73 15.83
C LEU B 56 2.68 -3.84 15.64
N SER B 57 2.05 -4.81 16.28
CA SER B 57 0.61 -4.97 16.09
C SER B 57 -0.18 -4.69 17.34
N LEU B 58 -1.15 -3.77 17.27
CA LEU B 58 -1.82 -3.32 18.49
C LEU B 58 -3.35 -3.39 18.41
N HIS B 59 -3.97 -3.99 19.43
CA HIS B 59 -5.42 -4.00 19.57
C HIS B 59 -5.77 -3.36 20.89
N PRO B 60 -5.97 -2.03 20.87
CA PRO B 60 -6.39 -1.29 22.06
C PRO B 60 -7.88 -1.25 22.18
N ASN B 61 -8.42 -1.46 23.37
CA ASN B 61 -9.81 -1.10 23.53
C ASN B 61 -9.95 0.23 24.22
N LEU B 62 -10.61 1.17 23.55
CA LEU B 62 -10.75 2.54 24.05
C LEU B 62 -11.89 2.73 25.06
N THR B 63 -12.92 1.88 25.02
CA THR B 63 -13.97 1.96 26.03
C THR B 63 -13.36 1.51 27.35
N SER B 64 -12.51 0.48 27.28
CA SER B 64 -11.67 0.12 28.40
C SER B 64 -10.42 0.95 28.25
N MET B 65 -9.32 0.45 28.78
CA MET B 65 -8.03 1.09 28.62
C MET B 65 -7.00 0.01 28.67
N THR B 66 -7.23 -0.96 27.82
CA THR B 66 -6.30 -2.04 27.68
C THR B 66 -6.14 -2.09 26.15
N PHE B 67 -4.90 -2.42 25.79
CA PHE B 67 -4.49 -2.69 24.43
C PHE B 67 -3.61 -3.85 24.52
N ARG B 68 -3.68 -4.77 23.56
CA ARG B 68 -2.47 -5.53 23.41
C ARG B 68 -1.93 -5.89 22.04
N GLY B 69 -0.66 -6.27 22.13
CA GLY B 69 0.34 -5.88 21.17
C GLY B 69 0.94 -7.00 20.38
N SER B 70 2.11 -6.72 19.83
CA SER B 70 2.93 -7.69 19.14
C SER B 70 4.09 -6.96 18.48
N VAL B 71 5.31 -7.17 18.95
CA VAL B 71 6.41 -6.49 18.30
C VAL B 71 7.41 -7.53 17.83
N THR B 72 7.79 -7.45 16.56
CA THR B 72 8.89 -8.25 16.10
C THR B 72 10.01 -7.30 15.68
N ILE B 73 11.11 -7.38 16.41
CA ILE B 73 12.25 -6.51 16.17
C ILE B 73 13.32 -7.28 15.40
N SER B 74 13.53 -6.86 14.17
CA SER B 74 14.60 -7.40 13.37
C SER B 74 15.92 -6.74 13.74
N VAL B 75 16.61 -7.30 14.74
CA VAL B 75 17.93 -6.76 15.13
C VAL B 75 19.10 -7.52 14.52
N GLN B 76 20.28 -7.20 15.05
CA GLN B 76 21.52 -7.73 14.48
C GLN B 76 22.78 -7.39 15.26
N ALA B 77 23.69 -8.34 15.43
CA ALA B 77 24.88 -8.09 16.27
C ALA B 77 25.94 -7.25 15.58
N LEU B 78 26.69 -6.52 16.40
CA LEU B 78 27.87 -5.78 16.01
C LEU B 78 29.01 -6.27 16.89
N GLN B 79 28.64 -6.95 17.97
CA GLN B 79 29.60 -7.71 18.77
C GLN B 79 28.91 -8.90 19.41
N VAL B 80 29.62 -10.01 19.49
CA VAL B 80 29.05 -11.24 20.04
C VAL B 80 28.72 -11.11 21.55
N THR B 81 27.47 -11.38 21.89
CA THR B 81 27.00 -11.32 23.26
C THR B 81 25.87 -12.33 23.47
N TRP B 82 25.68 -12.76 24.72
CA TRP B 82 24.69 -13.79 25.04
C TRP B 82 23.33 -13.20 25.40
N ASN B 83 23.26 -11.88 25.43
CA ASN B 83 22.08 -11.20 25.93
C ASN B 83 21.61 -10.09 25.00
N ILE B 84 20.29 -9.93 24.89
CA ILE B 84 19.75 -8.72 24.27
C ILE B 84 19.20 -7.78 25.34
N ILE B 85 19.86 -6.64 25.53
CA ILE B 85 19.36 -5.69 26.51
C ILE B 85 18.57 -4.56 25.84
N LEU B 86 17.32 -4.39 26.24
CA LEU B 86 16.42 -3.42 25.61
C LEU B 86 15.36 -2.98 26.62
N HIS B 87 14.55 -1.99 26.26
CA HIS B 87 13.63 -1.36 27.19
C HIS B 87 12.17 -1.83 27.18
N SER B 88 11.62 -2.01 28.37
CA SER B 88 10.20 -2.32 28.55
C SER B 88 9.79 -2.11 30.00
N THR B 89 8.55 -1.65 30.19
CA THR B 89 8.04 -1.32 31.52
C THR B 89 6.63 -1.89 31.72
N GLY B 90 5.60 -1.08 31.58
CA GLY B 90 4.23 -1.49 31.86
C GLY B 90 3.71 -2.79 31.30
N HIS B 91 4.61 -3.71 30.96
CA HIS B 91 4.23 -4.86 30.15
C HIS B 91 4.12 -6.23 30.79
N ASN B 92 2.99 -6.87 30.59
CA ASN B 92 2.80 -8.23 30.98
C ASN B 92 2.95 -9.21 29.82
N ILE B 93 4.18 -9.70 29.63
CA ILE B 93 4.61 -10.45 28.44
C ILE B 93 4.06 -11.86 28.46
N SER B 94 3.28 -12.16 27.42
CA SER B 94 2.63 -13.45 27.29
C SER B 94 3.67 -14.48 26.91
N ARG B 95 4.02 -14.49 25.62
CA ARG B 95 5.05 -15.37 25.07
C ARG B 95 6.15 -14.52 24.44
N VAL B 96 7.40 -14.97 24.51
CA VAL B 96 8.48 -14.22 23.88
C VAL B 96 9.31 -15.20 23.06
N THR B 97 9.52 -14.81 21.80
CA THR B 97 10.18 -15.61 20.77
C THR B 97 11.54 -15.09 20.26
N PHE B 98 12.44 -16.00 19.89
CA PHE B 98 13.71 -15.64 19.22
C PHE B 98 13.98 -16.40 17.89
N MET B 99 14.23 -15.68 16.79
CA MET B 99 14.61 -16.36 15.53
C MET B 99 16.06 -16.04 15.10
N SER B 100 16.49 -16.65 14.00
CA SER B 100 17.83 -16.42 13.41
C SER B 100 18.03 -17.09 12.04
N ALA B 101 17.93 -18.43 12.01
CA ALA B 101 17.93 -19.23 10.75
C ALA B 101 17.23 -20.57 10.98
N GLU B 106 13.21 -20.44 15.17
CA GLU B 106 12.33 -19.99 16.26
C GLU B 106 12.67 -20.66 17.58
N LYS B 107 12.67 -19.88 18.66
CA LYS B 107 12.96 -20.40 20.00
C LYS B 107 12.38 -19.45 21.05
N GLN B 108 11.60 -19.99 21.98
CA GLN B 108 11.02 -19.17 23.05
C GLN B 108 12.10 -18.97 24.11
N ALA B 109 12.55 -17.73 24.28
CA ALA B 109 13.61 -17.40 25.23
C ALA B 109 12.97 -16.79 26.45
N GLU B 110 13.75 -16.43 27.47
CA GLU B 110 13.11 -15.77 28.59
C GLU B 110 13.65 -14.40 29.00
N ILE B 111 12.69 -13.58 29.42
CA ILE B 111 12.89 -12.21 29.88
C ILE B 111 13.48 -12.20 31.26
N LEU B 112 14.45 -11.31 31.47
CA LEU B 112 14.85 -10.86 32.81
C LEU B 112 14.65 -9.34 32.85
N GLU B 113 14.48 -8.79 34.06
CA GLU B 113 14.15 -7.38 34.18
C GLU B 113 14.97 -6.70 35.29
N TYR B 114 14.93 -5.37 35.31
CA TYR B 114 15.73 -4.53 36.18
C TYR B 114 15.03 -3.19 36.06
N ALA B 115 14.04 -2.96 36.92
CA ALA B 115 13.08 -1.87 36.70
C ALA B 115 13.68 -0.50 36.91
N TYR B 116 14.80 -0.41 37.63
CA TYR B 116 15.36 0.89 37.92
C TYR B 116 15.97 1.51 36.66
N HIS B 117 16.39 0.67 35.71
CA HIS B 117 16.83 1.21 34.42
C HIS B 117 15.82 0.96 33.29
N GLY B 118 14.67 0.36 33.59
CA GLY B 118 13.61 0.21 32.59
C GLY B 118 13.88 -0.91 31.60
N GLN B 119 14.94 -1.66 31.85
CA GLN B 119 15.46 -2.64 30.89
C GLN B 119 14.90 -4.06 31.03
N ILE B 120 14.84 -4.75 29.91
CA ILE B 120 14.58 -6.18 29.88
C ILE B 120 15.73 -6.88 29.15
N ALA B 121 16.03 -8.12 29.55
CA ALA B 121 17.09 -8.87 28.88
C ALA B 121 16.59 -10.20 28.35
N ILE B 122 16.77 -10.42 27.05
CA ILE B 122 16.54 -11.73 26.48
C ILE B 122 17.89 -12.41 26.43
N VAL B 123 18.04 -13.51 27.15
CA VAL B 123 19.28 -14.27 27.07
C VAL B 123 19.12 -15.29 25.93
N ALA B 124 19.98 -15.16 24.93
CA ALA B 124 19.84 -15.90 23.67
C ALA B 124 20.34 -17.34 23.84
N PRO B 125 19.69 -18.30 23.17
CA PRO B 125 20.08 -19.71 23.33
C PRO B 125 21.55 -20.00 23.03
N GLU B 126 22.18 -19.24 22.14
CA GLU B 126 23.64 -19.17 22.12
C GLU B 126 24.04 -17.90 21.36
N ALA B 127 25.22 -17.39 21.71
CA ALA B 127 25.69 -16.04 21.39
C ALA B 127 25.39 -15.51 19.99
N LEU B 128 24.89 -14.28 19.96
CA LEU B 128 24.59 -13.59 18.72
C LEU B 128 25.90 -13.19 18.03
N LEU B 129 26.31 -13.94 16.99
CA LEU B 129 27.57 -13.61 16.33
C LEU B 129 27.42 -12.48 15.29
N ALA B 130 28.43 -11.60 15.28
CA ALA B 130 28.42 -10.34 14.55
C ALA B 130 28.10 -10.47 13.07
N GLY B 131 27.30 -9.51 12.59
CA GLY B 131 26.99 -9.39 11.17
C GLY B 131 25.71 -9.98 10.61
N HIS B 132 24.96 -10.73 11.42
CA HIS B 132 23.76 -11.46 10.93
C HIS B 132 22.40 -10.94 11.48
N ASN B 133 21.41 -10.79 10.61
CA ASN B 133 20.03 -10.64 11.07
C ASN B 133 19.49 -11.69 11.98
N TYR B 134 19.19 -11.33 13.23
CA TYR B 134 18.31 -12.22 13.99
C TYR B 134 17.07 -11.38 14.31
N THR B 135 15.91 -12.01 14.35
CA THR B 135 14.68 -11.25 14.53
C THR B 135 13.96 -11.75 15.77
N LEU B 136 13.48 -10.78 16.55
CA LEU B 136 12.92 -10.99 17.87
C LEU B 136 11.47 -10.52 17.93
N LYS B 137 10.58 -11.37 18.41
CA LYS B 137 9.17 -11.04 18.48
C LYS B 137 8.66 -11.23 19.90
N ILE B 138 7.94 -10.22 20.39
CA ILE B 138 7.41 -10.20 21.76
C ILE B 138 5.90 -9.90 21.80
N GLU B 139 5.12 -10.77 22.48
CA GLU B 139 3.70 -10.46 22.76
C GLU B 139 3.41 -10.32 24.29
N TYR B 140 2.82 -9.16 24.67
CA TYR B 140 2.65 -8.60 26.05
C TYR B 140 1.18 -8.15 26.42
N SER B 141 0.92 -7.72 27.70
CA SER B 141 -0.43 -7.26 28.18
C SER B 141 -0.54 -5.90 28.98
N ALA B 142 -1.68 -5.17 28.85
CA ALA B 142 -2.30 -4.18 29.77
C ALA B 142 -2.19 -2.66 29.52
N ASN B 143 -2.31 -1.78 30.52
CA ASN B 143 -3.18 -0.59 30.42
C ASN B 143 -2.79 0.51 29.45
N ILE B 144 -3.81 1.08 28.79
CA ILE B 144 -3.61 2.29 27.96
C ILE B 144 -3.51 3.46 28.93
N SER B 145 -2.42 4.23 28.85
CA SER B 145 -2.14 5.32 29.81
C SER B 145 -3.25 6.34 30.06
N SER B 146 -3.31 6.84 31.29
CA SER B 146 -4.11 8.02 31.57
C SER B 146 -3.19 9.17 32.06
N SER B 147 -1.91 8.87 32.25
CA SER B 147 -0.89 9.86 32.56
C SER B 147 -0.52 10.83 31.42
N TYR B 148 -1.34 10.89 30.35
CA TYR B 148 -1.06 11.73 29.17
C TYR B 148 0.42 11.69 28.81
N TYR B 149 0.92 10.46 28.81
CA TYR B 149 2.31 10.13 28.68
C TYR B 149 2.43 8.73 28.14
N GLY B 150 3.16 8.54 27.04
CA GLY B 150 3.23 7.21 26.44
C GLY B 150 2.06 6.96 25.49
N PHE B 151 1.42 5.80 25.64
CA PHE B 151 0.23 5.56 24.85
C PHE B 151 -1.02 5.90 25.67
N TYR B 152 -1.49 7.14 25.52
CA TYR B 152 -2.55 7.66 26.38
C TYR B 152 -3.90 7.69 25.68
N GLY B 153 -4.96 7.74 26.49
CA GLY B 153 -6.31 7.80 26.00
C GLY B 153 -7.15 8.70 26.88
N PHE B 154 -8.20 9.28 26.31
CA PHE B 154 -9.05 10.15 27.09
C PHE B 154 -10.50 10.07 26.63
N SER B 155 -11.36 10.88 27.25
CA SER B 155 -12.75 11.06 26.85
C SER B 155 -13.02 12.56 26.75
N TYR B 156 -13.92 12.95 25.86
CA TYR B 156 -14.34 14.32 25.83
C TYR B 156 -15.82 14.27 25.46
N THR B 157 -16.53 15.38 25.58
CA THR B 157 -17.93 15.35 25.21
C THR B 157 -18.18 16.11 23.91
N ASP B 158 -19.16 15.61 23.19
CA ASP B 158 -19.60 16.03 21.87
C ASP B 158 -20.35 17.39 21.90
N GLU B 159 -20.87 17.86 20.76
CA GLU B 159 -21.77 19.01 20.78
C GLU B 159 -23.22 18.56 20.94
N SER B 160 -23.51 17.30 20.62
CA SER B 160 -24.86 16.74 20.79
C SER B 160 -24.82 15.97 22.10
N ASN B 161 -23.69 16.12 22.76
CA ASN B 161 -23.39 15.58 24.08
C ASN B 161 -23.30 14.05 24.23
N GLU B 162 -22.44 13.38 23.46
CA GLU B 162 -22.09 11.98 23.76
C GLU B 162 -20.65 11.84 24.27
N LYS B 163 -20.41 10.78 25.03
CA LYS B 163 -19.06 10.48 25.49
C LYS B 163 -18.29 9.85 24.33
N LYS B 164 -17.30 10.59 23.84
CA LYS B 164 -16.46 10.15 22.72
C LYS B 164 -15.11 9.75 23.30
N TYR B 165 -14.45 8.78 22.68
CA TYR B 165 -13.17 8.34 23.19
C TYR B 165 -12.07 8.68 22.17
N PHE B 166 -10.81 8.59 22.57
CA PHE B 166 -9.70 9.11 21.79
C PHE B 166 -8.38 8.76 22.46
N ALA B 167 -7.38 8.43 21.66
CA ALA B 167 -6.07 7.96 22.13
C ALA B 167 -4.96 8.46 21.19
N ALA B 168 -3.77 8.72 21.75
CA ALA B 168 -2.67 9.29 20.97
C ALA B 168 -1.33 8.94 21.59
N THR B 169 -0.27 9.57 21.11
CA THR B 169 1.03 9.34 21.71
C THR B 169 1.82 10.61 21.99
N GLN B 170 2.69 10.51 22.99
CA GLN B 170 3.63 11.55 23.34
C GLN B 170 4.75 10.77 24.02
N PHE B 171 5.73 10.32 23.24
CA PHE B 171 6.74 9.32 23.64
C PHE B 171 8.07 9.88 24.07
N GLU B 172 8.25 11.16 23.78
CA GLU B 172 9.47 11.84 24.13
C GLU B 172 9.31 12.36 25.58
N PRO B 173 10.33 12.08 26.43
CA PRO B 173 11.57 11.41 26.02
C PRO B 173 11.65 9.86 26.15
N LEU B 174 11.25 9.23 27.24
CA LEU B 174 11.58 7.81 27.38
C LEU B 174 10.32 6.99 27.54
N ALA B 175 9.34 7.26 26.69
CA ALA B 175 8.05 6.62 26.87
C ALA B 175 7.75 5.49 25.88
N ALA B 176 8.42 5.49 24.71
CA ALA B 176 8.19 4.46 23.69
C ALA B 176 8.22 3.06 24.27
N ARG B 177 9.07 2.87 25.27
CA ARG B 177 9.29 1.56 25.88
C ARG B 177 8.10 1.08 26.73
N SER B 178 7.22 2.01 27.08
CA SER B 178 6.04 1.67 27.85
C SER B 178 4.94 1.15 26.95
N ALA B 179 4.94 1.59 25.70
CA ALA B 179 3.95 1.19 24.70
C ALA B 179 4.33 -0.15 24.11
N PHE B 180 5.58 -0.23 23.68
CA PHE B 180 6.12 -1.46 23.09
C PHE B 180 7.57 -1.66 23.49
N PRO B 181 7.96 -2.92 23.70
CA PRO B 181 9.35 -3.25 24.01
C PRO B 181 10.22 -2.79 22.87
N CYS B 182 11.32 -2.09 23.12
CA CYS B 182 12.18 -1.66 22.03
C CYS B 182 13.50 -1.11 22.51
N PHE B 183 14.38 -0.88 21.54
CA PHE B 183 15.65 -0.19 21.77
C PHE B 183 15.42 1.33 21.84
N ASP B 184 15.04 1.82 23.03
CA ASP B 184 14.61 3.22 23.21
C ASP B 184 15.76 4.20 23.53
N GLU B 185 16.63 4.44 22.55
CA GLU B 185 17.55 5.58 22.55
C GLU B 185 17.50 6.24 21.16
N PRO B 186 18.02 7.48 21.03
CA PRO B 186 17.86 8.14 19.73
C PRO B 186 18.90 7.61 18.77
N ALA B 187 20.01 7.13 19.32
CA ALA B 187 21.05 6.51 18.52
C ALA B 187 20.56 5.25 17.76
N PHE B 188 19.87 4.34 18.45
CA PHE B 188 19.36 3.11 17.82
C PHE B 188 18.15 3.37 16.94
N LYS B 189 18.39 3.99 15.78
CA LYS B 189 17.41 4.30 14.73
C LYS B 189 16.99 3.05 13.95
N ALA B 190 15.85 3.11 13.28
CA ALA B 190 15.32 1.94 12.56
C ALA B 190 14.14 2.33 11.68
N THR B 191 13.52 1.34 11.06
CA THR B 191 12.31 1.61 10.29
C THR B 191 11.16 0.84 10.90
N PHE B 192 9.93 1.28 10.59
CA PHE B 192 8.76 0.81 11.33
C PHE B 192 7.57 0.41 10.47
N ILE B 193 7.03 -0.77 10.73
CA ILE B 193 5.66 -1.07 10.32
C ILE B 193 4.82 -1.12 11.58
N ILE B 194 3.76 -0.32 11.64
CA ILE B 194 2.87 -0.40 12.80
C ILE B 194 1.51 -0.90 12.33
N LYS B 195 0.91 -1.83 13.08
CA LYS B 195 -0.40 -2.33 12.71
C LYS B 195 -1.42 -2.26 13.86
N ILE B 196 -2.56 -1.60 13.61
CA ILE B 196 -3.52 -1.32 14.69
C ILE B 196 -4.97 -1.72 14.40
N ILE B 197 -5.49 -2.54 15.31
CA ILE B 197 -6.84 -3.07 15.28
C ILE B 197 -7.83 -2.09 15.95
N ARG B 198 -8.70 -1.44 15.16
CA ARG B 198 -9.62 -0.40 15.66
C ARG B 198 -11.04 -0.56 15.11
N ASP B 199 -12.08 -0.19 15.89
CA ASP B 199 -13.47 -0.27 15.39
C ASP B 199 -13.68 0.63 14.15
N GLU B 200 -14.75 0.39 13.40
CA GLU B 200 -14.94 1.03 12.09
C GLU B 200 -15.08 2.53 12.24
N GLN B 201 -15.73 2.93 13.32
CA GLN B 201 -16.10 4.33 13.48
C GLN B 201 -14.83 5.20 13.66
N TYR B 202 -13.83 4.75 14.42
CA TYR B 202 -12.65 5.59 14.67
C TYR B 202 -11.74 5.62 13.47
N THR B 203 -11.04 6.74 13.30
CA THR B 203 -10.04 6.95 12.27
C THR B 203 -8.61 6.79 12.80
N ALA B 204 -7.87 5.81 12.32
CA ALA B 204 -6.50 5.64 12.78
C ALA B 204 -5.48 6.38 11.90
N LEU B 205 -4.51 7.02 12.53
CA LEU B 205 -3.46 7.78 11.86
C LEU B 205 -2.09 7.39 12.43
N SER B 206 -1.04 7.68 11.69
CA SER B 206 0.31 7.39 12.16
C SER B 206 1.30 8.19 11.37
N ASN B 207 2.58 7.88 11.60
CA ASN B 207 3.67 8.56 10.94
C ASN B 207 3.52 8.53 9.41
N MET B 208 3.52 7.31 8.87
CA MET B 208 3.55 7.08 7.43
C MET B 208 2.15 6.97 6.82
N PRO B 209 2.03 7.13 5.49
CA PRO B 209 0.69 7.00 4.91
C PRO B 209 0.13 5.60 5.11
N LYS B 210 -1.17 5.50 4.99
CA LYS B 210 -1.88 4.26 5.22
C LYS B 210 -1.80 3.25 4.06
N LYS B 211 -1.30 2.05 4.32
CA LYS B 211 -1.10 1.08 3.23
C LYS B 211 -2.36 0.32 2.80
N SER B 212 -2.94 -0.38 3.76
CA SER B 212 -4.02 -1.29 3.47
C SER B 212 -4.85 -1.48 4.72
N SER B 213 -6.17 -1.63 4.58
CA SER B 213 -6.93 -2.11 5.75
C SER B 213 -8.21 -2.87 5.49
N VAL B 214 -8.44 -3.82 6.40
CA VAL B 214 -9.31 -4.95 6.16
C VAL B 214 -10.22 -5.28 7.33
N VAL B 215 -11.53 -5.23 7.09
CA VAL B 215 -12.53 -5.58 8.09
C VAL B 215 -12.23 -6.97 8.64
N LEU B 216 -12.26 -7.10 9.97
CA LEU B 216 -12.05 -8.40 10.62
C LEU B 216 -13.42 -9.04 10.86
N ASP B 217 -13.41 -10.34 11.18
CA ASP B 217 -14.62 -11.17 11.24
C ASP B 217 -15.47 -10.75 12.45
N ASP B 218 -14.81 -10.04 13.35
CA ASP B 218 -15.45 -9.52 14.56
C ASP B 218 -16.30 -8.23 14.38
N GLY B 219 -16.00 -7.44 13.35
CA GLY B 219 -16.64 -6.15 13.13
C GLY B 219 -15.69 -4.96 13.18
N LEU B 220 -14.47 -5.24 13.58
CA LEU B 220 -13.42 -4.26 13.71
C LEU B 220 -12.48 -4.21 12.47
N VAL B 221 -11.85 -3.08 12.21
CA VAL B 221 -10.90 -2.91 11.10
C VAL B 221 -9.42 -2.97 11.55
N GLN B 222 -8.51 -3.48 10.71
CA GLN B 222 -7.08 -3.46 11.10
C GLN B 222 -6.20 -2.61 10.18
N ASP B 223 -5.62 -1.55 10.74
CA ASP B 223 -4.83 -0.58 9.97
C ASP B 223 -3.30 -0.82 9.94
N GLU B 224 -2.73 -0.82 8.73
CA GLU B 224 -1.27 -0.86 8.58
C GLU B 224 -0.77 0.26 7.65
N PHE B 225 0.40 0.79 7.98
CA PHE B 225 0.97 1.98 7.34
C PHE B 225 2.24 1.62 6.61
N SER B 226 2.66 2.43 5.64
CA SER B 226 3.85 2.07 4.84
C SER B 226 5.05 2.00 5.77
N GLU B 227 6.11 1.31 5.38
CA GLU B 227 7.18 1.20 6.35
C GLU B 227 7.97 2.47 6.35
N SER B 228 8.36 2.87 7.55
CA SER B 228 8.92 4.17 7.82
C SER B 228 10.33 4.31 7.30
N VAL B 229 10.76 5.56 7.14
CA VAL B 229 12.16 5.87 6.88
C VAL B 229 12.93 5.58 8.19
N LYS B 230 14.26 5.69 8.19
CA LYS B 230 15.01 5.52 9.43
C LYS B 230 14.67 6.64 10.45
N MET B 231 14.23 6.25 11.64
CA MET B 231 13.83 7.21 12.66
C MET B 231 13.83 6.58 14.03
N SER B 232 14.00 7.40 15.08
CA SER B 232 14.23 6.86 16.43
C SER B 232 12.93 6.46 17.09
N THR B 233 13.02 5.55 18.06
CA THR B 233 11.85 5.04 18.78
C THR B 233 10.99 6.18 19.33
N TYR B 234 11.59 7.32 19.65
CA TYR B 234 10.78 8.37 20.28
C TYR B 234 9.89 9.14 19.30
N LEU B 235 10.14 9.00 17.99
CA LEU B 235 9.36 9.74 17.00
C LEU B 235 8.17 8.93 16.48
N VAL B 236 8.08 7.67 16.91
CA VAL B 236 6.96 6.79 16.56
C VAL B 236 5.65 7.42 17.02
N ALA B 237 4.61 7.30 16.22
CA ALA B 237 3.33 7.92 16.57
C ALA B 237 2.13 7.18 16.00
N PHE B 238 1.00 7.25 16.70
CA PHE B 238 -0.24 6.69 16.18
C PHE B 238 -1.44 7.16 16.99
N ILE B 239 -2.51 7.52 16.29
CA ILE B 239 -3.68 8.15 16.89
C ILE B 239 -4.92 7.34 16.55
N VAL B 240 -5.82 7.15 17.51
CA VAL B 240 -7.10 6.47 17.23
C VAL B 240 -8.30 7.27 17.71
N GLY B 241 -9.04 7.90 16.81
CA GLY B 241 -10.22 8.61 17.23
C GLY B 241 -10.99 9.34 16.15
N GLU B 242 -12.25 9.69 16.44
CA GLU B 242 -13.14 10.25 15.41
C GLU B 242 -12.82 11.67 15.02
N MET B 243 -12.10 11.84 13.92
CA MET B 243 -11.80 13.17 13.47
C MET B 243 -12.48 13.24 12.15
N LYS B 244 -12.45 14.41 11.56
CA LYS B 244 -12.64 14.45 10.16
C LYS B 244 -11.48 15.37 9.75
N ASN B 245 -11.32 15.69 8.47
CA ASN B 245 -10.07 16.32 8.02
C ASN B 245 -10.41 17.33 6.96
N LEU B 246 -9.43 18.12 6.55
CA LEU B 246 -9.58 18.91 5.32
C LEU B 246 -8.18 19.11 4.80
N SER B 247 -7.96 18.60 3.59
CA SER B 247 -6.64 18.36 3.06
C SER B 247 -6.34 19.14 1.78
N GLN B 248 -5.06 19.20 1.44
CA GLN B 248 -4.60 19.87 0.24
C GLN B 248 -3.22 19.32 -0.05
N ASP B 249 -2.95 19.00 -1.31
CA ASP B 249 -1.68 18.38 -1.65
C ASP B 249 -0.71 19.43 -2.13
N VAL B 250 0.54 19.03 -2.28
CA VAL B 250 1.53 19.91 -2.86
C VAL B 250 2.34 19.14 -3.91
N ASN B 251 3.63 18.95 -3.70
CA ASN B 251 4.41 18.20 -4.64
C ASN B 251 4.21 16.71 -4.44
N GLY B 252 3.01 16.25 -4.78
CA GLY B 252 2.66 14.86 -4.61
C GLY B 252 2.26 14.55 -3.17
N THR B 253 2.89 15.27 -2.23
CA THR B 253 2.76 15.00 -0.80
C THR B 253 1.49 15.66 -0.27
N LEU B 254 0.78 14.97 0.62
CA LEU B 254 -0.52 15.47 1.07
C LEU B 254 -0.62 15.90 2.54
N VAL B 255 -0.82 17.22 2.67
CA VAL B 255 -0.96 17.94 3.94
C VAL B 255 -2.41 17.97 4.36
N SER B 256 -2.66 17.56 5.60
CA SER B 256 -4.03 17.58 6.09
C SER B 256 -4.13 18.01 7.56
N ILE B 257 -5.13 18.82 7.87
CA ILE B 257 -5.42 19.14 9.26
C ILE B 257 -6.55 18.31 9.76
N TYR B 258 -6.25 17.42 10.69
CA TYR B 258 -7.30 16.61 11.27
C TYR B 258 -7.81 17.26 12.52
N ALA B 259 -9.12 17.43 12.57
CA ALA B 259 -9.79 17.91 13.75
C ALA B 259 -11.05 17.10 13.99
N VAL B 260 -11.51 17.12 15.22
CA VAL B 260 -12.79 16.56 15.61
C VAL B 260 -13.91 17.34 14.85
N PRO B 261 -15.05 16.70 14.52
CA PRO B 261 -16.07 17.23 13.59
C PRO B 261 -16.56 18.70 13.76
N GLU B 262 -16.85 19.07 15.00
CA GLU B 262 -17.33 20.40 15.37
C GLU B 262 -16.50 21.55 14.84
N LYS B 263 -15.17 21.38 14.79
CA LYS B 263 -14.32 22.54 14.61
C LYS B 263 -13.34 22.56 13.45
N ILE B 264 -13.69 21.90 12.36
CA ILE B 264 -12.95 22.18 11.14
C ILE B 264 -13.30 23.52 10.54
N GLY B 265 -14.20 24.24 11.19
CA GLY B 265 -14.46 25.59 10.74
C GLY B 265 -13.15 26.36 10.93
N GLN B 266 -12.44 26.08 12.01
CA GLN B 266 -11.26 26.91 12.30
C GLN B 266 -9.88 26.25 12.09
N VAL B 267 -9.82 25.15 11.35
CA VAL B 267 -8.51 24.62 10.96
C VAL B 267 -8.14 25.19 9.59
N HIS B 268 -8.92 26.15 9.13
CA HIS B 268 -8.73 26.57 7.77
C HIS B 268 -7.42 27.31 7.65
N TYR B 269 -7.10 28.17 8.61
CA TYR B 269 -5.84 28.90 8.54
C TYR B 269 -4.64 28.08 8.88
N ALA B 270 -4.83 27.16 9.81
CA ALA B 270 -3.81 26.19 10.13
C ALA B 270 -3.32 25.55 8.83
N LEU B 271 -4.24 25.01 8.03
CA LEU B 271 -3.83 24.31 6.80
C LEU B 271 -3.05 25.17 5.81
N GLU B 272 -3.60 26.30 5.40
CA GLU B 272 -2.95 27.19 4.46
C GLU B 272 -1.63 27.78 5.02
N THR B 273 -1.46 27.76 6.33
CA THR B 273 -0.22 28.28 6.92
C THR B 273 0.83 27.18 6.85
N THR B 274 0.35 25.95 7.11
CA THR B 274 1.18 24.80 6.97
C THR B 274 1.64 24.75 5.55
N VAL B 275 0.80 25.22 4.65
CA VAL B 275 1.06 24.97 3.24
C VAL B 275 2.36 25.52 2.71
N LYS B 276 2.69 26.81 2.79
CA LYS B 276 4.03 27.14 2.27
C LYS B 276 5.00 27.73 3.34
N LEU B 277 4.70 27.49 4.61
CA LEU B 277 5.83 27.39 5.53
C LEU B 277 6.52 26.09 5.19
N LEU B 278 5.73 25.13 4.70
CA LEU B 278 6.34 23.91 4.20
C LEU B 278 7.16 24.36 3.04
N GLU B 279 6.55 25.13 2.16
CA GLU B 279 7.32 25.44 0.97
C GLU B 279 8.40 26.50 1.24
N PHE B 280 8.48 27.08 2.45
CA PHE B 280 9.63 27.95 2.75
C PHE B 280 10.74 27.14 3.32
N PHE B 281 10.36 26.11 4.05
CA PHE B 281 11.36 25.30 4.70
C PHE B 281 12.03 24.26 3.82
N GLN B 282 11.25 23.57 3.00
CA GLN B 282 11.83 22.52 2.18
C GLN B 282 12.68 23.12 1.06
N ASN B 283 12.59 24.44 0.90
CA ASN B 283 13.41 25.17 -0.08
C ASN B 283 14.68 25.71 0.58
N TYR B 284 14.53 26.36 1.72
CA TYR B 284 15.68 26.91 2.44
C TYR B 284 16.64 25.78 2.82
N PHE B 285 16.07 24.72 3.38
CA PHE B 285 16.82 23.53 3.74
C PHE B 285 17.03 22.65 2.48
N GLU B 286 16.31 23.03 1.42
CA GLU B 286 16.32 22.37 0.11
C GLU B 286 16.16 20.84 0.03
N ILE B 287 16.71 20.06 0.97
CA ILE B 287 16.32 18.65 1.00
C ILE B 287 14.81 18.66 1.03
N GLN B 288 14.20 17.80 0.23
CA GLN B 288 12.77 17.86 0.17
C GLN B 288 12.15 16.78 1.03
N TYR B 289 11.18 17.23 1.83
CA TYR B 289 10.47 16.42 2.82
C TYR B 289 10.01 15.07 2.28
N PRO B 290 10.65 13.99 2.76
CA PRO B 290 10.62 12.62 2.26
C PRO B 290 9.26 11.95 2.29
N LEU B 291 8.37 12.40 3.15
CA LEU B 291 7.09 11.70 3.23
C LEU B 291 6.17 12.03 2.06
N LYS B 292 5.18 11.16 1.86
CA LYS B 292 4.12 11.34 0.88
C LYS B 292 2.95 12.11 1.51
N LYS B 293 2.88 12.08 2.84
CA LYS B 293 1.77 12.70 3.58
C LYS B 293 2.25 13.61 4.71
N LEU B 294 1.39 14.56 5.13
CA LEU B 294 1.68 15.38 6.32
C LEU B 294 0.43 15.79 7.08
N ASP B 295 0.16 15.18 8.22
CA ASP B 295 -1.08 15.47 8.93
C ASP B 295 -0.85 16.17 10.27
N LEU B 296 -1.44 17.35 10.42
CA LEU B 296 -1.47 18.08 11.68
C LEU B 296 -2.79 17.75 12.31
N VAL B 297 -2.77 17.47 13.61
CA VAL B 297 -4.02 17.06 14.23
C VAL B 297 -4.32 17.85 15.53
N ALA B 298 -5.51 18.45 15.52
CA ALA B 298 -6.05 19.20 16.65
C ALA B 298 -6.72 18.23 17.62
N ILE B 299 -5.89 17.65 18.49
CA ILE B 299 -6.32 16.75 19.54
C ILE B 299 -7.33 17.46 20.40
N PRO B 300 -8.53 16.86 20.55
CA PRO B 300 -9.72 17.54 21.07
C PRO B 300 -9.60 17.66 22.56
N ASP B 301 -8.49 18.26 22.95
CA ASP B 301 -8.19 18.27 24.33
C ASP B 301 -7.08 19.22 24.67
N PHE B 302 -7.02 19.62 25.92
CA PHE B 302 -6.10 20.64 26.38
C PHE B 302 -4.99 19.97 27.16
N GLU B 303 -5.30 18.75 27.58
CA GLU B 303 -4.39 17.81 28.26
C GLU B 303 -3.57 17.10 27.19
N ALA B 304 -3.47 17.74 26.03
CA ALA B 304 -2.86 17.16 24.85
C ALA B 304 -1.37 17.32 24.72
N GLY B 305 -0.71 16.22 24.38
CA GLY B 305 0.69 16.18 23.97
C GLY B 305 0.89 16.80 22.60
N ALA B 306 1.46 18.00 22.58
CA ALA B 306 1.74 18.73 21.36
C ALA B 306 3.13 18.31 20.96
N MET B 307 3.29 18.03 19.67
CA MET B 307 4.42 17.23 19.23
C MET B 307 4.98 17.55 17.84
N GLU B 308 6.18 16.99 17.63
CA GLU B 308 6.99 17.09 16.44
C GLU B 308 6.83 15.91 15.47
N ASN B 309 6.03 14.90 15.85
CA ASN B 309 6.01 13.61 15.14
C ASN B 309 6.13 13.69 13.63
N TRP B 310 6.99 12.87 13.04
CA TRP B 310 7.09 12.93 11.60
C TRP B 310 5.89 12.32 10.91
N GLY B 311 5.31 13.15 10.03
CA GLY B 311 4.08 12.84 9.33
C GLY B 311 2.81 12.86 10.16
N LEU B 312 2.94 13.20 11.44
CA LEU B 312 1.76 13.33 12.30
C LEU B 312 1.98 14.34 13.42
N LEU B 313 2.08 15.61 13.04
CA LEU B 313 2.26 16.69 14.02
C LEU B 313 1.00 16.82 14.87
N THR B 314 1.15 16.72 16.18
CA THR B 314 0.02 16.94 17.08
C THR B 314 0.07 18.35 17.67
N PHE B 315 -1.12 18.84 18.03
CA PHE B 315 -1.28 20.11 18.70
C PHE B 315 -2.40 20.03 19.74
N ARG B 316 -2.45 20.97 20.67
CA ARG B 316 -3.67 21.09 21.46
C ARG B 316 -4.69 21.67 20.54
N GLU B 317 -5.92 21.16 20.61
CA GLU B 317 -6.98 21.60 19.71
C GLU B 317 -6.92 23.11 19.59
N GLU B 318 -6.92 23.76 20.75
CA GLU B 318 -6.89 25.20 20.86
C GLU B 318 -5.81 25.89 20.01
N THR B 319 -4.58 25.39 20.10
CA THR B 319 -3.44 26.07 19.49
C THR B 319 -3.40 26.08 17.96
N LEU B 320 -4.36 25.39 17.34
CA LEU B 320 -4.44 25.36 15.87
C LEU B 320 -5.66 26.06 15.34
N LEU B 321 -6.76 26.00 16.09
CA LEU B 321 -8.02 26.49 15.56
C LEU B 321 -8.03 27.98 15.52
N TYR B 322 -8.09 28.51 14.31
CA TYR B 322 -8.13 29.94 14.15
C TYR B 322 -9.36 30.34 13.37
N ASP B 323 -9.92 31.48 13.72
CA ASP B 323 -11.16 31.93 13.13
C ASP B 323 -11.03 33.41 12.83
N SER B 324 -10.95 33.72 11.54
CA SER B 324 -10.65 35.06 11.03
C SER B 324 -11.51 36.16 11.66
N ASN B 325 -12.62 35.74 12.26
CA ASN B 325 -13.67 36.66 12.66
C ASN B 325 -13.37 37.22 14.01
N THR B 326 -13.10 36.29 14.91
CA THR B 326 -13.05 36.55 16.32
C THR B 326 -11.66 36.53 16.91
N SER B 327 -10.69 35.97 16.20
CA SER B 327 -9.43 35.78 16.90
C SER B 327 -8.51 36.99 16.64
N SER B 328 -7.87 37.44 17.74
CA SER B 328 -7.07 38.71 17.93
C SER B 328 -5.83 38.63 17.19
N MET B 329 -4.73 39.37 17.33
CA MET B 329 -3.71 38.53 16.71
C MET B 329 -2.39 38.35 17.55
N ALA B 330 -2.64 38.05 18.81
CA ALA B 330 -1.86 37.10 19.56
C ALA B 330 -2.09 35.66 19.03
N ASP B 331 -3.29 35.40 18.49
CA ASP B 331 -3.77 34.03 18.10
C ASP B 331 -3.22 33.31 16.81
N ARG B 332 -2.72 34.07 15.81
CA ARG B 332 -2.02 33.59 14.56
C ARG B 332 -0.59 33.49 14.86
N LYS B 333 -0.07 34.59 15.43
CA LYS B 333 1.38 34.73 15.60
C LYS B 333 1.90 33.47 16.16
N LEU B 334 1.18 32.88 17.09
CA LEU B 334 1.68 31.63 17.57
C LEU B 334 0.96 30.43 16.90
N VAL B 335 -0.25 30.56 16.36
CA VAL B 335 -0.78 29.39 15.61
C VAL B 335 0.09 29.30 14.33
N THR B 336 0.51 30.46 13.79
CA THR B 336 1.54 30.50 12.75
C THR B 336 2.90 30.01 13.29
N LYS B 337 3.34 30.51 14.45
CA LYS B 337 4.66 30.14 15.01
C LYS B 337 4.73 28.73 15.54
N ILE B 338 3.61 28.21 16.03
CA ILE B 338 3.68 26.86 16.53
C ILE B 338 3.81 25.95 15.35
N ILE B 339 3.22 26.33 14.21
CA ILE B 339 3.35 25.52 12.99
C ILE B 339 4.77 25.62 12.44
N ALA B 340 5.28 26.86 12.34
CA ALA B 340 6.63 27.11 11.90
C ALA B 340 7.69 26.54 12.83
N HIS B 341 7.35 26.37 14.10
CA HIS B 341 8.33 25.82 15.01
C HIS B 341 8.45 24.35 14.72
N GLU B 342 7.32 23.66 14.80
CA GLU B 342 7.34 22.22 14.65
C GLU B 342 7.44 21.84 13.20
N LEU B 343 7.41 22.81 12.30
CA LEU B 343 7.74 22.48 10.90
C LEU B 343 9.24 22.43 10.68
N ALA B 344 9.99 23.34 11.30
CA ALA B 344 11.44 23.31 11.22
C ALA B 344 11.98 22.08 11.91
N HIS B 345 11.17 21.53 12.80
CA HIS B 345 11.52 20.37 13.61
C HIS B 345 11.70 19.14 12.76
N GLN B 346 11.00 19.17 11.63
CA GLN B 346 11.12 18.16 10.62
C GLN B 346 12.60 17.99 10.31
N TRP B 347 13.22 19.01 9.68
CA TRP B 347 14.66 19.00 9.39
C TRP B 347 15.58 18.85 10.61
N PHE B 348 15.59 19.83 11.52
CA PHE B 348 16.46 19.76 12.69
C PHE B 348 15.75 18.90 13.71
N GLY B 349 16.12 17.63 13.78
CA GLY B 349 15.57 16.77 14.82
C GLY B 349 15.15 15.37 14.47
N ASN B 350 14.48 15.22 13.35
CA ASN B 350 14.01 13.91 12.95
C ASN B 350 14.99 13.39 11.95
N LEU B 351 15.18 14.21 10.91
CA LEU B 351 16.12 13.93 9.84
C LEU B 351 17.53 13.79 10.40
N VAL B 352 18.06 14.92 10.85
CA VAL B 352 19.31 14.92 11.58
C VAL B 352 18.99 14.92 13.08
N THR B 353 19.07 13.72 13.65
CA THR B 353 18.68 13.47 15.03
C THR B 353 19.93 13.72 15.84
N MET B 354 19.77 14.02 17.12
CA MET B 354 20.88 14.12 18.05
C MET B 354 21.34 12.68 18.44
N LYS B 355 22.61 12.50 18.84
CA LYS B 355 23.09 11.23 19.45
C LYS B 355 22.35 10.95 20.77
N TRP B 356 22.42 11.92 21.67
CA TRP B 356 21.88 11.81 23.03
C TRP B 356 21.39 13.14 23.63
N TRP B 357 20.58 13.03 24.67
CA TRP B 357 19.82 14.16 25.16
C TRP B 357 20.63 15.35 25.68
N ASN B 358 21.92 15.12 25.86
CA ASN B 358 22.81 16.12 26.41
C ASN B 358 23.08 17.37 25.56
N ASP B 359 22.49 17.45 24.38
CA ASP B 359 22.20 18.76 23.82
C ASP B 359 20.97 18.71 22.94
N LEU B 360 19.83 18.77 23.59
CA LEU B 360 18.59 18.97 22.89
C LEU B 360 18.58 20.39 22.31
N TRP B 361 19.13 21.37 23.06
CA TRP B 361 19.07 22.82 22.73
C TRP B 361 19.50 23.08 21.33
N LEU B 362 20.16 22.10 20.75
CA LEU B 362 20.62 22.30 19.44
C LEU B 362 19.38 22.36 18.53
N ASN B 363 18.47 21.38 18.48
CA ASN B 363 17.47 21.47 17.41
C ASN B 363 16.40 22.50 17.85
N GLU B 364 15.91 22.38 19.08
CA GLU B 364 14.87 23.30 19.55
C GLU B 364 15.35 24.75 19.44
N GLY B 365 16.64 24.95 19.62
CA GLY B 365 17.25 26.26 19.50
C GLY B 365 17.14 26.69 18.05
N PHE B 366 17.36 25.75 17.13
CA PHE B 366 17.27 26.05 15.71
C PHE B 366 15.85 26.23 15.27
N ALA B 367 15.02 25.28 15.68
CA ALA B 367 13.60 25.37 15.46
C ALA B 367 13.03 26.73 15.90
N THR B 368 13.36 27.14 17.12
CA THR B 368 12.85 28.39 17.66
C THR B 368 13.33 29.54 16.78
N PHE B 369 14.54 29.36 16.25
CA PHE B 369 15.16 30.35 15.37
C PHE B 369 14.51 30.37 14.01
N MET B 370 14.23 29.19 13.46
CA MET B 370 13.71 29.13 12.09
C MET B 370 12.31 29.70 12.04
N GLU B 371 11.51 29.32 13.02
CA GLU B 371 10.13 29.78 13.16
C GLU B 371 10.06 31.31 13.30
N TYR B 372 11.06 31.95 13.91
CA TYR B 372 11.07 33.43 14.00
C TYR B 372 11.76 34.03 12.76
N PHE B 373 12.49 33.22 12.00
CA PHE B 373 13.15 33.76 10.80
C PHE B 373 12.42 33.34 9.50
N SER B 374 11.86 32.13 9.48
CA SER B 374 10.96 31.77 8.40
C SER B 374 9.84 32.77 8.31
N LEU B 375 9.13 32.95 9.42
CA LEU B 375 8.04 33.91 9.49
C LEU B 375 8.43 35.25 8.90
N GLU B 376 9.62 35.72 9.27
CA GLU B 376 10.01 37.10 9.01
C GLU B 376 10.43 37.43 7.59
N LYS B 377 10.05 36.59 6.62
CA LYS B 377 10.01 37.08 5.24
C LYS B 377 8.91 36.46 4.40
N ILE B 378 8.26 35.41 4.90
CA ILE B 378 7.01 34.98 4.27
C ILE B 378 5.81 35.60 5.02
N PHE B 379 5.73 35.49 6.34
CA PHE B 379 4.73 36.24 7.12
C PHE B 379 5.41 37.42 7.79
N LYS B 380 6.06 38.27 7.00
CA LYS B 380 6.83 39.43 7.51
C LYS B 380 6.00 40.54 8.18
N GLU B 381 4.68 40.56 7.96
CA GLU B 381 3.86 41.63 8.53
C GLU B 381 3.49 41.38 10.00
N LEU B 382 3.56 40.13 10.45
CA LEU B 382 3.27 39.81 11.85
C LEU B 382 4.30 40.48 12.77
N SER B 383 5.42 40.91 12.21
CA SER B 383 6.46 41.60 12.97
C SER B 383 6.98 40.76 14.11
N SER B 384 7.03 39.46 13.85
CA SER B 384 7.51 38.50 14.83
C SER B 384 8.97 38.73 15.27
N TYR B 385 9.64 39.79 14.85
CA TYR B 385 10.95 40.10 15.47
C TYR B 385 10.74 40.73 16.85
N GLU B 386 9.61 41.45 17.03
CA GLU B 386 9.30 42.09 18.31
C GLU B 386 9.16 41.04 19.40
N ASP B 387 8.41 39.97 19.11
CA ASP B 387 8.41 38.81 20.00
C ASP B 387 9.83 38.33 20.36
N PHE B 388 10.69 38.20 19.36
CA PHE B 388 12.02 37.60 19.51
C PHE B 388 12.91 38.47 20.38
N LEU B 389 12.80 39.77 20.15
CA LEU B 389 13.51 40.76 20.92
C LEU B 389 13.03 40.60 22.34
N ASP B 390 11.71 40.46 22.44
CA ASP B 390 11.00 40.16 23.66
C ASP B 390 11.46 38.83 24.29
N ALA B 391 11.52 37.75 23.51
CA ALA B 391 11.93 36.47 24.06
C ALA B 391 13.40 36.50 24.50
N ARG B 392 14.24 37.19 23.73
CA ARG B 392 15.67 37.26 24.01
C ARG B 392 16.01 38.06 25.27
N PHE B 393 15.41 39.24 25.43
CA PHE B 393 15.54 40.06 26.65
C PHE B 393 15.33 39.28 27.94
N LYS B 394 14.13 38.70 28.07
CA LYS B 394 13.78 38.03 29.30
C LYS B 394 14.53 36.73 29.34
N THR B 395 15.06 36.36 28.17
CA THR B 395 15.97 35.24 28.19
C THR B 395 17.12 35.87 28.94
N MET B 396 17.78 36.94 28.51
CA MET B 396 18.93 37.46 29.31
C MET B 396 18.81 37.66 30.88
N LYS B 397 17.70 38.09 31.50
CA LYS B 397 17.76 38.19 33.00
C LYS B 397 17.82 36.78 33.62
N LYS B 398 17.53 35.79 32.77
CA LYS B 398 18.00 34.41 32.83
C LYS B 398 19.14 34.03 33.70
N ASP B 399 20.23 34.60 33.20
CA ASP B 399 21.52 33.96 33.04
C ASP B 399 22.40 34.87 33.79
N SER B 400 21.79 36.00 34.11
CA SER B 400 22.38 37.00 34.94
C SER B 400 22.43 36.41 36.35
N LEU B 401 21.60 35.38 36.55
CA LEU B 401 21.60 34.62 37.78
C LEU B 401 22.80 33.64 37.84
N ASN B 402 23.15 33.19 39.06
CA ASN B 402 24.25 32.24 39.27
C ASN B 402 23.63 30.87 39.45
N SER B 403 22.34 30.85 39.79
CA SER B 403 21.56 29.61 39.81
C SER B 403 21.42 29.08 38.40
N SER B 404 21.70 29.97 37.46
CA SER B 404 21.66 29.70 36.04
C SER B 404 22.65 28.60 35.62
N HIS B 405 22.43 28.02 34.44
CA HIS B 405 23.18 26.87 33.98
C HIS B 405 23.66 26.99 32.51
N PRO B 406 24.92 26.58 32.23
CA PRO B 406 25.46 26.59 30.86
C PRO B 406 24.79 25.53 29.97
N ILE B 407 24.56 25.86 28.71
CA ILE B 407 23.72 25.03 27.87
C ILE B 407 24.33 23.67 27.50
N SER B 408 25.65 23.58 27.32
CA SER B 408 26.22 22.28 26.97
C SER B 408 27.14 21.71 28.06
N SER B 409 26.73 20.56 28.62
CA SER B 409 27.61 19.65 29.37
C SER B 409 26.87 18.36 29.77
N SER B 410 27.65 17.40 30.27
CA SER B 410 27.26 16.03 30.58
C SER B 410 25.84 15.72 31.17
N VAL B 411 25.13 14.80 30.50
CA VAL B 411 23.91 14.16 31.03
C VAL B 411 24.03 12.62 30.95
N GLN B 412 23.50 11.87 31.92
CA GLN B 412 23.10 10.47 31.66
C GLN B 412 22.13 9.93 32.72
N SER B 413 22.03 10.65 33.83
CA SER B 413 21.04 10.42 34.89
C SER B 413 19.66 9.89 34.52
N SER B 414 18.84 9.73 35.54
CA SER B 414 17.52 9.15 35.38
C SER B 414 16.48 10.14 34.94
N GLU B 415 16.74 11.42 35.18
CA GLU B 415 15.70 12.44 35.00
C GLU B 415 16.08 13.87 34.61
N GLN B 416 17.31 14.34 34.78
CA GLN B 416 17.46 15.73 34.34
C GLN B 416 17.69 15.71 32.82
N ILE B 417 17.29 14.59 32.21
CA ILE B 417 17.04 14.52 30.78
C ILE B 417 15.83 15.44 30.52
N GLU B 418 14.91 15.50 31.48
CA GLU B 418 13.75 16.38 31.34
C GLU B 418 13.95 17.80 31.89
N GLU B 419 15.01 18.05 32.67
CA GLU B 419 15.32 19.46 32.96
C GLU B 419 15.83 20.07 31.65
N MET B 420 16.25 19.20 30.72
CA MET B 420 16.77 19.63 29.43
C MET B 420 15.63 20.30 28.67
N PHE B 421 14.44 20.18 29.26
CA PHE B 421 13.22 20.73 28.70
C PHE B 421 12.80 22.06 29.33
N ASP B 422 13.79 22.87 29.67
CA ASP B 422 13.50 24.23 30.08
C ASP B 422 13.80 25.06 28.85
N SER B 423 12.87 25.93 28.46
CA SER B 423 12.96 26.54 27.13
C SER B 423 14.06 27.61 27.24
N LEU B 424 14.80 27.55 28.35
CA LEU B 424 15.93 28.44 28.58
C LEU B 424 17.08 28.15 27.64
N SER B 425 17.41 26.88 27.50
CA SER B 425 18.42 26.48 26.53
C SER B 425 17.94 26.77 25.10
N TYR B 426 16.67 26.46 24.84
CA TYR B 426 16.09 26.61 23.51
C TYR B 426 16.12 28.04 23.04
N PHE B 427 15.60 28.95 23.86
CA PHE B 427 15.48 30.34 23.43
C PHE B 427 16.88 30.96 23.39
N LYS B 428 17.73 30.62 24.36
CA LYS B 428 19.11 31.08 24.38
C LYS B 428 19.91 30.55 23.20
N GLY B 429 19.86 29.24 22.97
CA GLY B 429 20.50 28.65 21.80
C GLY B 429 20.10 29.40 20.54
N SER B 430 18.80 29.54 20.34
CA SER B 430 18.22 30.36 19.27
C SER B 430 18.90 31.71 19.10
N SER B 431 19.24 32.37 20.20
CA SER B 431 19.88 33.69 20.14
C SER B 431 21.25 33.65 19.47
N LEU B 432 21.99 32.58 19.68
CA LEU B 432 23.36 32.48 19.18
C LEU B 432 23.42 32.26 17.69
N LEU B 433 22.44 31.52 17.19
CA LEU B 433 22.36 31.25 15.77
C LEU B 433 22.15 32.57 15.08
N LEU B 434 21.36 33.43 15.72
CA LEU B 434 21.15 34.82 15.26
C LEU B 434 22.42 35.66 15.40
N MET B 435 23.23 35.35 16.41
CA MET B 435 24.53 36.02 16.54
C MET B 435 25.48 35.47 15.46
N LEU B 436 25.34 34.18 15.13
CA LEU B 436 26.16 33.51 14.12
C LEU B 436 25.83 34.03 12.73
N LYS B 437 24.53 34.22 12.45
CA LYS B 437 24.00 34.59 11.12
C LYS B 437 24.08 36.06 10.82
N THR B 438 24.42 36.89 11.80
CA THR B 438 24.68 38.31 11.58
C THR B 438 26.14 38.72 11.59
N TYR B 439 26.98 37.90 12.24
CA TYR B 439 28.43 38.14 12.22
C TYR B 439 28.97 37.70 10.91
N LEU B 440 29.00 36.38 10.77
CA LEU B 440 29.09 35.71 9.49
C LEU B 440 27.75 36.04 8.76
N SER B 441 27.79 36.22 7.44
CA SER B 441 26.60 36.69 6.69
C SER B 441 25.36 35.77 6.64
N GLU B 442 24.29 36.26 6.02
CA GLU B 442 23.13 35.43 5.68
C GLU B 442 23.48 34.40 4.60
N ASP B 443 24.46 34.73 3.77
CA ASP B 443 24.92 33.85 2.70
C ASP B 443 25.46 32.55 3.27
N VAL B 444 26.47 32.72 4.10
CA VAL B 444 27.36 31.70 4.63
C VAL B 444 26.84 30.44 5.39
N PHE B 445 25.95 30.75 6.36
CA PHE B 445 25.32 29.91 7.38
C PHE B 445 24.30 29.07 6.60
N GLN B 446 23.69 29.71 5.61
CA GLN B 446 22.70 29.00 4.79
C GLN B 446 23.38 27.78 4.23
N HIS B 447 24.51 28.01 3.59
CA HIS B 447 25.21 26.90 2.96
C HIS B 447 25.87 26.04 4.01
N ALA B 448 26.25 26.64 5.14
CA ALA B 448 26.77 25.90 6.28
C ALA B 448 25.69 25.04 6.96
N VAL B 449 24.45 25.53 7.00
CA VAL B 449 23.32 24.63 7.31
C VAL B 449 23.07 23.68 6.16
N VAL B 450 23.00 24.21 4.94
CA VAL B 450 22.75 23.37 3.79
C VAL B 450 23.75 22.24 3.70
N LEU B 451 25.05 22.50 3.85
CA LEU B 451 25.96 21.34 3.85
C LEU B 451 25.81 20.47 5.13
N TYR B 452 25.45 21.08 6.27
CA TYR B 452 25.28 20.35 7.56
C TYR B 452 24.24 19.26 7.45
N LEU B 453 23.09 19.61 6.89
CA LEU B 453 22.00 18.68 6.74
C LEU B 453 22.38 17.52 5.84
N HIS B 454 23.11 17.72 4.74
CA HIS B 454 23.22 16.52 3.86
C HIS B 454 24.12 15.45 4.46
N ASN B 455 25.27 15.89 5.00
CA ASN B 455 26.33 14.98 5.46
C ASN B 455 25.72 13.99 6.43
N HIS B 456 24.73 14.45 7.21
CA HIS B 456 24.07 13.55 8.16
C HIS B 456 22.57 13.50 8.08
N SER B 457 22.01 13.51 6.89
CA SER B 457 20.61 13.11 6.72
C SER B 457 20.44 11.71 7.33
N TYR B 458 19.24 11.40 7.84
CA TYR B 458 18.92 10.09 8.46
C TYR B 458 20.04 9.54 9.34
N ALA B 459 20.76 10.44 10.04
CA ALA B 459 21.85 10.12 10.98
C ALA B 459 21.78 10.80 12.36
N SER B 460 22.48 10.23 13.36
CA SER B 460 22.69 10.89 14.67
C SER B 460 23.94 11.74 14.74
N ILE B 461 23.86 12.89 15.42
CA ILE B 461 24.98 13.83 15.51
C ILE B 461 25.17 14.37 16.93
N GLN B 462 26.33 14.98 17.18
CA GLN B 462 26.57 15.83 18.35
C GLN B 462 26.81 17.28 18.00
N SER B 463 26.74 18.11 19.05
CA SER B 463 26.77 19.57 18.99
C SER B 463 27.85 20.14 18.06
N ASP B 464 29.05 19.60 18.17
CA ASP B 464 30.23 20.12 17.47
C ASP B 464 30.16 19.88 15.96
N ASP B 465 29.26 19.01 15.53
CA ASP B 465 29.12 18.65 14.11
C ASP B 465 28.63 19.84 13.31
N LEU B 466 27.79 20.64 13.96
CA LEU B 466 27.34 21.88 13.38
C LEU B 466 28.46 22.89 13.22
N TRP B 467 29.29 23.03 14.24
CA TRP B 467 30.34 24.05 14.19
C TRP B 467 31.41 23.84 13.12
N ASP B 468 31.70 22.59 12.78
CA ASP B 468 32.66 22.30 11.71
C ASP B 468 32.05 22.40 10.32
N SER B 469 30.74 22.18 10.21
CA SER B 469 30.04 22.41 8.94
C SER B 469 30.15 23.87 8.60
N PHE B 470 30.36 24.67 9.63
CA PHE B 470 30.58 26.10 9.48
C PHE B 470 32.05 26.39 9.18
N ASN B 471 32.97 25.63 9.79
CA ASN B 471 34.39 25.92 9.63
C ASN B 471 34.89 25.66 8.20
N GLU B 472 34.01 25.21 7.31
CA GLU B 472 34.28 25.28 5.88
C GLU B 472 33.66 26.55 5.23
N VAL B 473 34.19 27.74 5.58
CA VAL B 473 34.01 29.10 4.97
C VAL B 473 33.34 29.20 3.55
N THR B 474 33.31 30.39 2.94
CA THR B 474 32.94 30.53 1.53
C THR B 474 33.74 29.47 0.70
N ASN B 475 34.95 29.10 1.17
CA ASN B 475 35.55 27.76 0.90
C ASN B 475 36.70 27.36 1.89
N GLN B 476 36.32 27.08 3.14
CA GLN B 476 37.12 26.42 4.22
C GLN B 476 37.88 27.34 5.20
N THR B 477 37.69 27.06 6.49
CA THR B 477 38.42 27.55 7.67
C THR B 477 39.13 28.92 7.82
N LEU B 478 38.39 29.99 8.07
CA LEU B 478 39.05 31.23 8.44
C LEU B 478 39.13 31.45 9.98
N ASP B 479 38.22 30.85 10.75
CA ASP B 479 38.50 30.61 12.18
C ASP B 479 37.64 29.44 12.69
N VAL B 480 38.07 28.90 13.84
CA VAL B 480 37.62 27.64 14.44
C VAL B 480 36.45 27.95 15.36
N LYS B 481 35.68 26.92 15.69
CA LYS B 481 34.58 27.09 16.60
C LYS B 481 34.90 26.67 18.02
N ARG B 482 36.01 27.20 18.52
CA ARG B 482 36.22 27.29 19.93
C ARG B 482 35.51 28.58 20.33
N MET B 483 35.29 29.45 19.35
CA MET B 483 34.46 30.64 19.58
C MET B 483 33.04 30.27 20.00
N MET B 484 32.34 29.47 19.17
CA MET B 484 30.94 29.14 19.44
C MET B 484 30.71 28.44 20.73
N LYS B 485 31.73 27.77 21.22
CA LYS B 485 31.67 27.42 22.60
C LYS B 485 32.93 28.13 23.22
N THR B 486 32.76 29.45 23.44
CA THR B 486 33.05 30.19 24.70
C THR B 486 31.65 30.44 25.27
N TRP B 487 30.67 30.36 24.38
CA TRP B 487 29.27 30.54 24.73
C TRP B 487 28.49 29.35 25.43
N THR B 488 28.69 28.08 25.07
CA THR B 488 27.77 27.05 25.64
C THR B 488 28.06 26.43 27.07
N LEU B 489 29.33 26.13 27.37
CA LEU B 489 29.91 25.46 28.57
C LEU B 489 30.22 26.49 29.68
N GLN B 490 30.17 27.78 29.32
CA GLN B 490 30.25 28.88 30.33
C GLN B 490 28.93 29.63 30.58
N LYS B 491 28.77 29.82 31.89
CA LYS B 491 27.61 30.48 32.47
C LYS B 491 27.52 31.94 32.11
N GLY B 492 26.33 32.38 31.73
CA GLY B 492 26.10 33.79 31.49
C GLY B 492 26.40 34.26 30.08
N PHE B 493 26.77 35.54 30.01
CA PHE B 493 27.11 36.20 28.76
C PHE B 493 27.92 37.45 29.14
N PRO B 494 28.79 37.92 28.23
CA PRO B 494 29.74 38.97 28.53
C PRO B 494 29.15 40.34 28.62
N LEU B 495 29.65 41.14 29.54
CA LEU B 495 29.43 42.58 29.55
C LEU B 495 30.61 43.24 28.85
N VAL B 496 30.35 43.84 27.69
CA VAL B 496 31.40 44.46 26.88
C VAL B 496 31.37 45.95 27.15
N THR B 497 32.41 46.46 27.81
CA THR B 497 32.42 47.87 28.16
C THR B 497 33.12 48.66 27.05
N VAL B 498 32.43 49.70 26.58
CA VAL B 498 32.93 50.53 25.48
C VAL B 498 33.06 51.99 25.93
N GLN B 499 34.28 52.52 25.83
CA GLN B 499 34.55 53.91 26.22
C GLN B 499 35.00 54.64 24.95
N LYS B 500 34.60 55.89 24.67
CA LYS B 500 35.39 56.62 23.65
C LYS B 500 35.75 58.12 23.75
N LYS B 501 37.08 58.26 23.80
CA LYS B 501 37.87 59.45 23.54
C LYS B 501 38.08 59.83 22.07
N GLY B 502 37.12 59.51 21.20
CA GLY B 502 37.28 59.83 19.79
C GLY B 502 37.24 58.81 18.63
N LYS B 503 38.42 58.47 18.10
CA LYS B 503 38.47 57.58 16.95
C LYS B 503 38.64 56.09 17.23
N GLU B 504 39.18 55.72 18.39
CA GLU B 504 39.22 54.32 18.80
C GLU B 504 37.81 53.87 19.27
N LEU B 505 37.80 52.88 20.15
CA LEU B 505 36.66 52.39 20.91
C LEU B 505 37.24 51.26 21.77
N PHE B 506 37.49 51.54 23.06
CA PHE B 506 38.22 50.58 23.90
C PHE B 506 37.30 49.55 24.49
N ILE B 507 37.53 48.31 24.07
CA ILE B 507 36.60 47.23 24.32
C ILE B 507 37.16 46.30 25.37
N GLN B 508 36.47 46.17 26.49
CA GLN B 508 36.92 45.21 27.48
C GLN B 508 35.74 44.31 27.81
N GLN B 509 36.02 43.12 28.32
CA GLN B 509 35.04 42.04 28.37
C GLN B 509 34.94 41.43 29.76
N GLU B 510 33.73 41.23 30.27
CA GLU B 510 33.57 40.70 31.63
C GLU B 510 32.42 39.70 31.80
N ARG B 511 32.39 39.05 32.96
CA ARG B 511 31.29 38.16 33.36
C ARG B 511 30.09 39.04 33.68
N PHE B 512 28.90 38.67 33.24
CA PHE B 512 27.74 39.44 33.69
C PHE B 512 27.41 38.92 35.08
N PHE B 513 27.85 39.65 36.10
CA PHE B 513 27.70 39.24 37.50
C PHE B 513 26.72 40.16 38.25
N LEU B 514 25.89 39.60 39.12
CA LEU B 514 25.05 40.48 39.92
C LEU B 514 25.71 40.72 41.29
N ASN B 515 26.24 39.65 41.89
CA ASN B 515 26.86 39.70 43.21
C ASN B 515 25.82 39.94 44.31
N THR B 525 36.49 35.95 39.43
CA THR B 525 36.47 34.89 38.43
C THR B 525 36.64 35.48 37.02
N SER B 526 37.61 34.92 36.27
CA SER B 526 37.91 35.35 34.90
C SER B 526 37.37 34.42 33.79
N TYR B 527 36.20 34.80 33.25
CA TYR B 527 35.61 34.22 32.03
C TYR B 527 36.21 34.90 30.80
N LEU B 528 36.17 34.23 29.65
CA LEU B 528 36.52 34.92 28.40
C LEU B 528 35.64 34.48 27.24
N TRP B 529 35.18 35.45 26.46
CA TRP B 529 34.34 35.21 25.29
C TRP B 529 34.96 35.77 24.02
N HIS B 530 34.80 35.04 22.91
CA HIS B 530 35.11 35.58 21.58
C HIS B 530 33.86 36.23 20.97
N ILE B 531 33.90 37.55 20.79
CA ILE B 531 32.69 38.32 20.55
C ILE B 531 32.63 39.09 19.23
N PRO B 532 31.69 38.70 18.36
CA PRO B 532 31.40 39.51 17.16
C PRO B 532 30.76 40.85 17.54
N LEU B 533 31.48 41.95 17.28
CA LEU B 533 31.06 43.30 17.71
C LEU B 533 30.57 44.23 16.60
N SER B 534 29.30 44.13 16.20
CA SER B 534 28.70 45.10 15.29
C SER B 534 28.47 46.44 16.03
N TYR B 535 28.65 47.56 15.33
CA TYR B 535 28.45 48.93 15.87
C TYR B 535 28.19 50.03 14.81
N VAL B 536 27.39 51.03 15.15
CA VAL B 536 27.03 52.12 14.22
C VAL B 536 27.20 53.50 14.90
N THR B 537 27.57 54.51 14.11
CA THR B 537 27.83 55.88 14.60
C THR B 537 27.38 57.02 13.65
N GLU B 538 27.82 58.25 13.97
CA GLU B 538 27.56 59.47 13.16
C GLU B 538 28.64 60.54 13.33
N ASN B 541 29.76 64.66 9.55
CA ASN B 541 28.87 65.46 8.73
C ASN B 541 27.70 64.64 8.18
N TYR B 542 26.88 64.10 9.09
CA TYR B 542 25.60 63.41 8.80
C TYR B 542 25.33 62.07 8.11
N SER B 543 26.10 61.00 8.27
CA SER B 543 25.58 59.73 7.74
C SER B 543 26.21 58.44 8.27
N LYS B 544 25.32 57.47 8.47
CA LYS B 544 25.52 56.24 9.23
C LYS B 544 26.57 55.21 8.76
N TYR B 545 27.45 54.87 9.71
CA TYR B 545 28.53 53.88 9.55
C TYR B 545 28.26 52.47 10.11
N GLN B 546 28.52 51.45 9.29
CA GLN B 546 28.38 50.04 9.67
C GLN B 546 29.66 49.21 9.52
N SER B 547 29.87 48.27 10.45
CA SER B 547 30.55 46.95 10.22
C SER B 547 31.18 46.29 11.46
N VAL B 548 31.96 45.25 11.17
CA VAL B 548 32.27 44.16 12.09
C VAL B 548 33.68 44.11 12.71
N SER B 549 33.78 43.35 13.80
CA SER B 549 35.03 43.11 14.54
C SER B 549 34.87 42.00 15.59
N LEU B 550 35.86 41.11 15.72
CA LEU B 550 35.73 40.11 16.76
C LEU B 550 36.70 40.37 17.96
N LEU B 551 36.15 40.84 19.09
CA LEU B 551 36.88 40.93 20.37
C LEU B 551 37.01 39.56 20.94
N ASP B 552 38.21 38.98 20.99
CA ASP B 552 38.28 37.62 21.52
C ASP B 552 39.20 37.36 22.72
N LYS B 553 39.74 38.42 23.31
CA LYS B 553 40.31 38.32 24.64
C LYS B 553 39.88 39.48 25.53
N LYS B 554 40.37 39.47 26.77
CA LYS B 554 39.75 40.20 27.88
C LYS B 554 39.74 41.71 27.66
N SER B 555 40.57 42.15 26.73
CA SER B 555 40.54 43.53 26.32
C SER B 555 40.78 43.63 24.83
N GLY B 556 40.41 44.76 24.27
CA GLY B 556 40.59 45.00 22.86
C GLY B 556 40.27 46.42 22.50
N VAL B 557 40.42 46.74 21.22
CA VAL B 557 40.19 48.09 20.70
C VAL B 557 39.76 47.99 19.24
N ILE B 558 38.75 48.77 18.87
CA ILE B 558 38.31 48.86 17.48
C ILE B 558 38.39 50.33 17.13
N ASN B 559 39.08 50.72 16.06
CA ASN B 559 39.07 52.17 15.95
C ASN B 559 38.57 52.73 14.58
N LEU B 560 37.84 53.85 14.70
CA LEU B 560 36.97 54.44 13.66
C LEU B 560 37.65 55.18 12.51
N THR B 561 36.96 55.20 11.38
CA THR B 561 37.40 55.94 10.22
C THR B 561 37.35 57.47 10.51
N GLU B 562 36.23 57.99 11.03
CA GLU B 562 36.06 59.42 11.44
C GLU B 562 36.10 59.70 12.94
N GLU B 563 35.75 60.96 13.24
CA GLU B 563 35.38 61.42 14.59
C GLU B 563 33.88 61.53 14.81
N VAL B 564 33.33 60.81 15.79
CA VAL B 564 31.88 60.76 15.84
C VAL B 564 31.34 61.30 17.22
N LEU B 565 30.02 61.56 17.29
CA LEU B 565 29.31 62.17 18.42
C LEU B 565 28.62 61.14 19.33
N TRP B 566 28.07 60.08 18.73
CA TRP B 566 27.44 58.99 19.47
C TRP B 566 27.85 57.65 18.90
N VAL B 567 28.11 56.69 19.77
CA VAL B 567 28.29 55.33 19.30
C VAL B 567 27.32 54.45 20.07
N LYS B 568 26.69 53.52 19.35
CA LYS B 568 25.90 52.49 19.99
C LYS B 568 26.44 51.16 19.46
N VAL B 569 26.77 50.29 20.41
CA VAL B 569 27.43 49.03 20.10
C VAL B 569 26.42 47.91 20.15
N ASN B 570 26.61 46.92 19.27
CA ASN B 570 25.67 45.81 19.04
C ASN B 570 24.45 46.30 18.29
N ILE B 571 24.60 46.39 16.98
CA ILE B 571 23.50 46.79 16.12
C ILE B 571 22.34 45.85 16.38
N ASN B 572 21.18 46.43 16.69
CA ASN B 572 19.95 45.66 16.82
C ASN B 572 19.92 44.47 17.82
N MET B 573 20.75 44.50 18.87
CA MET B 573 20.94 43.40 19.86
C MET B 573 20.90 41.94 19.30
N ASN B 574 21.51 41.91 18.14
CA ASN B 574 21.94 40.83 17.32
C ASN B 574 23.03 39.99 17.95
N GLY B 575 23.81 40.65 18.81
CA GLY B 575 24.86 40.02 19.57
C GLY B 575 24.31 39.74 20.94
N TYR B 576 24.64 38.57 21.47
CA TYR B 576 24.17 38.11 22.76
C TYR B 576 25.03 38.63 23.90
N TYR B 577 24.91 39.93 24.19
CA TYR B 577 25.62 40.56 25.30
C TYR B 577 25.00 41.91 25.65
N ILE B 578 25.41 42.48 26.77
CA ILE B 578 24.95 43.81 27.16
C ILE B 578 26.12 44.75 26.93
N VAL B 579 25.86 45.94 26.36
CA VAL B 579 26.96 46.85 26.12
C VAL B 579 26.84 48.10 27.01
N HIS B 580 27.87 48.33 27.83
CA HIS B 580 27.91 49.48 28.75
C HIS B 580 28.94 50.53 28.30
N TYR B 581 28.51 51.78 28.30
CA TYR B 581 29.32 52.89 27.81
C TYR B 581 29.90 53.71 28.99
N ALA B 582 30.79 54.67 28.71
CA ALA B 582 31.25 55.67 29.70
C ALA B 582 30.34 56.92 29.85
N ASP B 583 30.64 57.78 30.83
CA ASP B 583 29.70 58.77 31.38
C ASP B 583 29.07 59.74 30.35
N ASP B 584 29.85 60.24 29.38
CA ASP B 584 29.20 60.94 28.27
C ASP B 584 29.26 60.17 26.95
N ASP B 585 29.37 58.85 27.01
CA ASP B 585 29.10 58.01 25.86
C ASP B 585 27.63 57.82 25.58
N TRP B 586 26.95 57.46 26.66
CA TRP B 586 25.54 57.22 26.51
C TRP B 586 24.84 58.56 26.58
N GLU B 587 25.35 59.51 27.37
CA GLU B 587 24.69 60.82 27.34
C GLU B 587 25.07 61.52 26.04
N ALA B 588 25.93 60.90 25.25
CA ALA B 588 26.06 61.23 23.84
C ALA B 588 24.87 60.61 23.15
N LEU B 589 24.75 59.30 23.33
CA LEU B 589 23.65 58.54 22.81
C LEU B 589 22.29 58.98 23.40
N ILE B 590 22.24 59.20 24.71
CA ILE B 590 21.02 59.62 25.41
C ILE B 590 20.51 60.91 24.79
N HIS B 591 21.44 61.83 24.56
CA HIS B 591 21.14 63.14 23.98
C HIS B 591 20.71 62.92 22.52
N GLN B 592 21.40 62.01 21.86
CA GLN B 592 21.10 61.64 20.48
C GLN B 592 19.75 60.96 20.35
N LEU B 593 19.26 60.44 21.47
CA LEU B 593 17.94 59.87 21.52
C LEU B 593 16.92 61.00 21.51
N LYS B 594 17.27 62.12 22.13
CA LYS B 594 16.35 63.25 22.13
C LYS B 594 16.49 64.10 20.85
N ILE B 595 17.69 64.18 20.28
CA ILE B 595 17.89 64.97 19.06
C ILE B 595 17.02 64.46 17.92
N ASN B 596 17.06 63.15 17.72
CA ASN B 596 16.36 62.42 16.68
C ASN B 596 16.88 61.00 16.78
N PRO B 597 16.11 60.16 17.49
CA PRO B 597 16.44 58.76 17.77
C PRO B 597 16.27 57.84 16.54
N TYR B 598 15.70 58.34 15.44
CA TYR B 598 15.47 57.52 14.27
C TYR B 598 16.76 57.40 13.46
N VAL B 599 17.83 57.97 14.02
CA VAL B 599 19.19 57.73 13.53
C VAL B 599 19.58 56.26 13.88
N LEU B 600 18.71 55.61 14.65
CA LEU B 600 18.83 54.20 15.02
C LEU B 600 17.57 53.45 14.57
N SER B 601 17.61 52.13 14.55
CA SER B 601 16.40 51.36 14.28
C SER B 601 15.57 51.28 15.57
N ASP B 602 14.46 50.56 15.54
CA ASP B 602 13.65 50.51 16.75
C ASP B 602 14.21 49.51 17.73
N LYS B 603 14.90 48.50 17.24
CA LYS B 603 15.27 47.44 18.15
C LYS B 603 16.55 47.79 18.91
N ASP B 604 17.48 48.49 18.27
CA ASP B 604 18.66 48.95 19.03
C ASP B 604 18.18 49.93 20.08
N ARG B 605 17.22 50.78 19.70
CA ARG B 605 16.64 51.72 20.68
C ARG B 605 16.10 50.97 21.89
N ALA B 606 15.44 49.84 21.66
CA ALA B 606 14.83 49.10 22.75
C ALA B 606 15.93 48.45 23.56
N ASN B 607 16.96 48.02 22.85
CA ASN B 607 18.15 47.42 23.43
C ASN B 607 18.67 48.38 24.46
N LEU B 608 18.84 49.63 24.05
CA LEU B 608 19.31 50.73 24.92
C LEU B 608 18.49 50.88 26.18
N ILE B 609 17.18 50.89 26.01
CA ILE B 609 16.29 51.00 27.14
C ILE B 609 16.43 49.77 28.03
N ASN B 610 16.46 48.58 27.42
CA ASN B 610 16.74 47.34 28.14
C ASN B 610 17.97 47.45 29.01
N ASN B 611 19.08 47.70 28.32
CA ASN B 611 20.40 47.64 28.92
C ASN B 611 20.53 48.63 30.07
N ILE B 612 20.20 49.90 29.83
CA ILE B 612 20.31 50.94 30.86
C ILE B 612 19.56 50.66 32.18
N PHE B 613 18.53 49.82 32.14
CA PHE B 613 17.74 49.54 33.33
C PHE B 613 18.34 48.35 34.05
N GLU B 614 18.90 47.43 33.24
CA GLU B 614 19.37 46.15 33.76
C GLU B 614 20.55 46.50 34.58
N LEU B 615 21.30 47.39 33.95
CA LEU B 615 22.39 48.03 34.59
C LEU B 615 21.92 48.68 35.85
N ALA B 616 20.94 49.56 35.79
CA ALA B 616 20.55 50.36 36.96
C ALA B 616 20.15 49.53 38.19
N GLY B 617 20.01 48.23 38.01
CA GLY B 617 19.85 47.33 39.13
C GLY B 617 21.23 47.00 39.65
N LEU B 618 22.11 46.58 38.73
CA LEU B 618 23.49 46.18 39.03
C LEU B 618 24.48 47.28 39.51
N GLY B 619 24.03 48.52 39.66
CA GLY B 619 24.91 49.62 40.10
C GLY B 619 25.28 50.48 38.92
N LYS B 620 25.42 49.85 37.76
CA LYS B 620 25.42 50.53 36.46
C LYS B 620 26.06 51.88 36.23
N VAL B 621 25.40 52.81 36.90
CA VAL B 621 24.92 54.06 36.33
C VAL B 621 23.84 54.39 37.34
N PRO B 622 23.78 55.66 37.79
CA PRO B 622 22.80 55.97 38.81
C PRO B 622 21.37 55.79 38.37
N LEU B 623 20.55 55.48 39.36
CA LEU B 623 19.11 55.35 39.25
C LEU B 623 18.56 56.28 38.13
N LYS B 624 19.36 57.34 37.94
CA LYS B 624 19.11 58.80 37.82
C LYS B 624 19.29 59.22 36.39
N ARG B 625 19.44 58.17 35.59
CA ARG B 625 18.49 57.94 34.53
C ARG B 625 18.97 56.93 33.45
N ALA B 626 18.87 55.67 33.87
CA ALA B 626 18.19 54.67 33.04
C ALA B 626 17.05 55.39 32.29
N PHE B 627 16.29 56.12 33.12
CA PHE B 627 15.06 56.81 32.75
C PHE B 627 15.25 58.23 31.90
N ASP B 628 16.47 58.88 31.78
CA ASP B 628 16.74 60.17 30.95
C ASP B 628 17.13 59.67 29.63
N LEU B 629 17.50 58.40 29.63
CA LEU B 629 17.73 57.76 28.38
C LEU B 629 16.31 57.67 27.88
N ILE B 630 15.42 57.33 28.80
CA ILE B 630 14.06 57.06 28.41
C ILE B 630 13.09 58.26 28.34
N ASN B 631 13.52 59.49 28.58
CA ASN B 631 12.49 60.51 28.46
C ASN B 631 12.43 61.10 27.03
N TYR B 632 13.31 60.61 26.15
CA TYR B 632 13.09 60.69 24.69
C TYR B 632 11.65 60.28 24.27
N LEU B 633 11.07 59.29 24.95
CA LEU B 633 9.89 58.54 24.46
C LEU B 633 8.65 59.33 24.04
N GLY B 634 8.64 60.63 24.29
CA GLY B 634 7.53 61.47 23.85
C GLY B 634 7.30 61.38 22.35
N ASN B 635 8.39 61.13 21.62
CA ASN B 635 8.37 61.06 20.17
C ASN B 635 8.64 59.65 19.65
N GLU B 636 8.32 58.64 20.45
CA GLU B 636 8.57 57.27 20.00
C GLU B 636 7.32 56.76 19.28
N ASN B 637 7.55 55.99 18.21
CA ASN B 637 6.48 55.59 17.34
C ASN B 637 6.42 54.08 17.09
N HIS B 638 7.54 53.40 17.32
CA HIS B 638 7.60 51.95 17.11
C HIS B 638 7.27 51.15 18.36
N THR B 639 6.50 50.08 18.18
CA THR B 639 6.03 49.25 19.29
C THR B 639 7.15 48.70 20.18
N ALA B 640 8.16 48.09 19.59
CA ALA B 640 9.17 47.35 20.35
C ALA B 640 9.81 48.18 21.49
N PRO B 641 10.26 49.42 21.20
CA PRO B 641 10.90 50.12 22.31
C PRO B 641 9.93 50.50 23.42
N ILE B 642 8.66 50.69 23.07
CA ILE B 642 7.69 51.11 24.05
C ILE B 642 7.24 49.96 24.95
N THR B 643 7.10 48.76 24.40
CA THR B 643 6.63 47.68 25.25
C THR B 643 7.69 47.45 26.29
N GLU B 644 8.94 47.54 25.84
CA GLU B 644 10.07 47.29 26.72
C GLU B 644 10.20 48.32 27.80
N ALA B 645 9.93 49.58 27.45
CA ALA B 645 9.90 50.62 28.46
C ALA B 645 8.74 50.43 29.44
N LEU B 646 7.55 50.14 28.92
CA LEU B 646 6.41 49.93 29.78
C LEU B 646 6.62 48.76 30.72
N PHE B 647 7.36 47.74 30.25
CA PHE B 647 7.73 46.60 31.08
C PHE B 647 8.57 46.96 32.33
N GLN B 648 9.74 47.55 32.06
CA GLN B 648 10.73 47.89 33.07
C GLN B 648 10.03 48.73 34.11
N THR B 649 9.30 49.71 33.60
CA THR B 649 8.47 50.59 34.38
C THR B 649 7.61 49.93 35.46
N ASP B 650 6.95 48.82 35.12
CA ASP B 650 6.04 48.20 36.07
C ASP B 650 6.78 47.12 36.85
N LEU B 651 7.95 46.72 36.39
CA LEU B 651 8.79 45.93 37.28
C LEU B 651 9.10 46.85 38.44
N ILE B 652 9.51 48.07 38.14
CA ILE B 652 9.79 49.05 39.20
C ILE B 652 8.55 49.46 40.01
N TYR B 653 7.45 49.75 39.31
CA TYR B 653 6.19 50.15 39.95
C TYR B 653 5.77 49.10 40.96
N ASN B 654 5.80 47.84 40.55
CA ASN B 654 5.32 46.76 41.41
C ASN B 654 6.25 46.51 42.59
N LEU B 655 7.54 46.73 42.38
CA LEU B 655 8.49 46.51 43.44
C LEU B 655 8.19 47.50 44.55
N LEU B 656 8.06 48.78 44.17
CA LEU B 656 7.68 49.85 45.11
C LEU B 656 6.36 49.58 45.79
N GLU B 657 5.36 49.26 44.97
CA GLU B 657 3.98 49.08 45.41
C GLU B 657 3.95 48.08 46.57
N LYS B 658 4.84 47.10 46.56
CA LYS B 658 4.78 46.08 47.61
C LYS B 658 5.53 46.49 48.86
N LEU B 659 6.53 47.34 48.71
CA LEU B 659 7.23 47.83 49.88
C LEU B 659 6.36 48.73 50.73
N GLY B 660 5.35 49.33 50.10
CA GLY B 660 4.42 50.22 50.78
C GLY B 660 4.40 51.57 50.13
N TYR B 661 5.31 51.74 49.19
CA TYR B 661 5.64 53.04 48.63
C TYR B 661 4.67 53.38 47.53
N MET B 662 3.39 53.31 47.87
CA MET B 662 2.29 53.44 46.93
C MET B 662 2.39 54.71 46.12
N ASP B 663 2.66 55.81 46.82
CA ASP B 663 2.67 57.13 46.24
C ASP B 663 3.90 57.37 45.38
N LEU B 664 5.05 57.13 45.99
CA LEU B 664 6.32 57.15 45.29
C LEU B 664 6.21 56.32 43.99
N ALA B 665 5.61 55.13 44.09
CA ALA B 665 5.36 54.28 42.94
C ALA B 665 4.36 54.89 41.99
N SER B 666 3.30 55.46 42.52
CA SER B 666 2.20 55.85 41.65
C SER B 666 2.56 57.01 40.74
N ARG B 667 3.34 57.97 41.21
CA ARG B 667 3.70 59.06 40.32
C ARG B 667 4.89 58.70 39.46
N LEU B 668 5.49 57.54 39.76
CA LEU B 668 6.48 56.96 38.89
C LEU B 668 5.76 56.73 37.58
N VAL B 669 4.62 56.08 37.68
CA VAL B 669 3.77 55.82 36.53
C VAL B 669 3.15 57.11 35.99
N THR B 670 2.74 58.03 36.86
CA THR B 670 2.06 59.23 36.36
C THR B 670 2.97 60.10 35.49
N ARG B 671 4.29 59.96 35.56
CA ARG B 671 5.10 60.80 34.69
C ARG B 671 5.58 60.04 33.49
N VAL B 672 5.69 58.73 33.67
CA VAL B 672 5.73 57.82 32.55
C VAL B 672 4.41 57.99 31.84
N PHE B 673 3.30 58.21 32.58
CA PHE B 673 1.99 58.26 31.92
C PHE B 673 2.01 59.23 30.79
N LYS B 674 2.45 60.45 31.03
CA LYS B 674 2.38 61.30 29.89
C LYS B 674 3.75 61.92 29.43
N LEU B 675 4.76 61.06 29.54
CA LEU B 675 5.76 60.89 28.48
C LEU B 675 5.04 60.38 27.22
N LEU B 676 3.93 59.68 27.44
CA LEU B 676 3.19 59.01 26.38
C LEU B 676 1.86 59.71 26.16
N GLN B 677 1.84 61.02 26.35
CA GLN B 677 0.54 61.70 26.38
C GLN B 677 -0.18 61.66 25.06
N ASN B 678 0.55 61.83 23.97
CA ASN B 678 -0.09 61.85 22.71
C ASN B 678 -0.51 60.44 22.27
N GLN B 679 0.43 59.50 22.22
CA GLN B 679 0.14 58.14 21.74
C GLN B 679 -1.06 57.58 22.49
N ILE B 680 -1.22 57.97 23.76
CA ILE B 680 -2.36 57.45 24.55
C ILE B 680 -3.73 58.11 24.15
N GLN B 681 -3.75 59.45 24.03
CA GLN B 681 -4.92 60.26 23.53
C GLN B 681 -5.46 59.62 22.17
N GLN B 682 -4.62 59.37 21.16
CA GLN B 682 -5.17 58.78 19.93
C GLN B 682 -5.15 57.29 19.78
N GLN B 683 -5.17 56.49 20.82
CA GLN B 683 -5.41 55.10 20.47
C GLN B 683 -6.95 54.99 20.20
N THR B 684 -7.32 54.31 19.13
CA THR B 684 -8.73 54.15 18.82
C THR B 684 -9.09 52.80 19.39
N TRP B 685 -10.28 52.68 19.94
CA TRP B 685 -10.65 51.46 20.60
C TRP B 685 -11.22 50.46 19.60
N THR B 686 -10.33 49.95 18.75
CA THR B 686 -10.72 49.23 17.54
C THR B 686 -9.81 48.07 17.21
N ASP B 687 -9.90 47.58 15.98
CA ASP B 687 -8.99 46.55 15.47
C ASP B 687 -8.30 47.09 14.24
N GLU B 688 -8.40 48.40 14.11
CA GLU B 688 -7.84 49.19 13.03
C GLU B 688 -6.32 49.07 12.98
N GLY B 689 -5.77 48.44 11.95
CA GLY B 689 -4.34 48.60 11.76
C GLY B 689 -3.49 47.37 11.51
N THR B 690 -2.21 47.64 11.30
CA THR B 690 -1.19 46.61 11.15
C THR B 690 -1.02 45.80 12.45
N PRO B 691 -0.59 44.55 12.32
CA PRO B 691 -0.33 43.73 13.50
C PRO B 691 0.51 44.43 14.55
N SER B 692 1.63 45.03 14.17
CA SER B 692 2.54 45.58 15.17
C SER B 692 1.85 46.66 16.00
N MET B 693 1.17 47.60 15.33
CA MET B 693 0.54 48.71 16.05
C MET B 693 -0.85 48.44 16.64
N ARG B 694 -1.51 47.32 16.29
CA ARG B 694 -2.73 46.98 17.03
C ARG B 694 -2.28 46.40 18.38
N GLU B 695 -1.14 45.71 18.40
CA GLU B 695 -0.57 45.25 19.66
C GLU B 695 -0.17 46.44 20.54
N LEU B 696 0.35 47.50 19.93
CA LEU B 696 0.60 48.74 20.64
C LEU B 696 -0.67 49.29 21.32
N ARG B 697 -1.72 49.41 20.52
CA ARG B 697 -3.03 49.84 20.98
C ARG B 697 -3.44 49.04 22.22
N SER B 698 -3.20 47.72 22.17
CA SER B 698 -3.51 46.82 23.28
C SER B 698 -2.59 47.04 24.49
N ALA B 699 -1.37 47.49 24.22
CA ALA B 699 -0.37 47.67 25.27
C ALA B 699 -0.61 48.93 26.07
N LEU B 700 -0.92 49.99 25.35
CA LEU B 700 -1.12 51.34 25.90
C LEU B 700 -2.42 51.45 26.66
N LEU B 701 -3.44 50.75 26.19
CA LEU B 701 -4.77 50.98 26.69
C LEU B 701 -4.91 50.45 28.12
N GLU B 702 -4.11 49.45 28.47
CA GLU B 702 -4.16 49.02 29.86
C GLU B 702 -3.00 49.42 30.70
N PHE B 703 -2.09 50.17 30.13
CA PHE B 703 -1.24 50.91 31.00
C PHE B 703 -2.08 52.02 31.61
N ALA B 704 -2.75 52.78 30.74
CA ALA B 704 -3.55 53.91 31.19
C ALA B 704 -4.73 53.52 32.09
N CYS B 705 -5.25 52.31 31.91
CA CYS B 705 -6.41 51.88 32.70
C CYS B 705 -6.05 51.14 33.95
N THR B 706 -4.86 50.52 33.96
CA THR B 706 -4.40 49.88 35.18
C THR B 706 -4.30 50.93 36.27
N HIS B 707 -3.94 52.13 35.84
CA HIS B 707 -3.67 53.21 36.75
C HIS B 707 -4.69 54.35 36.70
N ASN B 708 -5.83 54.10 36.04
CA ASN B 708 -6.92 55.07 35.89
C ASN B 708 -6.41 56.45 35.55
N LEU B 709 -6.07 56.60 34.27
CA LEU B 709 -5.40 57.77 33.78
C LEU B 709 -6.05 58.38 32.54
N GLY B 710 -6.79 59.48 32.72
CA GLY B 710 -7.33 60.18 31.57
C GLY B 710 -8.65 59.60 31.06
N ASN B 711 -8.89 59.78 29.76
CA ASN B 711 -10.12 59.34 29.12
C ASN B 711 -10.36 57.83 29.37
N CYS B 712 -9.25 57.13 29.58
CA CYS B 712 -9.21 55.67 29.56
C CYS B 712 -10.24 54.85 30.35
N SER B 713 -10.26 54.96 31.68
CA SER B 713 -11.11 54.06 32.48
C SER B 713 -12.57 54.21 32.06
N THR B 714 -12.97 55.44 31.81
CA THR B 714 -14.34 55.73 31.38
C THR B 714 -14.67 55.09 30.05
N THR B 715 -13.92 55.42 28.99
CA THR B 715 -14.08 54.79 27.67
C THR B 715 -14.31 53.29 27.78
N ALA B 716 -13.47 52.66 28.59
CA ALA B 716 -13.47 51.22 28.80
C ALA B 716 -14.73 50.76 29.53
N MET B 717 -15.13 51.58 30.50
CA MET B 717 -16.22 51.23 31.39
C MET B 717 -17.52 51.47 30.65
N LYS B 718 -17.44 52.18 29.53
CA LYS B 718 -18.55 52.33 28.58
C LYS B 718 -18.75 51.07 27.81
N LEU B 719 -17.73 50.77 27.02
CA LEU B 719 -17.70 49.60 26.17
C LEU B 719 -18.11 48.36 26.94
N PHE B 720 -17.89 48.34 28.24
CA PHE B 720 -18.20 47.15 29.02
C PHE B 720 -19.67 46.96 29.33
N ASP B 721 -20.34 48.07 29.63
CA ASP B 721 -21.70 48.00 30.12
C ASP B 721 -22.65 47.60 29.00
N ASP B 722 -22.37 48.15 27.83
CA ASP B 722 -23.08 47.82 26.62
C ASP B 722 -22.96 46.31 26.32
N TRP B 723 -21.74 45.78 26.35
CA TRP B 723 -21.48 44.38 26.05
C TRP B 723 -22.30 43.45 26.95
N MET B 724 -22.48 43.82 28.21
CA MET B 724 -23.21 42.94 29.11
C MET B 724 -24.70 43.27 29.14
N ALA B 725 -25.05 44.51 28.84
CA ALA B 725 -26.41 44.81 28.43
C ALA B 725 -26.86 43.71 27.45
N SER B 726 -26.07 43.55 26.38
CA SER B 726 -26.44 42.69 25.28
C SER B 726 -26.17 41.22 25.56
N ASN B 727 -26.23 40.83 26.83
CA ASN B 727 -26.00 39.44 27.21
C ASN B 727 -24.91 38.76 26.43
N GLY B 728 -23.82 39.47 26.18
CA GLY B 728 -22.59 38.87 25.70
C GLY B 728 -22.54 38.76 24.20
N THR B 729 -23.63 39.17 23.59
CA THR B 729 -23.87 38.87 22.19
C THR B 729 -23.15 39.87 21.29
N GLN B 730 -23.18 41.16 21.66
CA GLN B 730 -22.49 42.20 20.90
C GLN B 730 -20.99 41.91 21.10
N SER B 731 -20.19 42.01 20.04
CA SER B 731 -18.77 41.62 20.13
C SER B 731 -17.80 42.80 20.29
N LEU B 732 -16.75 42.60 21.09
CA LEU B 732 -15.73 43.61 21.41
C LEU B 732 -14.53 43.60 20.47
N PRO B 733 -13.96 44.77 20.17
CA PRO B 733 -12.68 44.77 19.44
C PRO B 733 -11.68 43.92 20.19
N THR B 734 -11.08 42.94 19.52
CA THR B 734 -10.26 41.93 20.18
C THR B 734 -8.95 42.47 20.75
N ASP B 735 -8.46 43.60 20.23
CA ASP B 735 -7.25 44.22 20.78
C ASP B 735 -7.50 44.85 22.13
N VAL B 736 -8.71 45.38 22.26
CA VAL B 736 -9.11 45.98 23.48
C VAL B 736 -10.02 44.98 24.17
N MET B 737 -10.01 43.73 23.71
CA MET B 737 -10.89 42.68 24.26
C MET B 737 -10.33 42.18 25.57
N THR B 738 -9.23 42.82 26.00
CA THR B 738 -9.48 43.72 27.09
C THR B 738 -8.56 44.20 28.22
N THR B 739 -8.49 45.51 28.19
CA THR B 739 -8.75 46.45 29.29
C THR B 739 -10.11 46.32 30.02
N VAL B 740 -11.14 46.32 29.18
CA VAL B 740 -12.54 46.47 29.54
C VAL B 740 -13.03 45.43 30.55
N PHE B 741 -12.82 44.14 30.29
CA PHE B 741 -13.18 43.10 31.26
C PHE B 741 -12.51 43.46 32.58
N LYS B 742 -11.24 43.86 32.50
CA LYS B 742 -10.51 44.23 33.70
C LYS B 742 -11.24 45.34 34.44
N VAL B 743 -11.53 46.44 33.73
CA VAL B 743 -12.17 47.60 34.35
C VAL B 743 -13.59 47.24 34.80
N GLY B 744 -14.26 46.41 34.02
CA GLY B 744 -15.61 46.05 34.36
C GLY B 744 -15.70 45.04 35.48
N ALA B 745 -14.60 44.31 35.71
CA ALA B 745 -14.54 43.27 36.75
C ALA B 745 -14.31 43.88 38.13
N LYS B 746 -14.11 45.20 38.17
CA LYS B 746 -13.90 45.91 39.43
C LYS B 746 -15.20 46.43 40.02
N THR B 747 -16.31 45.91 39.53
CA THR B 747 -17.62 46.22 40.07
C THR B 747 -18.19 44.81 40.18
N ASP B 748 -18.72 44.43 41.33
CA ASP B 748 -18.98 43.00 41.55
C ASP B 748 -19.89 42.21 40.65
N LYS B 749 -20.84 42.83 40.00
CA LYS B 749 -21.58 41.94 39.19
C LYS B 749 -21.15 42.14 37.76
N GLY B 750 -20.35 43.17 37.55
CA GLY B 750 -19.51 43.19 36.36
C GLY B 750 -18.72 41.88 36.46
N TRP B 751 -18.05 41.70 37.59
CA TRP B 751 -17.35 40.47 37.95
C TRP B 751 -18.17 39.23 37.77
N SER B 752 -19.39 39.16 38.34
CA SER B 752 -20.22 37.94 38.24
C SER B 752 -20.82 37.67 36.86
N PHE B 753 -21.13 38.72 36.11
CA PHE B 753 -21.52 38.50 34.72
C PHE B 753 -20.42 37.68 34.08
N LEU B 754 -19.23 38.27 34.06
CA LEU B 754 -18.07 37.62 33.47
C LEU B 754 -17.85 36.20 33.99
N LEU B 755 -18.49 35.83 35.08
CA LEU B 755 -18.26 34.52 35.67
C LEU B 755 -19.13 33.50 34.95
N GLY B 756 -20.35 33.94 34.63
CA GLY B 756 -21.32 33.14 33.90
C GLY B 756 -20.88 33.05 32.46
N LYS B 757 -20.30 34.14 31.97
CA LYS B 757 -19.83 34.12 30.61
C LYS B 757 -18.63 33.21 30.49
N TYR B 758 -17.86 33.06 31.56
CA TYR B 758 -16.75 32.12 31.56
C TYR B 758 -17.26 30.71 31.48
N ILE B 759 -18.02 30.30 32.48
CA ILE B 759 -18.50 28.92 32.47
C ILE B 759 -19.51 28.62 31.35
N SER B 760 -19.70 29.56 30.41
CA SER B 760 -20.61 29.30 29.28
C SER B 760 -20.05 29.43 27.83
N ILE B 761 -19.41 30.55 27.44
CA ILE B 761 -18.99 30.74 26.03
C ILE B 761 -17.96 29.69 25.66
N GLY B 762 -17.88 29.32 24.38
CA GLY B 762 -16.98 28.30 23.92
C GLY B 762 -15.60 28.83 23.59
N SER B 763 -15.53 30.08 23.13
CA SER B 763 -14.27 30.57 22.58
C SER B 763 -13.18 30.57 23.63
N GLU B 764 -12.29 29.58 23.53
CA GLU B 764 -11.26 29.38 24.53
C GLU B 764 -10.20 30.47 24.52
N ALA B 765 -10.23 31.29 23.47
CA ALA B 765 -9.32 32.42 23.41
C ALA B 765 -9.72 33.48 24.43
N GLU B 766 -10.88 34.11 24.21
CA GLU B 766 -11.33 35.17 25.09
C GLU B 766 -11.73 34.59 26.44
N LYS B 767 -11.98 33.29 26.48
CA LYS B 767 -12.34 32.63 27.73
C LYS B 767 -11.18 32.67 28.71
N ASN B 768 -10.01 33.09 28.24
CA ASN B 768 -8.89 33.27 29.14
C ASN B 768 -8.53 34.68 29.48
N LYS B 769 -8.98 35.65 28.70
CA LYS B 769 -8.77 36.98 29.19
C LYS B 769 -10.01 37.37 30.05
N ILE B 770 -11.02 36.50 30.00
CA ILE B 770 -12.13 36.60 30.94
C ILE B 770 -11.58 36.22 32.28
N LEU B 771 -10.75 35.18 32.31
CA LEU B 771 -10.17 34.73 33.57
C LEU B 771 -9.25 35.78 34.16
N GLU B 772 -8.27 36.23 33.37
CA GLU B 772 -7.36 37.29 33.80
C GLU B 772 -8.11 38.39 34.56
N ALA B 773 -9.14 38.97 33.95
CA ALA B 773 -9.90 40.02 34.61
C ALA B 773 -10.37 39.52 35.95
N LEU B 774 -11.07 38.40 35.98
CA LEU B 774 -11.57 37.85 37.24
C LEU B 774 -10.53 37.84 38.36
N ALA B 775 -9.29 37.57 38.01
CA ALA B 775 -8.23 37.52 38.99
C ALA B 775 -7.58 38.89 39.12
N SER B 776 -8.12 39.88 38.42
CA SER B 776 -7.68 41.24 38.62
C SER B 776 -8.62 41.97 39.57
N SER B 777 -9.51 41.22 40.22
CA SER B 777 -10.32 41.79 41.29
C SER B 777 -9.42 42.29 42.40
N GLU B 778 -9.90 43.25 43.18
CA GLU B 778 -9.15 43.65 44.35
C GLU B 778 -9.90 43.15 45.57
N ASP B 779 -10.86 42.27 45.35
CA ASP B 779 -11.59 41.67 46.44
C ASP B 779 -10.85 40.41 46.77
N VAL B 780 -10.21 40.34 47.94
CA VAL B 780 -9.42 39.14 48.19
C VAL B 780 -10.31 37.92 48.23
N ARG B 781 -11.50 37.99 48.83
CA ARG B 781 -12.27 36.75 49.00
C ARG B 781 -12.55 36.09 47.66
N LYS B 782 -12.74 36.87 46.62
CA LYS B 782 -12.85 36.29 45.30
C LYS B 782 -11.54 35.78 44.76
N LEU B 783 -10.50 36.60 44.82
CA LEU B 783 -9.16 36.17 44.40
C LEU B 783 -8.79 34.85 45.05
N TYR B 784 -9.23 34.62 46.30
CA TYR B 784 -8.95 33.36 46.98
C TYR B 784 -9.82 32.27 46.44
N TRP B 785 -11.09 32.57 46.34
CA TRP B 785 -12.01 31.57 45.86
C TRP B 785 -11.56 31.12 44.48
N LEU B 786 -11.01 32.04 43.68
CA LEU B 786 -10.49 31.66 42.34
C LEU B 786 -9.40 30.57 42.42
N MET B 787 -8.43 30.77 43.30
CA MET B 787 -7.37 29.79 43.50
C MET B 787 -7.91 28.52 44.09
N LYS B 788 -8.74 28.60 45.12
CA LYS B 788 -9.21 27.36 45.72
C LYS B 788 -10.04 26.55 44.73
N SER B 789 -10.82 27.22 43.88
CA SER B 789 -11.68 26.44 43.02
C SER B 789 -10.85 25.79 41.95
N SER B 790 -9.95 26.56 41.38
CA SER B 790 -9.04 26.06 40.38
C SER B 790 -8.31 24.83 40.81
N LEU B 791 -7.83 24.84 42.05
CA LEU B 791 -7.12 23.69 42.59
C LEU B 791 -8.01 22.44 42.63
N ASN B 792 -9.31 22.61 42.96
CA ASN B 792 -10.23 21.47 43.00
C ASN B 792 -10.92 21.26 41.67
N GLY B 793 -10.64 22.10 40.69
CA GLY B 793 -11.32 21.94 39.43
C GLY B 793 -12.82 22.16 39.54
N ASP B 794 -13.27 23.19 40.28
CA ASP B 794 -14.71 23.49 40.37
C ASP B 794 -15.21 24.17 39.11
N ASN B 795 -14.69 25.34 38.80
CA ASN B 795 -15.13 25.94 37.57
C ASN B 795 -13.92 26.22 36.73
N PHE B 796 -12.76 26.00 37.34
CA PHE B 796 -11.52 26.21 36.66
C PHE B 796 -10.67 24.98 36.74
N ARG B 797 -10.28 24.46 35.59
CA ARG B 797 -9.41 23.33 35.58
C ARG B 797 -8.07 23.75 36.15
N THR B 798 -7.49 22.77 36.80
CA THR B 798 -6.30 22.94 37.55
C THR B 798 -5.13 23.34 36.69
N GLN B 799 -5.18 23.03 35.41
CA GLN B 799 -4.02 23.36 34.61
C GLN B 799 -3.75 24.89 34.60
N LYS B 800 -4.77 25.75 34.60
CA LYS B 800 -4.44 27.17 34.65
C LYS B 800 -4.32 27.79 36.04
N LEU B 801 -4.62 27.04 37.09
CA LEU B 801 -4.29 27.49 38.45
C LEU B 801 -2.90 28.15 38.54
N SER B 802 -1.91 27.55 37.89
CA SER B 802 -0.57 28.13 37.88
C SER B 802 -0.59 29.55 37.32
N PHE B 803 -1.55 29.79 36.43
CA PHE B 803 -1.73 31.07 35.77
C PHE B 803 -2.57 32.03 36.59
N ILE B 804 -3.38 31.50 37.49
CA ILE B 804 -4.17 32.33 38.39
C ILE B 804 -3.30 32.93 39.52
N ILE B 805 -2.59 32.05 40.24
CA ILE B 805 -1.69 32.44 41.30
C ILE B 805 -0.81 33.56 40.78
N ARG B 806 -0.35 33.44 39.54
CA ARG B 806 0.54 34.43 38.97
C ARG B 806 -0.11 35.76 38.93
N THR B 807 -1.40 35.75 38.61
CA THR B 807 -2.12 37.02 38.44
C THR B 807 -2.55 37.62 39.78
N VAL B 808 -3.17 36.79 40.62
CA VAL B 808 -3.57 37.17 41.97
C VAL B 808 -2.41 37.81 42.74
N GLY B 809 -1.26 37.15 42.69
CA GLY B 809 -0.06 37.63 43.34
C GLY B 809 0.52 38.88 42.73
N ARG B 810 0.14 39.20 41.49
CA ARG B 810 0.78 40.32 40.80
C ARG B 810 0.37 41.70 41.35
N HIS B 811 -0.86 41.83 41.84
CA HIS B 811 -1.34 43.10 42.37
CA HIS B 811 -1.30 43.11 42.36
C HIS B 811 -1.43 43.07 43.88
N PHE B 812 -1.17 44.21 44.49
CA PHE B 812 -1.14 44.39 45.94
C PHE B 812 -2.15 43.57 46.76
N PRO B 813 -3.46 43.62 46.45
CA PRO B 813 -4.45 42.91 47.27
C PRO B 813 -4.21 41.41 47.40
N GLY B 814 -3.78 40.80 46.31
CA GLY B 814 -3.64 39.35 46.28
C GLY B 814 -2.26 38.86 46.64
N HIS B 815 -1.31 39.78 46.66
CA HIS B 815 0.09 39.44 46.82
C HIS B 815 0.44 38.48 47.96
N LEU B 816 0.10 38.85 49.19
CA LEU B 816 0.49 38.01 50.32
C LEU B 816 -0.43 36.81 50.33
N LEU B 817 -1.60 36.99 49.74
CA LEU B 817 -2.61 35.94 49.65
C LEU B 817 -2.16 34.78 48.76
N ALA B 818 -1.54 35.16 47.66
CA ALA B 818 -1.04 34.25 46.68
C ALA B 818 -0.01 33.30 47.26
N TRP B 819 1.08 33.88 47.75
CA TRP B 819 2.14 33.10 48.36
C TRP B 819 1.58 32.31 49.55
N ASP B 820 0.57 32.83 50.25
CA ASP B 820 0.02 32.06 51.36
C ASP B 820 -0.67 30.81 50.85
N PHE B 821 -1.34 30.92 49.70
CA PHE B 821 -2.00 29.77 49.05
C PHE B 821 -0.97 28.69 48.66
N VAL B 822 0.11 29.13 48.02
CA VAL B 822 1.19 28.25 47.62
C VAL B 822 1.72 27.48 48.83
N LYS B 823 1.79 28.12 49.98
CA LYS B 823 2.35 27.44 51.14
C LYS B 823 1.32 26.58 51.84
N GLU B 824 0.07 27.02 51.88
CA GLU B 824 -0.93 26.30 52.65
C GLU B 824 -1.37 25.05 51.90
N ASN B 825 -1.13 25.02 50.60
CA ASN B 825 -1.53 23.83 49.86
C ASN B 825 -0.33 23.33 49.08
N TRP B 826 0.85 23.52 49.65
CA TRP B 826 2.10 23.09 49.00
C TRP B 826 2.13 21.60 48.74
N ASN B 827 1.52 20.82 49.62
CA ASN B 827 1.51 19.37 49.47
C ASN B 827 0.75 18.88 48.25
N LYS B 828 -0.40 19.50 48.01
CA LYS B 828 -1.25 19.09 46.92
C LYS B 828 -0.87 19.82 45.65
N LEU B 829 -0.03 20.85 45.75
CA LEU B 829 0.54 21.46 44.56
C LEU B 829 1.62 20.64 43.88
N VAL B 830 2.38 19.88 44.66
CA VAL B 830 3.40 19.04 44.05
C VAL B 830 2.85 17.68 43.74
N GLN B 831 1.84 17.27 44.50
CA GLN B 831 1.24 15.97 44.21
C GLN B 831 0.65 15.95 42.79
N LYS B 832 0.07 17.07 42.36
CA LYS B 832 -0.47 17.12 40.99
C LYS B 832 0.35 17.81 39.92
N PHE B 833 1.33 18.58 40.32
CA PHE B 833 2.39 18.89 39.40
C PHE B 833 3.66 18.41 40.08
N PRO B 834 4.10 17.20 39.75
CA PRO B 834 5.28 16.63 40.41
C PRO B 834 6.53 17.53 40.28
N LEU B 835 7.33 17.62 41.34
CA LEU B 835 8.49 18.55 41.42
C LEU B 835 9.36 18.56 40.17
N GLY B 836 9.68 19.76 39.72
CA GLY B 836 10.47 19.93 38.52
C GLY B 836 9.64 20.09 37.26
N SER B 837 8.37 19.70 37.29
CA SER B 837 7.47 20.08 36.21
C SER B 837 7.43 21.58 36.34
N TYR B 838 7.44 22.32 35.24
CA TYR B 838 7.50 23.75 35.44
C TYR B 838 6.11 24.41 35.58
N THR B 839 5.10 23.62 35.97
CA THR B 839 3.89 24.26 36.46
C THR B 839 4.23 24.83 37.80
N ILE B 840 5.06 24.10 38.54
CA ILE B 840 5.54 24.51 39.84
C ILE B 840 6.62 25.58 39.68
N GLN B 841 7.13 25.74 38.46
CA GLN B 841 7.98 26.89 38.13
C GLN B 841 7.31 28.20 38.50
N ASN B 842 6.21 28.54 37.82
CA ASN B 842 5.67 29.88 37.98
C ASN B 842 5.00 29.97 39.30
N ILE B 843 4.54 28.84 39.82
CA ILE B 843 3.87 28.88 41.10
C ILE B 843 4.85 29.39 42.15
N VAL B 844 6.06 28.88 42.16
CA VAL B 844 7.02 29.40 43.11
C VAL B 844 7.62 30.71 42.59
N ALA B 845 8.00 30.76 41.33
CA ALA B 845 8.52 32.00 40.75
C ALA B 845 7.59 33.18 40.96
N GLY B 846 6.37 33.05 40.44
CA GLY B 846 5.41 34.13 40.42
C GLY B 846 4.74 34.44 41.73
N SER B 847 4.95 33.61 42.76
CA SER B 847 4.49 33.96 44.12
C SER B 847 5.44 34.92 44.80
N THR B 848 6.74 34.64 44.61
CA THR B 848 7.80 35.27 45.39
C THR B 848 8.68 36.25 44.62
N TYR B 849 8.53 36.34 43.29
CA TYR B 849 9.54 37.07 42.54
C TYR B 849 9.43 38.56 42.76
N LEU B 850 8.35 38.99 43.41
CA LEU B 850 8.18 40.42 43.73
C LEU B 850 8.55 40.85 45.17
N PHE B 851 8.97 39.92 46.01
CA PHE B 851 9.41 40.23 47.37
C PHE B 851 10.67 41.08 47.35
N SER B 852 10.85 41.93 48.35
CA SER B 852 11.94 42.91 48.33
C SER B 852 12.41 43.32 49.72
N THR B 853 12.09 42.53 50.74
CA THR B 853 12.65 42.71 52.07
C THR B 853 13.20 41.35 52.43
N LYS B 854 14.30 41.29 53.18
CA LYS B 854 14.83 39.99 53.59
C LYS B 854 14.16 39.39 54.82
N THR B 855 13.28 40.16 55.41
CA THR B 855 12.38 39.58 56.37
C THR B 855 11.62 38.46 55.63
N HIS B 856 11.08 38.83 54.47
CA HIS B 856 10.49 37.86 53.54
C HIS B 856 11.46 36.78 53.17
N LEU B 857 12.64 37.17 52.69
CA LEU B 857 13.58 36.18 52.23
C LEU B 857 13.69 35.08 53.29
N SER B 858 13.84 35.44 54.57
CA SER B 858 13.85 34.44 55.65
C SER B 858 12.64 33.53 55.64
N GLU B 859 11.47 34.06 55.31
CA GLU B 859 10.24 33.27 55.36
C GLU B 859 10.27 32.19 54.35
N VAL B 860 10.70 32.57 53.15
CA VAL B 860 10.69 31.68 52.01
C VAL B 860 11.58 30.45 52.25
N GLN B 861 12.86 30.60 52.57
CA GLN B 861 13.64 29.37 52.71
C GLN B 861 13.26 28.62 53.96
N ALA B 862 12.90 29.37 55.00
CA ALA B 862 12.49 28.69 56.22
C ALA B 862 11.36 27.77 55.88
N PHE B 863 10.53 28.19 54.92
CA PHE B 863 9.40 27.37 54.57
C PHE B 863 9.88 26.19 53.77
N PHE B 864 10.83 26.45 52.88
CA PHE B 864 11.34 25.42 51.96
C PHE B 864 12.31 24.45 52.62
N GLU B 865 13.03 24.95 53.64
CA GLU B 865 13.93 24.12 54.42
C GLU B 865 13.11 23.20 55.31
N ASN B 866 11.96 23.72 55.73
CA ASN B 866 11.00 22.98 56.54
C ASN B 866 10.36 21.82 55.76
N GLN B 867 10.67 21.71 54.46
CA GLN B 867 10.15 20.63 53.64
C GLN B 867 11.10 19.42 53.54
N SER B 868 11.98 19.46 52.55
CA SER B 868 13.03 18.46 52.32
C SER B 868 14.24 19.35 52.02
N GLU B 869 15.46 18.84 52.20
CA GLU B 869 16.61 19.53 51.64
C GLU B 869 16.73 19.02 50.20
N ALA B 870 15.96 17.98 49.90
CA ALA B 870 15.78 17.52 48.53
C ALA B 870 14.91 18.55 47.85
N THR B 871 14.03 19.13 48.66
CA THR B 871 13.16 20.21 48.21
C THR B 871 13.85 21.58 48.25
N PHE B 872 14.57 21.87 49.34
CA PHE B 872 15.17 23.18 49.52
C PHE B 872 16.20 23.53 48.43
N ARG B 873 16.75 22.51 47.78
CA ARG B 873 17.77 22.81 46.79
C ARG B 873 17.53 22.27 45.38
N LEU B 874 16.27 22.18 44.94
CA LEU B 874 16.02 22.04 43.51
C LEU B 874 16.20 23.38 42.79
N ARG B 875 16.33 23.34 41.46
CA ARG B 875 16.63 24.54 40.68
C ARG B 875 15.50 25.56 40.87
N CYS B 876 14.29 25.04 41.09
CA CYS B 876 13.08 25.83 41.26
C CYS B 876 13.16 26.78 42.46
N VAL B 877 13.67 26.28 43.57
CA VAL B 877 13.71 27.05 44.80
C VAL B 877 14.82 28.10 44.93
N GLN B 878 16.08 27.78 44.60
CA GLN B 878 17.09 28.77 44.98
C GLN B 878 17.36 29.74 43.87
N GLU B 879 16.76 29.56 42.72
CA GLU B 879 16.80 30.66 41.76
C GLU B 879 15.77 31.67 42.20
N ALA B 880 14.69 31.16 42.79
CA ALA B 880 13.64 32.02 43.33
C ALA B 880 14.24 32.86 44.42
N LEU B 881 14.99 32.19 45.28
CA LEU B 881 15.67 32.84 46.40
C LEU B 881 16.65 33.87 45.88
N GLU B 882 17.31 33.57 44.77
CA GLU B 882 18.28 34.50 44.27
C GLU B 882 17.61 35.79 43.84
N VAL B 883 16.42 35.67 43.27
CA VAL B 883 15.76 36.80 42.60
C VAL B 883 15.38 37.82 43.68
N ILE B 884 14.93 37.29 44.81
CA ILE B 884 14.62 38.11 45.96
C ILE B 884 15.81 38.95 46.46
N GLN B 885 17.00 38.37 46.63
CA GLN B 885 18.07 39.26 47.05
C GLN B 885 18.36 40.28 46.01
N LEU B 886 18.19 39.95 44.74
CA LEU B 886 18.52 40.92 43.73
C LEU B 886 17.52 42.06 43.86
N ASN B 887 16.30 41.78 44.32
CA ASN B 887 15.32 42.82 44.62
C ASN B 887 15.66 43.68 45.88
N ILE B 888 16.01 42.99 46.95
CA ILE B 888 16.49 43.60 48.19
C ILE B 888 17.78 44.30 47.91
N GLN B 889 18.58 43.63 47.10
CA GLN B 889 19.77 44.25 46.61
C GLN B 889 19.00 45.34 45.78
N TRP B 890 18.47 45.11 44.58
CA TRP B 890 17.90 46.22 43.75
C TRP B 890 17.43 47.50 44.48
N MET B 891 16.79 47.42 45.66
CA MET B 891 16.38 48.65 46.41
C MET B 891 17.61 49.34 47.05
N GLU B 892 18.52 48.52 47.56
CA GLU B 892 19.95 48.87 47.63
C GLU B 892 20.42 50.28 47.60
N LYS B 893 20.39 50.69 46.33
CA LYS B 893 21.22 51.70 45.68
C LYS B 893 20.34 52.79 45.20
N ASN B 894 19.07 52.44 45.03
CA ASN B 894 18.18 53.35 44.33
C ASN B 894 16.87 53.71 45.00
N LEU B 895 16.45 52.99 46.04
CA LEU B 895 15.26 53.40 46.77
C LEU B 895 15.34 54.79 47.36
N LYS B 896 16.46 55.08 48.00
CA LYS B 896 16.54 56.28 48.83
C LYS B 896 16.81 57.51 47.99
N SER B 897 16.93 57.30 46.68
CA SER B 897 17.35 58.31 45.75
C SER B 897 16.24 58.61 44.75
N LEU B 898 15.26 57.73 44.73
CA LEU B 898 13.95 57.96 44.10
C LEU B 898 13.19 59.10 44.76
N THR B 899 13.37 59.17 46.07
CA THR B 899 12.87 60.18 46.98
C THR B 899 12.55 61.61 46.50
N TRP B 900 13.52 62.24 45.84
CA TRP B 900 13.41 63.66 45.48
C TRP B 900 13.10 64.03 44.03
N TRP B 901 13.04 63.05 43.15
CA TRP B 901 12.96 63.38 41.75
C TRP B 901 11.74 62.79 41.05
N LEU B 902 11.21 61.71 41.63
CA LEU B 902 9.93 61.12 41.25
C LEU B 902 8.78 62.11 41.47
#